data_1U5L
#
_entry.id   1U5L
#
_entity_poly.entity_id   1
_entity_poly.type   'polypeptide(L)'
_entity_poly.pdbx_seq_one_letter_code
;GSVVGGLGGYALGSAMSGMRMNFDRPEERQWWNENSNRYPNQVYYKEYNDRSVPEGRFVRDCVNITVTEYKIDPNENQNV
TQVEVRVMKQVIQEMCMQQYQQYQLASG
;
_entity_poly.pdbx_strand_id   A
#
# COMPACT_ATOMS: atom_id res chain seq x y z
N GLY A 1 -1.48 -10.54 18.51
CA GLY A 1 -2.70 -9.78 18.25
C GLY A 1 -3.72 -10.68 17.59
N SER A 2 -4.99 -10.60 18.02
CA SER A 2 -6.09 -11.39 17.48
C SER A 2 -6.15 -11.36 15.96
N VAL A 3 -6.22 -10.17 15.33
CA VAL A 3 -6.42 -9.98 13.89
C VAL A 3 -6.31 -8.48 13.56
N VAL A 4 -5.11 -7.89 13.67
CA VAL A 4 -4.86 -6.50 13.30
C VAL A 4 -3.53 -6.45 12.57
N GLY A 5 -3.55 -5.91 11.35
CA GLY A 5 -2.34 -5.66 10.58
C GLY A 5 -1.56 -4.49 11.18
N GLY A 6 -2.25 -3.42 11.59
CA GLY A 6 -1.66 -2.26 12.23
C GLY A 6 -2.63 -1.12 12.56
N LEU A 7 -3.94 -1.22 12.26
CA LEU A 7 -4.94 -0.16 12.40
C LEU A 7 -4.78 0.81 13.56
N GLY A 8 -5.48 0.53 14.64
CA GLY A 8 -5.35 1.16 15.95
C GLY A 8 -5.27 2.69 15.98
N GLY A 9 -5.80 3.40 14.98
CA GLY A 9 -5.67 4.85 14.82
C GLY A 9 -5.55 5.28 13.36
N TYR A 10 -5.22 4.34 12.46
CA TYR A 10 -5.44 4.46 11.02
C TYR A 10 -6.91 4.16 10.73
N ALA A 11 -7.47 4.92 9.81
CA ALA A 11 -8.65 4.58 9.06
C ALA A 11 -8.18 3.66 7.94
N LEU A 12 -8.55 2.38 7.91
CA LEU A 12 -8.15 1.52 6.81
C LEU A 12 -9.16 1.61 5.70
N GLY A 13 -8.71 1.25 4.50
CA GLY A 13 -9.59 1.16 3.35
C GLY A 13 -10.35 -0.15 3.36
N SER A 14 -11.29 -0.32 2.44
CA SER A 14 -11.76 -1.65 2.10
C SER A 14 -10.65 -2.37 1.35
N ALA A 15 -10.71 -3.69 1.46
CA ALA A 15 -9.96 -4.64 0.68
C ALA A 15 -10.55 -4.68 -0.72
N MET A 16 -9.91 -3.92 -1.59
CA MET A 16 -10.24 -3.53 -2.95
C MET A 16 -10.88 -4.69 -3.73
N SER A 17 -10.11 -5.68 -4.20
CA SER A 17 -10.45 -7.06 -4.61
C SER A 17 -9.58 -7.55 -5.77
N GLY A 18 -9.14 -8.81 -5.69
CA GLY A 18 -8.42 -9.55 -6.73
C GLY A 18 -7.32 -8.75 -7.39
N MET A 19 -6.43 -8.13 -6.60
CA MET A 19 -5.53 -7.08 -7.09
C MET A 19 -4.68 -7.54 -8.28
N ARG A 20 -4.36 -6.60 -9.16
CA ARG A 20 -3.58 -6.78 -10.38
C ARG A 20 -2.71 -5.56 -10.62
N MET A 21 -1.82 -5.64 -11.59
CA MET A 21 -0.92 -4.60 -12.03
C MET A 21 -0.27 -5.11 -13.33
N ASN A 22 0.35 -4.23 -14.11
CA ASN A 22 1.06 -4.58 -15.36
C ASN A 22 2.58 -4.50 -15.19
N PHE A 23 3.04 -3.55 -14.37
CA PHE A 23 4.42 -3.31 -13.93
C PHE A 23 5.35 -2.86 -15.06
N ASP A 24 6.35 -2.06 -14.67
CA ASP A 24 7.23 -1.35 -15.60
C ASP A 24 8.47 -2.18 -15.96
N ARG A 25 8.99 -3.00 -15.03
CA ARG A 25 9.96 -4.04 -15.28
C ARG A 25 9.28 -5.39 -15.10
N PRO A 26 9.89 -6.47 -15.60
CA PRO A 26 9.33 -7.81 -15.54
C PRO A 26 9.58 -8.50 -14.19
N GLU A 27 10.57 -8.04 -13.41
CA GLU A 27 11.02 -8.75 -12.23
C GLU A 27 9.87 -8.77 -11.23
N GLU A 28 9.31 -7.59 -10.95
CA GLU A 28 8.24 -7.39 -9.99
C GLU A 28 6.95 -8.05 -10.51
N ARG A 29 6.74 -8.12 -11.82
CA ARG A 29 5.61 -8.88 -12.37
C ARG A 29 5.78 -10.35 -12.06
N GLN A 30 6.99 -10.90 -12.23
CA GLN A 30 7.25 -12.29 -11.92
C GLN A 30 7.05 -12.56 -10.43
N TRP A 31 7.31 -11.57 -9.58
CA TRP A 31 7.15 -11.69 -8.15
C TRP A 31 5.68 -11.61 -7.75
N TRP A 32 4.93 -10.73 -8.40
CA TRP A 32 3.49 -10.66 -8.25
C TRP A 32 2.88 -12.00 -8.60
N ASN A 33 3.30 -12.61 -9.71
CA ASN A 33 2.79 -13.89 -10.15
C ASN A 33 3.30 -15.02 -9.26
N GLU A 34 4.50 -14.90 -8.67
CA GLU A 34 5.04 -15.76 -7.60
C GLU A 34 3.97 -15.90 -6.54
N ASN A 35 3.36 -14.76 -6.20
CA ASN A 35 2.36 -14.55 -5.19
C ASN A 35 3.03 -14.73 -3.83
N SER A 36 2.73 -15.83 -3.11
CA SER A 36 2.84 -16.18 -1.70
C SER A 36 2.67 -15.06 -0.66
N ASN A 37 3.29 -13.90 -0.83
CA ASN A 37 3.20 -12.73 0.03
C ASN A 37 3.00 -11.52 -0.88
N ARG A 38 2.04 -11.64 -1.80
CA ARG A 38 1.47 -10.54 -2.57
C ARG A 38 0.63 -9.59 -1.69
N TYR A 39 0.62 -9.80 -0.37
CA TYR A 39 -0.08 -9.02 0.63
C TYR A 39 -1.60 -9.04 0.42
N PRO A 40 -2.40 -8.50 1.36
CA PRO A 40 -3.84 -8.35 1.16
C PRO A 40 -4.13 -7.24 0.13
N ASN A 41 -5.40 -7.10 -0.24
CA ASN A 41 -5.88 -6.15 -1.24
C ASN A 41 -6.19 -4.79 -0.60
N GLN A 42 -5.48 -4.40 0.47
CA GLN A 42 -5.88 -3.31 1.35
C GLN A 42 -4.65 -2.45 1.70
N VAL A 43 -4.88 -1.28 2.27
CA VAL A 43 -3.92 -0.33 2.83
C VAL A 43 -4.56 0.31 4.07
N TYR A 44 -3.74 1.03 4.84
CA TYR A 44 -4.13 1.78 6.01
C TYR A 44 -3.86 3.26 5.70
N TYR A 45 -4.74 4.17 6.12
CA TYR A 45 -4.53 5.59 5.92
C TYR A 45 -4.74 6.36 7.23
N LYS A 46 -3.93 7.39 7.40
CA LYS A 46 -4.18 8.44 8.36
C LYS A 46 -5.23 9.34 7.74
N GLU A 47 -6.20 9.78 8.51
CA GLU A 47 -7.11 10.83 8.09
C GLU A 47 -6.38 12.15 8.38
N TYR A 48 -6.28 13.05 7.40
CA TYR A 48 -5.63 14.35 7.54
C TYR A 48 -6.62 15.38 8.10
N ASN A 49 -6.08 16.50 8.56
CA ASN A 49 -6.82 17.71 8.91
C ASN A 49 -6.99 18.63 7.70
N ASP A 50 -6.09 18.53 6.70
CA ASP A 50 -5.96 19.55 5.66
C ASP A 50 -7.16 19.53 4.69
N ARG A 51 -7.80 18.37 4.57
CA ARG A 51 -8.96 17.96 3.75
C ARG A 51 -9.01 18.41 2.28
N SER A 52 -8.01 19.13 1.78
CA SER A 52 -7.80 19.45 0.38
C SER A 52 -6.41 18.95 0.01
N VAL A 53 -6.28 17.70 -0.43
CA VAL A 53 -5.06 17.12 -0.96
C VAL A 53 -5.28 16.48 -2.34
N PRO A 54 -4.21 16.36 -3.15
CA PRO A 54 -4.16 15.61 -4.39
C PRO A 54 -3.66 14.17 -4.17
N GLU A 55 -3.62 13.40 -5.27
CA GLU A 55 -3.00 12.07 -5.40
C GLU A 55 -1.50 12.03 -5.07
N GLY A 56 -0.88 13.16 -4.68
CA GLY A 56 0.56 13.25 -4.46
C GLY A 56 0.78 13.23 -2.96
N ARG A 57 0.61 14.42 -2.36
CA ARG A 57 0.70 14.73 -0.93
C ARG A 57 0.26 13.54 -0.07
N PHE A 58 -0.99 13.13 -0.24
CA PHE A 58 -1.66 12.16 0.62
C PHE A 58 -1.08 10.77 0.39
N VAL A 59 -1.14 10.30 -0.86
CA VAL A 59 -0.73 8.95 -1.25
C VAL A 59 0.71 8.71 -0.80
N ARG A 60 1.60 9.69 -0.94
CA ARG A 60 3.02 9.51 -0.59
C ARG A 60 3.22 9.16 0.88
N ASP A 61 2.35 9.64 1.75
CA ASP A 61 2.38 9.32 3.18
C ASP A 61 1.63 8.00 3.39
N CYS A 62 0.46 7.83 2.75
CA CYS A 62 -0.39 6.66 2.87
C CYS A 62 0.36 5.38 2.46
N VAL A 63 1.27 5.47 1.48
CA VAL A 63 2.08 4.33 1.10
C VAL A 63 3.07 4.03 2.21
N ASN A 64 3.78 5.06 2.70
CA ASN A 64 4.71 5.00 3.82
C ASN A 64 4.03 4.36 5.03
N ILE A 65 2.79 4.72 5.34
CA ILE A 65 1.98 4.09 6.39
C ILE A 65 1.95 2.57 6.15
N THR A 66 1.49 2.14 4.98
CA THR A 66 1.20 0.72 4.78
C THR A 66 2.51 -0.08 4.74
N VAL A 67 3.60 0.44 4.14
CA VAL A 67 4.90 -0.24 4.15
C VAL A 67 5.53 -0.28 5.54
N THR A 68 5.20 0.68 6.41
CA THR A 68 5.57 0.63 7.83
C THR A 68 4.89 -0.59 8.47
N GLU A 69 3.55 -0.68 8.41
CA GLU A 69 2.81 -1.72 9.10
C GLU A 69 3.03 -3.10 8.45
N TYR A 70 3.38 -3.14 7.17
CA TYR A 70 3.80 -4.34 6.45
C TYR A 70 5.28 -4.68 6.69
N LYS A 71 6.04 -3.81 7.36
CA LYS A 71 7.46 -3.96 7.69
C LYS A 71 8.27 -4.31 6.43
N ILE A 72 8.38 -3.37 5.48
CA ILE A 72 9.07 -3.57 4.21
C ILE A 72 10.15 -2.49 4.05
N ASP A 73 11.39 -2.76 4.45
CA ASP A 73 12.51 -1.90 4.11
C ASP A 73 13.78 -2.73 3.91
N PRO A 74 14.45 -2.68 2.74
CA PRO A 74 15.70 -3.40 2.54
C PRO A 74 16.83 -2.86 3.43
N ASN A 75 16.64 -1.68 4.05
CA ASN A 75 17.59 -1.03 4.94
C ASN A 75 17.15 -1.10 6.39
N GLU A 76 16.28 -2.06 6.71
CA GLU A 76 15.89 -2.40 8.06
C GLU A 76 15.82 -3.92 8.16
N ASN A 77 15.00 -4.53 7.30
CA ASN A 77 14.73 -5.96 7.33
C ASN A 77 15.99 -6.73 6.94
N GLN A 78 16.69 -6.23 5.91
CA GLN A 78 17.83 -6.84 5.23
C GLN A 78 17.46 -8.10 4.43
N ASN A 79 16.21 -8.57 4.49
CA ASN A 79 15.72 -9.80 3.88
C ASN A 79 14.77 -9.51 2.73
N VAL A 80 14.73 -8.26 2.25
CA VAL A 80 13.90 -7.81 1.14
C VAL A 80 14.82 -7.32 0.04
N THR A 81 14.33 -7.36 -1.20
CA THR A 81 15.07 -7.09 -2.42
C THR A 81 14.30 -6.05 -3.23
N GLN A 82 14.98 -5.24 -4.04
CA GLN A 82 14.37 -4.14 -4.78
C GLN A 82 13.41 -4.63 -5.90
N VAL A 83 13.22 -5.94 -6.10
CA VAL A 83 12.03 -6.41 -6.81
C VAL A 83 10.79 -6.22 -5.91
N GLU A 84 10.75 -6.82 -4.70
CA GLU A 84 9.53 -6.76 -3.88
C GLU A 84 9.22 -5.33 -3.41
N VAL A 85 10.23 -4.48 -3.22
CA VAL A 85 9.99 -3.07 -2.86
C VAL A 85 9.14 -2.41 -3.94
N ARG A 86 9.46 -2.71 -5.21
CA ARG A 86 8.86 -2.10 -6.38
C ARG A 86 7.41 -2.56 -6.52
N VAL A 87 7.14 -3.83 -6.28
CA VAL A 87 5.78 -4.37 -6.20
C VAL A 87 5.04 -3.56 -5.15
N MET A 88 5.47 -3.67 -3.89
CA MET A 88 4.75 -3.13 -2.75
C MET A 88 4.78 -1.61 -2.71
N LYS A 89 5.42 -0.95 -3.67
CA LYS A 89 5.23 0.46 -3.93
C LYS A 89 4.17 0.64 -4.97
N GLN A 90 4.42 0.21 -6.22
CA GLN A 90 3.51 0.44 -7.34
C GLN A 90 2.07 0.10 -6.97
N VAL A 91 1.89 -1.07 -6.38
CA VAL A 91 0.62 -1.63 -5.94
C VAL A 91 0.03 -0.83 -4.76
N ILE A 92 0.83 -0.42 -3.78
CA ILE A 92 0.30 0.27 -2.62
C ILE A 92 -0.06 1.67 -3.09
N GLN A 93 0.74 2.38 -3.90
CA GLN A 93 0.31 3.65 -4.46
C GLN A 93 -1.02 3.45 -5.19
N GLU A 94 -1.20 2.44 -6.04
CA GLU A 94 -2.48 2.26 -6.73
C GLU A 94 -3.61 2.00 -5.74
N MET A 95 -3.45 1.04 -4.82
CA MET A 95 -4.48 0.79 -3.81
C MET A 95 -4.67 1.96 -2.82
N CYS A 96 -3.71 2.88 -2.72
CA CYS A 96 -3.75 4.08 -1.90
C CYS A 96 -4.36 5.23 -2.69
N MET A 97 -4.24 5.23 -4.02
CA MET A 97 -4.79 6.24 -4.90
C MET A 97 -6.29 6.03 -5.01
N GLN A 98 -6.77 4.79 -5.05
CA GLN A 98 -8.20 4.56 -4.99
C GLN A 98 -8.74 5.05 -3.64
N GLN A 99 -8.14 4.59 -2.53
CA GLN A 99 -8.63 4.94 -1.20
C GLN A 99 -8.41 6.42 -0.86
N TYR A 100 -7.43 7.10 -1.46
CA TYR A 100 -7.24 8.55 -1.33
C TYR A 100 -8.53 9.28 -1.72
N GLN A 101 -9.20 8.84 -2.77
CA GLN A 101 -10.45 9.44 -3.19
C GLN A 101 -11.49 9.31 -2.07
N GLN A 102 -11.51 8.21 -1.32
CA GLN A 102 -12.42 8.01 -0.21
C GLN A 102 -12.17 9.03 0.89
N TYR A 103 -10.94 9.53 1.06
CA TYR A 103 -10.68 10.56 2.05
C TYR A 103 -11.49 11.83 1.73
N GLN A 104 -11.67 12.14 0.45
CA GLN A 104 -12.49 13.26 0.00
C GLN A 104 -13.99 12.97 0.13
N LEU A 105 -14.38 11.71 0.31
CA LEU A 105 -15.77 11.28 0.33
C LEU A 105 -16.27 11.07 1.75
N ALA A 106 -15.42 10.49 2.60
CA ALA A 106 -15.58 10.42 4.04
C ALA A 106 -15.44 11.82 4.65
N SER A 107 -14.46 12.59 4.14
CA SER A 107 -14.21 14.00 4.41
C SER A 107 -14.05 14.29 5.89
N GLY A 1 -13.75 -15.37 7.91
CA GLY A 1 -12.37 -15.05 7.53
C GLY A 1 -11.54 -14.60 8.73
N SER A 2 -10.25 -14.37 8.50
CA SER A 2 -9.35 -13.69 9.43
C SER A 2 -8.15 -13.19 8.61
N VAL A 3 -8.02 -11.87 8.41
CA VAL A 3 -7.08 -11.27 7.47
C VAL A 3 -6.40 -10.09 8.17
N VAL A 4 -5.23 -10.31 8.78
CA VAL A 4 -4.50 -9.32 9.57
C VAL A 4 -3.16 -9.05 8.88
N GLY A 5 -2.71 -7.80 8.89
CA GLY A 5 -1.51 -7.34 8.21
C GLY A 5 -0.81 -6.26 9.02
N GLY A 6 -1.50 -5.13 9.26
CA GLY A 6 -1.09 -4.08 10.19
C GLY A 6 -2.25 -3.82 11.15
N LEU A 7 -3.21 -2.99 10.74
CA LEU A 7 -4.39 -2.58 11.46
C LEU A 7 -4.01 -2.02 12.84
N GLY A 8 -3.05 -1.11 12.83
CA GLY A 8 -2.31 -0.63 13.99
C GLY A 8 -2.53 0.86 14.18
N GLY A 9 -3.78 1.25 14.43
CA GLY A 9 -4.12 2.61 14.85
C GLY A 9 -4.31 3.54 13.65
N TYR A 10 -4.94 3.03 12.60
CA TYR A 10 -5.19 3.65 11.31
C TYR A 10 -6.68 3.47 11.02
N ALA A 11 -7.20 4.25 10.08
CA ALA A 11 -8.44 3.96 9.42
C ALA A 11 -8.09 3.00 8.28
N LEU A 12 -8.67 1.81 8.24
CA LEU A 12 -8.43 0.85 7.17
C LEU A 12 -9.68 0.79 6.32
N GLY A 13 -9.50 0.97 5.02
CA GLY A 13 -10.65 1.13 4.14
C GLY A 13 -10.22 1.12 2.69
N SER A 14 -10.46 0.03 1.98
CA SER A 14 -10.39 -0.03 0.51
C SER A 14 -10.85 -1.37 -0.03
N ALA A 15 -9.99 -2.38 0.17
CA ALA A 15 -10.19 -3.77 -0.18
C ALA A 15 -10.39 -4.00 -1.69
N MET A 16 -9.30 -3.89 -2.47
CA MET A 16 -9.23 -4.10 -3.92
C MET A 16 -9.60 -5.53 -4.36
N SER A 17 -9.63 -6.48 -3.43
CA SER A 17 -9.89 -7.91 -3.63
C SER A 17 -8.94 -8.59 -4.63
N GLY A 18 -7.94 -9.33 -4.14
CA GLY A 18 -6.95 -10.00 -5.00
C GLY A 18 -5.87 -9.02 -5.44
N MET A 19 -6.27 -7.91 -6.05
CA MET A 19 -5.46 -6.87 -6.67
C MET A 19 -4.63 -7.40 -7.85
N ARG A 20 -4.36 -6.51 -8.80
CA ARG A 20 -3.58 -6.80 -9.99
C ARG A 20 -2.83 -5.55 -10.41
N MET A 21 -1.70 -5.75 -11.07
CA MET A 21 -0.84 -4.68 -11.56
C MET A 21 -0.02 -5.22 -12.74
N ASN A 22 0.48 -4.33 -13.59
CA ASN A 22 1.35 -4.65 -14.74
C ASN A 22 2.77 -4.18 -14.52
N PHE A 23 3.01 -3.13 -13.73
CA PHE A 23 4.30 -2.54 -13.43
C PHE A 23 5.03 -2.06 -14.68
N ASP A 24 6.21 -1.50 -14.45
CA ASP A 24 7.04 -0.91 -15.48
C ASP A 24 7.85 -1.96 -16.23
N ARG A 25 8.42 -2.96 -15.55
CA ARG A 25 9.21 -4.02 -16.18
C ARG A 25 8.73 -5.38 -15.63
N PRO A 26 8.99 -6.49 -16.32
CA PRO A 26 8.29 -7.73 -16.00
C PRO A 26 8.79 -8.48 -14.76
N GLU A 27 10.01 -8.26 -14.26
CA GLU A 27 10.56 -9.11 -13.20
C GLU A 27 9.70 -8.94 -11.95
N GLU A 28 9.44 -7.69 -11.59
CA GLU A 28 8.61 -7.34 -10.44
C GLU A 28 7.18 -7.86 -10.64
N ARG A 29 6.66 -7.88 -11.87
CA ARG A 29 5.32 -8.39 -12.18
C ARG A 29 5.27 -9.93 -12.11
N GLN A 30 6.41 -10.61 -12.23
CA GLN A 30 6.51 -12.04 -12.02
C GLN A 30 6.53 -12.31 -10.51
N TRP A 31 7.31 -11.55 -9.75
CA TRP A 31 7.45 -11.69 -8.31
C TRP A 31 6.12 -11.42 -7.62
N TRP A 32 5.40 -10.41 -8.11
CA TRP A 32 4.03 -10.11 -7.70
C TRP A 32 3.18 -11.37 -7.80
N ASN A 33 3.18 -12.05 -8.95
CA ASN A 33 2.39 -13.26 -9.13
C ASN A 33 2.84 -14.37 -8.16
N GLU A 34 4.13 -14.38 -7.83
CA GLU A 34 4.79 -15.34 -6.96
C GLU A 34 4.26 -15.20 -5.52
N ASN A 35 4.41 -14.03 -4.90
CA ASN A 35 4.16 -13.85 -3.46
C ASN A 35 2.93 -13.03 -3.12
N SER A 36 2.13 -12.49 -4.05
CA SER A 36 0.99 -11.64 -3.69
C SER A 36 0.08 -12.24 -2.61
N ASN A 37 0.05 -13.56 -2.42
CA ASN A 37 -0.87 -14.19 -1.48
C ASN A 37 -0.49 -13.83 -0.04
N ARG A 38 0.78 -13.47 0.21
CA ARG A 38 1.29 -13.17 1.55
C ARG A 38 0.96 -11.75 2.03
N TYR A 39 0.30 -10.90 1.24
CA TYR A 39 -0.06 -9.54 1.66
C TYR A 39 -1.51 -9.25 1.27
N PRO A 40 -2.23 -8.42 2.05
CA PRO A 40 -3.63 -8.09 1.81
C PRO A 40 -3.80 -7.03 0.72
N ASN A 41 -4.96 -7.10 0.06
CA ASN A 41 -5.43 -6.17 -0.97
C ASN A 41 -6.01 -4.87 -0.41
N GLN A 42 -5.43 -4.31 0.63
CA GLN A 42 -5.94 -3.12 1.30
C GLN A 42 -4.78 -2.19 1.61
N VAL A 43 -5.09 -0.94 1.92
CA VAL A 43 -4.18 0.07 2.39
C VAL A 43 -4.89 0.76 3.54
N TYR A 44 -4.15 0.89 4.64
CA TYR A 44 -4.43 1.69 5.81
C TYR A 44 -4.07 3.13 5.51
N TYR A 45 -4.78 4.07 6.11
CA TYR A 45 -4.52 5.48 5.95
C TYR A 45 -4.54 6.17 7.31
N LYS A 46 -3.60 7.10 7.43
CA LYS A 46 -3.49 8.05 8.50
C LYS A 46 -4.45 9.18 8.17
N GLU A 47 -5.28 9.56 9.14
CA GLU A 47 -6.14 10.72 9.00
C GLU A 47 -5.26 11.99 9.08
N TYR A 48 -5.32 12.84 8.06
CA TYR A 48 -4.66 14.15 8.05
C TYR A 48 -5.72 15.20 8.31
N ASN A 49 -5.33 16.24 9.05
CA ASN A 49 -6.21 17.30 9.50
C ASN A 49 -6.24 18.48 8.50
N ASP A 50 -5.57 18.34 7.35
CA ASP A 50 -5.59 19.32 6.26
C ASP A 50 -7.01 19.38 5.66
N ARG A 51 -7.55 18.19 5.36
CA ARG A 51 -8.69 17.93 4.49
C ARG A 51 -8.69 18.72 3.17
N SER A 52 -7.50 19.12 2.72
CA SER A 52 -7.24 19.72 1.42
C SER A 52 -5.85 19.28 0.96
N VAL A 53 -5.71 18.01 0.55
CA VAL A 53 -4.58 17.45 -0.16
C VAL A 53 -5.11 17.03 -1.54
N PRO A 54 -4.32 17.10 -2.63
CA PRO A 54 -4.74 16.58 -3.92
C PRO A 54 -4.47 15.08 -3.96
N GLU A 55 -4.82 14.49 -5.10
CA GLU A 55 -4.53 13.13 -5.55
C GLU A 55 -3.10 12.68 -5.23
N GLY A 56 -2.15 13.61 -5.20
CA GLY A 56 -0.73 13.29 -5.24
C GLY A 56 -0.15 13.19 -3.84
N ARG A 57 -0.19 14.30 -3.09
CA ARG A 57 0.42 14.45 -1.77
C ARG A 57 -0.11 13.40 -0.80
N PHE A 58 -1.42 13.09 -0.87
CA PHE A 58 -2.01 12.10 0.01
C PHE A 58 -1.32 10.75 -0.20
N VAL A 59 -1.34 10.28 -1.45
CA VAL A 59 -0.73 9.01 -1.82
C VAL A 59 0.74 9.04 -1.42
N ARG A 60 1.45 10.15 -1.65
CA ARG A 60 2.88 10.31 -1.34
C ARG A 60 3.22 9.94 0.12
N ASP A 61 2.31 10.14 1.07
CA ASP A 61 2.54 9.79 2.48
C ASP A 61 1.84 8.51 2.89
N CYS A 62 0.66 8.24 2.33
CA CYS A 62 -0.12 7.06 2.66
C CYS A 62 0.57 5.80 2.14
N VAL A 63 1.40 5.93 1.09
CA VAL A 63 2.25 4.83 0.67
C VAL A 63 3.23 4.47 1.78
N ASN A 64 3.78 5.50 2.44
CA ASN A 64 4.72 5.42 3.56
C ASN A 64 4.05 4.86 4.80
N ILE A 65 2.74 5.08 4.98
CA ILE A 65 1.95 4.42 6.02
C ILE A 65 1.97 2.93 5.77
N THR A 66 1.48 2.50 4.61
CA THR A 66 1.18 1.10 4.39
C THR A 66 2.46 0.24 4.40
N VAL A 67 3.60 0.76 3.93
CA VAL A 67 4.89 0.06 4.02
C VAL A 67 5.43 -0.01 5.44
N THR A 68 5.02 0.90 6.31
CA THR A 68 5.40 0.86 7.73
C THR A 68 4.56 -0.22 8.44
N GLU A 69 3.26 -0.28 8.15
CA GLU A 69 2.36 -1.28 8.74
C GLU A 69 2.80 -2.69 8.36
N TYR A 70 3.40 -2.85 7.18
CA TYR A 70 3.90 -4.12 6.65
C TYR A 70 5.41 -4.32 6.82
N LYS A 71 6.09 -3.37 7.47
CA LYS A 71 7.54 -3.23 7.60
C LYS A 71 8.29 -3.66 6.34
N ILE A 72 8.23 -2.82 5.31
CA ILE A 72 8.80 -3.07 3.99
C ILE A 72 9.91 -2.03 3.79
N ASP A 73 11.13 -2.38 4.20
CA ASP A 73 12.35 -1.77 3.71
C ASP A 73 13.45 -2.81 3.93
N PRO A 74 14.43 -3.04 3.04
CA PRO A 74 15.47 -4.01 3.34
C PRO A 74 16.26 -3.63 4.59
N ASN A 75 16.42 -2.32 4.82
CA ASN A 75 17.17 -1.73 5.90
C ASN A 75 16.48 -1.90 7.26
N GLU A 76 15.16 -1.95 7.23
CA GLU A 76 14.32 -2.17 8.39
C GLU A 76 14.28 -3.67 8.65
N ASN A 77 13.91 -4.43 7.61
CA ASN A 77 13.42 -5.79 7.74
C ASN A 77 14.54 -6.79 7.95
N GLN A 78 15.61 -6.74 7.13
CA GLN A 78 16.77 -7.64 7.13
C GLN A 78 17.59 -7.45 5.86
N ASN A 79 17.01 -7.73 4.69
CA ASN A 79 17.59 -7.65 3.34
C ASN A 79 16.54 -8.26 2.42
N VAL A 80 15.46 -7.53 2.24
CA VAL A 80 14.44 -7.91 1.29
C VAL A 80 14.99 -7.71 -0.12
N THR A 81 14.27 -8.18 -1.12
CA THR A 81 14.71 -8.09 -2.50
C THR A 81 14.04 -6.88 -3.16
N GLN A 82 14.70 -6.21 -4.12
CA GLN A 82 14.10 -5.02 -4.72
C GLN A 82 12.88 -5.35 -5.58
N VAL A 83 12.65 -6.59 -6.03
CA VAL A 83 11.35 -6.87 -6.65
C VAL A 83 10.25 -6.62 -5.58
N GLU A 84 10.46 -7.10 -4.36
CA GLU A 84 9.57 -6.96 -3.22
C GLU A 84 9.41 -5.48 -2.82
N VAL A 85 10.51 -4.68 -2.82
CA VAL A 85 10.44 -3.26 -2.50
C VAL A 85 9.67 -2.45 -3.54
N ARG A 86 9.83 -2.84 -4.81
CA ARG A 86 9.32 -2.07 -5.93
C ARG A 86 7.83 -2.38 -6.10
N VAL A 87 7.45 -3.67 -6.12
CA VAL A 87 6.07 -4.13 -6.13
C VAL A 87 5.31 -3.41 -5.02
N MET A 88 5.67 -3.61 -3.75
CA MET A 88 4.91 -3.01 -2.66
C MET A 88 5.04 -1.47 -2.60
N LYS A 89 5.76 -0.84 -3.52
CA LYS A 89 5.60 0.58 -3.76
C LYS A 89 4.60 0.87 -4.86
N GLN A 90 4.87 0.51 -6.11
CA GLN A 90 3.96 0.82 -7.21
C GLN A 90 2.57 0.28 -6.95
N VAL A 91 2.47 -0.96 -6.46
CA VAL A 91 1.17 -1.51 -6.12
C VAL A 91 0.48 -0.59 -5.13
N ILE A 92 1.12 -0.26 -3.99
CA ILE A 92 0.54 0.53 -2.92
C ILE A 92 0.18 1.90 -3.48
N GLN A 93 0.95 2.46 -4.42
CA GLN A 93 0.60 3.71 -5.08
C GLN A 93 -0.77 3.58 -5.74
N GLU A 94 -0.98 2.61 -6.63
CA GLU A 94 -2.24 2.39 -7.33
C GLU A 94 -3.37 2.02 -6.36
N MET A 95 -3.13 1.09 -5.42
CA MET A 95 -4.14 0.67 -4.46
C MET A 95 -4.36 1.75 -3.39
N CYS A 96 -3.58 2.84 -3.39
CA CYS A 96 -3.79 4.04 -2.59
C CYS A 96 -4.49 5.11 -3.42
N MET A 97 -4.21 5.23 -4.72
CA MET A 97 -4.86 6.21 -5.57
C MET A 97 -6.35 5.92 -5.69
N GLN A 98 -6.73 4.64 -5.74
CA GLN A 98 -8.15 4.33 -5.63
C GLN A 98 -8.64 4.65 -4.21
N GLN A 99 -7.91 4.24 -3.17
CA GLN A 99 -8.34 4.44 -1.80
C GLN A 99 -8.55 5.92 -1.48
N TYR A 100 -7.71 6.81 -2.02
CA TYR A 100 -7.77 8.25 -1.89
C TYR A 100 -9.17 8.80 -2.22
N GLN A 101 -9.92 8.16 -3.12
CA GLN A 101 -11.29 8.58 -3.38
C GLN A 101 -12.14 8.48 -2.10
N GLN A 102 -11.93 7.48 -1.24
CA GLN A 102 -12.58 7.39 0.07
C GLN A 102 -12.19 8.57 0.95
N TYR A 103 -10.97 9.11 0.85
CA TYR A 103 -10.62 10.31 1.59
C TYR A 103 -11.60 11.42 1.20
N GLN A 104 -11.78 11.61 -0.10
CA GLN A 104 -12.55 12.71 -0.65
C GLN A 104 -14.05 12.50 -0.40
N LEU A 105 -14.54 11.26 -0.51
CA LEU A 105 -15.92 10.89 -0.22
C LEU A 105 -16.22 11.17 1.25
N ALA A 106 -15.35 10.67 2.12
CA ALA A 106 -15.45 10.85 3.57
C ALA A 106 -15.11 12.27 4.02
N SER A 107 -14.57 13.13 3.15
CA SER A 107 -14.27 14.51 3.46
C SER A 107 -15.59 15.19 3.69
N GLY A 1 -6.13 -15.60 7.75
CA GLY A 1 -6.16 -14.32 7.04
C GLY A 1 -4.91 -13.53 7.36
N SER A 2 -5.03 -12.54 8.25
CA SER A 2 -3.91 -11.79 8.82
C SER A 2 -4.24 -11.47 10.27
N VAL A 3 -3.25 -11.33 11.14
CA VAL A 3 -3.44 -11.01 12.55
C VAL A 3 -2.24 -10.15 12.99
N VAL A 4 -2.49 -9.06 13.73
CA VAL A 4 -1.51 -8.07 14.22
C VAL A 4 -0.59 -7.57 13.11
N GLY A 5 -0.86 -6.34 12.71
CA GLY A 5 -0.13 -5.70 11.63
C GLY A 5 -0.65 -4.30 11.40
N GLY A 6 -0.01 -3.33 12.04
CA GLY A 6 -0.37 -1.91 11.96
C GLY A 6 -1.64 -1.65 12.74
N LEU A 7 -2.43 -0.66 12.30
CA LEU A 7 -3.81 -0.37 12.71
C LEU A 7 -3.89 0.30 14.06
N GLY A 8 -4.45 1.51 14.04
CA GLY A 8 -4.76 2.29 15.22
C GLY A 8 -5.07 3.72 14.81
N GLY A 9 -4.04 4.55 14.73
CA GLY A 9 -4.19 5.99 14.49
C GLY A 9 -4.25 6.30 13.00
N TYR A 10 -4.92 5.44 12.23
CA TYR A 10 -5.15 5.51 10.79
C TYR A 10 -6.50 4.86 10.57
N ALA A 11 -7.30 5.37 9.64
CA ALA A 11 -8.37 4.58 9.06
C ALA A 11 -7.69 3.71 8.01
N LEU A 12 -7.83 2.39 8.08
CA LEU A 12 -7.57 1.55 6.92
C LEU A 12 -8.86 1.48 6.09
N GLY A 13 -8.82 0.89 4.90
CA GLY A 13 -10.02 0.86 4.08
C GLY A 13 -9.87 0.10 2.78
N SER A 14 -10.91 0.14 1.95
CA SER A 14 -11.04 -0.44 0.63
C SER A 14 -10.92 -1.97 0.62
N ALA A 15 -9.73 -2.52 0.92
CA ALA A 15 -9.39 -3.95 0.91
C ALA A 15 -9.78 -4.63 -0.41
N MET A 16 -8.88 -4.51 -1.38
CA MET A 16 -9.18 -4.62 -2.80
C MET A 16 -9.61 -6.03 -3.22
N SER A 17 -8.90 -7.05 -2.74
CA SER A 17 -9.19 -8.49 -2.91
C SER A 17 -9.37 -8.98 -4.36
N GLY A 18 -9.05 -8.17 -5.37
CA GLY A 18 -9.05 -8.55 -6.78
C GLY A 18 -8.14 -7.69 -7.65
N MET A 19 -7.38 -6.75 -7.06
CA MET A 19 -6.62 -5.78 -7.83
C MET A 19 -5.43 -6.46 -8.51
N ARG A 20 -4.95 -5.83 -9.58
CA ARG A 20 -3.78 -6.26 -10.35
C ARG A 20 -2.90 -5.05 -10.59
N MET A 21 -1.69 -5.29 -11.08
CA MET A 21 -0.77 -4.27 -11.51
C MET A 21 -0.25 -4.65 -12.88
N ASN A 22 0.38 -3.69 -13.54
CA ASN A 22 0.93 -3.87 -14.87
C ASN A 22 2.45 -3.70 -14.88
N PHE A 23 2.99 -2.93 -13.94
CA PHE A 23 4.41 -2.65 -13.74
C PHE A 23 5.14 -2.22 -15.03
N ASP A 24 6.46 -2.11 -14.96
CA ASP A 24 7.33 -1.93 -16.12
C ASP A 24 8.14 -3.20 -16.33
N ARG A 25 8.94 -3.60 -15.36
CA ARG A 25 9.87 -4.71 -15.52
C ARG A 25 9.04 -5.99 -15.45
N PRO A 26 9.32 -7.00 -16.29
CA PRO A 26 8.60 -8.24 -16.15
C PRO A 26 8.93 -8.99 -14.86
N GLU A 27 10.08 -8.75 -14.23
CA GLU A 27 10.52 -9.44 -13.03
C GLU A 27 9.54 -9.21 -11.88
N GLU A 28 9.38 -7.93 -11.48
CA GLU A 28 8.46 -7.49 -10.44
C GLU A 28 7.03 -7.98 -10.76
N ARG A 29 6.64 -7.93 -12.04
CA ARG A 29 5.35 -8.38 -12.51
C ARG A 29 5.17 -9.88 -12.24
N GLN A 30 6.21 -10.67 -12.45
CA GLN A 30 6.16 -12.11 -12.22
C GLN A 30 6.02 -12.36 -10.71
N TRP A 31 6.77 -11.64 -9.87
CA TRP A 31 6.78 -11.90 -8.45
C TRP A 31 5.42 -11.55 -7.82
N TRP A 32 4.74 -10.52 -8.32
CA TRP A 32 3.38 -10.16 -7.92
C TRP A 32 2.36 -11.25 -8.24
N ASN A 33 2.60 -12.13 -9.20
CA ASN A 33 1.75 -13.30 -9.41
C ASN A 33 2.10 -14.43 -8.43
N GLU A 34 3.32 -14.46 -7.91
CA GLU A 34 3.87 -15.61 -7.17
C GLU A 34 3.72 -15.41 -5.64
N ASN A 35 3.63 -14.16 -5.18
CA ASN A 35 3.58 -13.75 -3.78
C ASN A 35 2.21 -13.90 -3.11
N SER A 36 1.38 -14.82 -3.56
CA SER A 36 -0.07 -14.75 -3.49
C SER A 36 -0.71 -14.66 -2.09
N ASN A 37 0.09 -14.86 -1.06
CA ASN A 37 -0.27 -15.03 0.35
C ASN A 37 0.86 -14.50 1.25
N ARG A 38 1.89 -13.86 0.68
CA ARG A 38 2.99 -13.26 1.44
C ARG A 38 2.58 -11.88 1.97
N TYR A 39 1.65 -11.21 1.29
CA TYR A 39 1.13 -9.89 1.65
C TYR A 39 -0.38 -9.87 1.39
N PRO A 40 -1.13 -9.03 2.13
CA PRO A 40 -2.55 -8.77 1.92
C PRO A 40 -2.75 -7.79 0.77
N ASN A 41 -3.91 -7.14 0.70
CA ASN A 41 -4.36 -6.34 -0.43
C ASN A 41 -5.13 -5.12 0.09
N GLN A 42 -4.47 -4.25 0.85
CA GLN A 42 -5.05 -3.09 1.49
C GLN A 42 -3.98 -1.99 1.64
N VAL A 43 -4.40 -0.75 1.91
CA VAL A 43 -3.56 0.35 2.34
C VAL A 43 -4.24 0.98 3.57
N TYR A 44 -3.49 1.72 4.39
CA TYR A 44 -4.01 2.51 5.51
C TYR A 44 -3.81 3.99 5.18
N TYR A 45 -4.62 4.88 5.73
CA TYR A 45 -4.53 6.31 5.50
C TYR A 45 -4.78 7.09 6.80
N LYS A 46 -4.09 8.21 6.96
CA LYS A 46 -4.35 9.14 8.05
C LYS A 46 -5.69 9.80 7.76
N GLU A 47 -6.54 9.95 8.79
CA GLU A 47 -7.85 10.61 8.67
C GLU A 47 -7.72 12.13 8.52
N TYR A 48 -6.50 12.66 8.58
CA TYR A 48 -6.05 14.05 8.62
C TYR A 48 -7.06 14.97 9.27
N ASN A 49 -6.87 15.29 10.55
CA ASN A 49 -7.79 16.12 11.33
C ASN A 49 -8.16 17.42 10.61
N ASP A 50 -7.23 17.96 9.81
CA ASP A 50 -7.42 19.17 9.02
C ASP A 50 -8.25 18.99 7.74
N ARG A 51 -8.16 17.80 7.12
CA ARG A 51 -8.74 17.41 5.83
C ARG A 51 -8.54 18.40 4.67
N SER A 52 -7.40 19.09 4.61
CA SER A 52 -7.11 20.01 3.51
C SER A 52 -5.91 19.51 2.71
N VAL A 53 -5.73 18.20 2.70
CA VAL A 53 -4.52 17.56 2.24
C VAL A 53 -4.61 17.45 0.70
N PRO A 54 -3.51 17.67 -0.04
CA PRO A 54 -3.54 17.58 -1.48
C PRO A 54 -3.50 16.11 -1.89
N GLU A 55 -3.98 15.85 -3.09
CA GLU A 55 -4.06 14.53 -3.71
C GLU A 55 -2.68 13.87 -3.76
N GLY A 56 -1.62 14.70 -3.84
CA GLY A 56 -0.24 14.26 -4.00
C GLY A 56 0.33 13.77 -2.67
N ARG A 57 0.37 14.64 -1.65
CA ARG A 57 0.83 14.21 -0.33
C ARG A 57 -0.05 13.09 0.22
N PHE A 58 -1.35 13.06 -0.09
CA PHE A 58 -2.23 12.00 0.36
C PHE A 58 -1.65 10.65 -0.08
N VAL A 59 -1.44 10.45 -1.38
CA VAL A 59 -0.88 9.21 -1.88
C VAL A 59 0.54 9.05 -1.32
N ARG A 60 1.38 10.09 -1.28
CA ARG A 60 2.76 9.97 -0.82
C ARG A 60 2.85 9.43 0.61
N ASP A 61 1.99 9.94 1.48
CA ASP A 61 1.89 9.51 2.86
C ASP A 61 1.28 8.14 2.91
N CYS A 62 0.16 7.89 2.23
CA CYS A 62 -0.55 6.64 2.25
C CYS A 62 0.39 5.50 1.81
N VAL A 63 1.29 5.75 0.85
CA VAL A 63 2.30 4.77 0.50
C VAL A 63 3.28 4.59 1.64
N ASN A 64 3.88 5.68 2.13
CA ASN A 64 4.86 5.66 3.21
C ASN A 64 4.30 5.04 4.49
N ILE A 65 3.01 5.21 4.77
CA ILE A 65 2.31 4.57 5.87
C ILE A 65 2.33 3.09 5.60
N THR A 66 1.76 2.63 4.47
CA THR A 66 1.54 1.22 4.26
C THR A 66 2.88 0.47 4.20
N VAL A 67 3.92 1.00 3.52
CA VAL A 67 5.24 0.35 3.49
C VAL A 67 5.85 0.20 4.90
N THR A 68 5.64 1.20 5.76
CA THR A 68 6.11 1.23 7.14
C THR A 68 5.32 0.22 7.98
N GLU A 69 3.99 0.25 7.88
CA GLU A 69 3.07 -0.66 8.58
C GLU A 69 3.18 -2.11 8.03
N TYR A 70 3.92 -2.33 6.95
CA TYR A 70 4.26 -3.63 6.35
C TYR A 70 5.75 -3.99 6.55
N LYS A 71 6.55 -3.06 7.09
CA LYS A 71 8.00 -3.15 7.36
C LYS A 71 8.89 -3.46 6.17
N ILE A 72 8.51 -3.11 4.94
CA ILE A 72 9.37 -3.34 3.79
C ILE A 72 10.51 -2.30 3.80
N ASP A 73 11.68 -2.67 4.33
CA ASP A 73 12.90 -1.91 4.11
C ASP A 73 14.12 -2.84 4.14
N PRO A 74 14.82 -3.11 3.02
CA PRO A 74 16.06 -3.89 3.05
C PRO A 74 17.18 -3.19 3.84
N ASN A 75 17.06 -1.90 4.13
CA ASN A 75 18.04 -1.22 4.96
C ASN A 75 17.94 -1.64 6.42
N GLU A 76 16.78 -2.17 6.83
CA GLU A 76 16.45 -2.40 8.21
C GLU A 76 16.13 -3.88 8.46
N ASN A 77 15.59 -4.58 7.45
CA ASN A 77 15.22 -6.01 7.54
C ASN A 77 16.10 -6.92 6.69
N GLN A 78 16.89 -6.39 5.73
CA GLN A 78 18.06 -7.02 5.09
C GLN A 78 17.92 -8.39 4.39
N ASN A 79 16.79 -9.10 4.46
CA ASN A 79 16.55 -10.38 3.76
C ASN A 79 15.61 -10.21 2.57
N VAL A 80 15.07 -9.01 2.41
CA VAL A 80 13.93 -8.69 1.56
C VAL A 80 14.47 -8.46 0.14
N THR A 81 13.74 -8.94 -0.85
CA THR A 81 14.20 -9.02 -2.24
C THR A 81 13.71 -7.81 -3.05
N GLN A 82 14.53 -7.25 -3.94
CA GLN A 82 14.20 -6.01 -4.64
C GLN A 82 13.13 -6.19 -5.73
N VAL A 83 12.62 -7.40 -6.01
CA VAL A 83 11.32 -7.50 -6.70
C VAL A 83 10.26 -6.99 -5.73
N GLU A 84 10.15 -7.63 -4.56
CA GLU A 84 9.15 -7.36 -3.55
C GLU A 84 9.18 -5.89 -3.13
N VAL A 85 10.35 -5.27 -3.02
CA VAL A 85 10.42 -3.87 -2.57
C VAL A 85 9.65 -2.97 -3.53
N ARG A 86 9.79 -3.24 -4.83
CA ARG A 86 9.30 -2.43 -5.94
C ARG A 86 7.86 -2.78 -6.23
N VAL A 87 7.51 -4.07 -6.25
CA VAL A 87 6.13 -4.54 -6.24
C VAL A 87 5.40 -3.82 -5.13
N MET A 88 5.81 -3.96 -3.88
CA MET A 88 5.10 -3.33 -2.79
C MET A 88 5.05 -1.81 -2.93
N LYS A 89 5.92 -1.16 -3.70
CA LYS A 89 5.98 0.29 -3.74
C LYS A 89 5.15 0.84 -4.89
N GLN A 90 5.31 0.27 -6.07
CA GLN A 90 4.53 0.55 -7.25
C GLN A 90 3.09 0.17 -6.95
N VAL A 91 2.84 -1.08 -6.50
CA VAL A 91 1.52 -1.52 -6.14
C VAL A 91 0.91 -0.55 -5.15
N ILE A 92 1.55 -0.29 -3.98
CA ILE A 92 0.93 0.46 -2.92
C ILE A 92 0.53 1.83 -3.47
N GLN A 93 1.33 2.49 -4.33
CA GLN A 93 0.95 3.77 -4.95
C GLN A 93 -0.35 3.64 -5.77
N GLU A 94 -0.47 2.64 -6.63
CA GLU A 94 -1.67 2.36 -7.41
C GLU A 94 -2.88 2.14 -6.51
N MET A 95 -2.74 1.24 -5.53
CA MET A 95 -3.79 0.91 -4.58
C MET A 95 -3.99 2.01 -3.53
N CYS A 96 -3.20 3.09 -3.57
CA CYS A 96 -3.33 4.29 -2.74
C CYS A 96 -4.09 5.36 -3.51
N MET A 97 -3.87 5.46 -4.83
CA MET A 97 -4.56 6.40 -5.71
C MET A 97 -6.01 6.02 -5.91
N GLN A 98 -6.31 4.73 -6.08
CA GLN A 98 -7.70 4.29 -6.13
C GLN A 98 -8.34 4.48 -4.75
N GLN A 99 -7.58 4.30 -3.65
CA GLN A 99 -8.11 4.56 -2.32
C GLN A 99 -8.39 6.04 -2.11
N TYR A 100 -7.57 6.96 -2.63
CA TYR A 100 -7.81 8.41 -2.53
C TYR A 100 -9.24 8.77 -2.95
N GLN A 101 -9.81 8.10 -3.95
CA GLN A 101 -11.15 8.39 -4.42
C GLN A 101 -12.21 8.21 -3.31
N GLN A 102 -11.93 7.41 -2.27
CA GLN A 102 -12.78 7.21 -1.10
C GLN A 102 -12.90 8.49 -0.27
N TYR A 103 -11.88 9.35 -0.27
CA TYR A 103 -11.91 10.64 0.41
C TYR A 103 -13.04 11.49 -0.16
N GLN A 104 -13.23 11.38 -1.47
CA GLN A 104 -14.17 12.12 -2.29
C GLN A 104 -15.51 11.39 -2.42
N LEU A 105 -15.66 10.22 -1.78
CA LEU A 105 -16.94 9.58 -1.54
C LEU A 105 -17.41 9.91 -0.13
N ALA A 106 -16.50 9.78 0.84
CA ALA A 106 -16.71 10.02 2.26
C ALA A 106 -17.17 11.46 2.50
N SER A 107 -16.60 12.40 1.75
CA SER A 107 -16.92 13.81 1.84
C SER A 107 -17.41 14.29 0.48
N GLY A 1 -15.21 -7.21 15.67
CA GLY A 1 -15.16 -6.15 14.67
C GLY A 1 -14.90 -6.73 13.29
N SER A 2 -15.45 -6.16 12.23
CA SER A 2 -15.30 -6.71 10.88
C SER A 2 -13.89 -6.46 10.32
N VAL A 3 -13.40 -7.38 9.48
CA VAL A 3 -12.19 -7.36 8.66
C VAL A 3 -11.08 -6.49 9.28
N VAL A 4 -10.58 -6.91 10.43
CA VAL A 4 -9.55 -6.22 11.21
C VAL A 4 -8.21 -6.85 10.81
N GLY A 5 -7.11 -6.10 10.94
CA GLY A 5 -5.78 -6.65 10.67
C GLY A 5 -4.62 -5.67 10.89
N GLY A 6 -4.86 -4.36 10.69
CA GLY A 6 -3.90 -3.31 11.00
C GLY A 6 -4.61 -2.22 11.79
N LEU A 7 -5.07 -1.17 11.10
CA LEU A 7 -5.76 0.01 11.61
C LEU A 7 -5.12 0.54 12.89
N GLY A 8 -3.79 0.56 12.85
CA GLY A 8 -2.88 0.72 13.97
C GLY A 8 -2.68 2.18 14.39
N GLY A 9 -3.76 2.95 14.35
CA GLY A 9 -3.75 4.40 14.42
C GLY A 9 -3.88 5.00 13.02
N TYR A 10 -4.49 4.25 12.09
CA TYR A 10 -4.75 4.66 10.73
C TYR A 10 -6.18 4.28 10.40
N ALA A 11 -6.85 5.11 9.64
CA ALA A 11 -8.09 4.73 8.98
C ALA A 11 -7.65 3.94 7.75
N LEU A 12 -8.26 2.78 7.55
CA LEU A 12 -8.11 2.02 6.33
C LEU A 12 -9.41 2.08 5.56
N GLY A 13 -9.44 1.48 4.38
CA GLY A 13 -10.61 1.36 3.54
C GLY A 13 -10.75 -0.09 3.11
N SER A 14 -11.46 -0.32 2.02
CA SER A 14 -11.67 -1.63 1.48
C SER A 14 -10.36 -2.26 1.02
N ALA A 15 -10.47 -3.56 0.86
CA ALA A 15 -9.57 -4.43 0.15
C ALA A 15 -10.07 -4.45 -1.29
N MET A 16 -9.17 -4.14 -2.19
CA MET A 16 -9.28 -4.11 -3.66
C MET A 16 -9.33 -5.50 -4.31
N SER A 17 -9.57 -6.48 -3.46
CA SER A 17 -9.82 -7.92 -3.66
C SER A 17 -9.56 -8.44 -5.08
N GLY A 18 -8.47 -9.17 -5.24
CA GLY A 18 -8.17 -9.85 -6.51
C GLY A 18 -7.43 -8.95 -7.49
N MET A 19 -6.53 -8.11 -6.96
CA MET A 19 -5.70 -7.17 -7.71
C MET A 19 -4.89 -7.84 -8.82
N ARG A 20 -4.35 -7.01 -9.71
CA ARG A 20 -3.44 -7.37 -10.79
C ARG A 20 -2.51 -6.19 -11.01
N MET A 21 -1.35 -6.41 -11.64
CA MET A 21 -0.47 -5.30 -11.99
C MET A 21 0.54 -5.71 -13.06
N ASN A 22 1.03 -4.72 -13.82
CA ASN A 22 1.92 -4.88 -14.95
C ASN A 22 3.35 -4.43 -14.65
N PHE A 23 3.52 -3.35 -13.88
CA PHE A 23 4.80 -2.73 -13.53
C PHE A 23 5.60 -2.24 -14.75
N ASP A 24 6.77 -1.66 -14.47
CA ASP A 24 7.69 -1.12 -15.46
C ASP A 24 8.50 -2.22 -16.13
N ARG A 25 8.81 -3.30 -15.42
CA ARG A 25 9.84 -4.27 -15.79
C ARG A 25 9.32 -5.68 -15.52
N PRO A 26 9.88 -6.71 -16.18
CA PRO A 26 9.36 -8.05 -16.07
C PRO A 26 9.67 -8.69 -14.72
N GLU A 27 10.84 -8.42 -14.13
CA GLU A 27 11.28 -9.10 -12.91
C GLU A 27 10.28 -8.88 -11.77
N GLU A 28 9.94 -7.62 -11.50
CA GLU A 28 8.94 -7.20 -10.53
C GLU A 28 7.56 -7.81 -10.86
N ARG A 29 7.18 -7.89 -12.14
CA ARG A 29 5.91 -8.51 -12.55
C ARG A 29 5.95 -10.02 -12.31
N GLN A 30 7.10 -10.69 -12.48
CA GLN A 30 7.26 -12.09 -12.14
C GLN A 30 6.98 -12.27 -10.66
N TRP A 31 7.64 -11.48 -9.80
CA TRP A 31 7.64 -11.66 -8.36
C TRP A 31 6.26 -11.40 -7.77
N TRP A 32 5.60 -10.33 -8.23
CA TRP A 32 4.24 -9.99 -7.79
C TRP A 32 3.32 -11.20 -7.95
N ASN A 33 3.43 -11.87 -9.10
CA ASN A 33 2.58 -13.00 -9.41
C ASN A 33 2.97 -14.24 -8.61
N GLU A 34 4.27 -14.39 -8.35
CA GLU A 34 4.85 -15.50 -7.63
C GLU A 34 4.33 -15.61 -6.21
N ASN A 35 4.11 -14.48 -5.54
CA ASN A 35 3.93 -14.44 -4.08
C ASN A 35 2.46 -14.58 -3.66
N SER A 36 1.81 -15.58 -4.26
CA SER A 36 0.49 -16.20 -4.12
C SER A 36 -0.59 -15.40 -3.37
N ASN A 37 -0.34 -14.97 -2.13
CA ASN A 37 -1.32 -14.21 -1.33
C ASN A 37 -0.67 -13.49 -0.14
N ARG A 38 0.67 -13.40 -0.10
CA ARG A 38 1.41 -13.10 1.13
C ARG A 38 1.19 -11.69 1.66
N TYR A 39 0.69 -10.74 0.86
CA TYR A 39 0.27 -9.43 1.31
C TYR A 39 -1.20 -9.21 0.92
N PRO A 40 -1.96 -8.44 1.71
CA PRO A 40 -3.38 -8.20 1.53
C PRO A 40 -3.64 -7.32 0.30
N ASN A 41 -4.91 -7.07 0.00
CA ASN A 41 -5.32 -6.13 -1.05
C ASN A 41 -5.83 -4.83 -0.42
N GLN A 42 -5.46 -4.55 0.83
CA GLN A 42 -5.96 -3.41 1.59
C GLN A 42 -4.74 -2.64 2.05
N VAL A 43 -4.88 -1.32 2.09
CA VAL A 43 -3.85 -0.37 2.47
C VAL A 43 -4.44 0.45 3.63
N TYR A 44 -3.76 1.49 4.09
CA TYR A 44 -4.27 2.42 5.09
C TYR A 44 -3.95 3.83 4.65
N TYR A 45 -4.58 4.81 5.26
CA TYR A 45 -4.31 6.21 5.06
C TYR A 45 -4.26 6.91 6.42
N LYS A 46 -3.51 8.01 6.45
CA LYS A 46 -3.39 8.86 7.62
C LYS A 46 -4.54 9.85 7.56
N GLU A 47 -5.28 9.97 8.64
CA GLU A 47 -6.25 11.03 8.82
C GLU A 47 -5.45 12.28 9.20
N TYR A 48 -5.34 13.23 8.28
CA TYR A 48 -4.73 14.52 8.51
C TYR A 48 -5.67 15.40 9.37
N ASN A 49 -5.66 16.73 9.16
CA ASN A 49 -6.38 17.73 9.95
C ASN A 49 -6.95 18.83 9.05
N ASP A 50 -6.69 18.80 7.74
CA ASP A 50 -7.04 19.90 6.84
C ASP A 50 -7.36 19.30 5.49
N ARG A 51 -8.66 19.07 5.27
CA ARG A 51 -9.20 18.32 4.14
C ARG A 51 -9.29 19.16 2.87
N SER A 52 -8.17 19.72 2.45
CA SER A 52 -8.01 20.43 1.19
C SER A 52 -6.71 19.98 0.48
N VAL A 53 -6.08 18.94 1.01
CA VAL A 53 -4.83 18.34 0.57
C VAL A 53 -4.98 17.77 -0.85
N PRO A 54 -3.95 17.84 -1.71
CA PRO A 54 -4.04 17.33 -3.07
C PRO A 54 -3.95 15.82 -3.07
N GLU A 55 -4.57 15.21 -4.08
CA GLU A 55 -4.64 13.79 -4.32
C GLU A 55 -3.24 13.17 -4.38
N GLY A 56 -2.26 13.93 -4.89
CA GLY A 56 -0.93 13.43 -5.13
C GLY A 56 -0.20 13.28 -3.81
N ARG A 57 -0.10 14.39 -3.07
CA ARG A 57 0.65 14.44 -1.82
C ARG A 57 0.04 13.55 -0.75
N PHE A 58 -1.29 13.43 -0.69
CA PHE A 58 -1.96 12.50 0.22
C PHE A 58 -1.37 11.12 -0.02
N VAL A 59 -1.52 10.59 -1.25
CA VAL A 59 -1.07 9.24 -1.52
C VAL A 59 0.44 9.12 -1.35
N ARG A 60 1.23 10.14 -1.69
CA ARG A 60 2.70 10.05 -1.59
C ARG A 60 3.15 9.75 -0.16
N ASP A 61 2.40 10.23 0.84
CA ASP A 61 2.61 9.89 2.25
C ASP A 61 1.93 8.56 2.59
N CYS A 62 0.71 8.34 2.09
CA CYS A 62 -0.15 7.24 2.49
C CYS A 62 0.41 5.89 2.04
N VAL A 63 1.13 5.86 0.90
CA VAL A 63 1.85 4.67 0.48
C VAL A 63 2.96 4.36 1.47
N ASN A 64 3.66 5.39 1.93
CA ASN A 64 4.70 5.34 2.96
C ASN A 64 4.12 4.77 4.25
N ILE A 65 2.88 5.11 4.60
CA ILE A 65 2.17 4.50 5.72
C ILE A 65 2.07 2.99 5.52
N THR A 66 1.60 2.54 4.37
CA THR A 66 1.28 1.14 4.19
C THR A 66 2.55 0.29 4.06
N VAL A 67 3.61 0.76 3.39
CA VAL A 67 4.90 0.04 3.36
C VAL A 67 5.53 -0.06 4.75
N THR A 68 5.29 0.94 5.60
CA THR A 68 5.74 0.93 6.99
C THR A 68 4.95 -0.13 7.75
N GLU A 69 3.63 -0.14 7.67
CA GLU A 69 2.76 -1.15 8.28
C GLU A 69 3.15 -2.56 7.85
N TYR A 70 3.43 -2.75 6.56
CA TYR A 70 3.83 -4.01 5.96
C TYR A 70 5.28 -4.40 6.29
N LYS A 71 6.04 -3.52 6.95
CA LYS A 71 7.49 -3.56 7.13
C LYS A 71 8.24 -3.98 5.87
N ILE A 72 8.31 -3.06 4.90
CA ILE A 72 9.03 -3.20 3.65
C ILE A 72 10.18 -2.19 3.70
N ASP A 73 11.31 -2.56 4.32
CA ASP A 73 12.53 -1.78 4.21
C ASP A 73 13.76 -2.66 4.36
N PRO A 74 14.69 -2.69 3.39
CA PRO A 74 15.88 -3.53 3.49
C PRO A 74 16.85 -3.05 4.57
N ASN A 75 16.73 -1.84 5.10
CA ASN A 75 17.60 -1.36 6.15
C ASN A 75 17.13 -1.86 7.51
N GLU A 76 15.82 -1.90 7.70
CA GLU A 76 15.14 -2.34 8.91
C GLU A 76 15.15 -3.88 8.92
N ASN A 77 14.57 -4.49 7.89
CA ASN A 77 14.26 -5.92 7.89
C ASN A 77 15.47 -6.77 7.52
N GLN A 78 16.40 -6.20 6.73
CA GLN A 78 17.68 -6.79 6.31
C GLN A 78 17.61 -8.14 5.60
N ASN A 79 16.43 -8.60 5.15
CA ASN A 79 16.24 -9.96 4.62
C ASN A 79 15.25 -9.96 3.45
N VAL A 80 15.23 -8.91 2.63
CA VAL A 80 14.18 -8.64 1.67
C VAL A 80 14.73 -8.68 0.25
N THR A 81 13.89 -8.43 -0.76
CA THR A 81 14.30 -8.44 -2.17
C THR A 81 13.72 -7.19 -2.84
N GLN A 82 14.48 -6.52 -3.70
CA GLN A 82 14.07 -5.23 -4.28
C GLN A 82 12.92 -5.40 -5.27
N VAL A 83 12.64 -6.60 -5.78
CA VAL A 83 11.38 -6.81 -6.50
C VAL A 83 10.22 -6.50 -5.54
N GLU A 84 10.22 -7.03 -4.31
CA GLU A 84 9.23 -6.72 -3.29
C GLU A 84 9.21 -5.22 -3.03
N VAL A 85 10.38 -4.60 -2.81
CA VAL A 85 10.43 -3.21 -2.37
C VAL A 85 9.78 -2.28 -3.41
N ARG A 86 9.91 -2.65 -4.68
CA ARG A 86 9.36 -1.98 -5.86
C ARG A 86 7.88 -2.31 -6.07
N VAL A 87 7.52 -3.59 -6.14
CA VAL A 87 6.17 -4.09 -6.32
C VAL A 87 5.28 -3.47 -5.26
N MET A 88 5.60 -3.74 -4.01
CA MET A 88 4.82 -3.29 -2.87
C MET A 88 4.88 -1.76 -2.71
N LYS A 89 5.60 -1.01 -3.55
CA LYS A 89 5.42 0.44 -3.62
C LYS A 89 4.37 0.75 -4.66
N GLN A 90 4.60 0.32 -5.90
CA GLN A 90 3.79 0.78 -7.02
C GLN A 90 2.36 0.27 -6.86
N VAL A 91 2.18 -0.99 -6.46
CA VAL A 91 0.88 -1.59 -6.14
C VAL A 91 0.22 -0.86 -4.99
N ILE A 92 0.99 -0.41 -3.99
CA ILE A 92 0.41 0.28 -2.87
C ILE A 92 -0.06 1.62 -3.40
N GLN A 93 0.69 2.37 -4.23
CA GLN A 93 0.21 3.60 -4.84
C GLN A 93 -1.11 3.37 -5.59
N GLU A 94 -1.18 2.35 -6.44
CA GLU A 94 -2.38 2.06 -7.22
C GLU A 94 -3.54 1.74 -6.26
N MET A 95 -3.35 0.80 -5.33
CA MET A 95 -4.37 0.51 -4.34
C MET A 95 -4.73 1.73 -3.47
N CYS A 96 -3.76 2.60 -3.18
CA CYS A 96 -3.90 3.75 -2.31
C CYS A 96 -4.64 4.87 -3.01
N MET A 97 -4.52 4.97 -4.33
CA MET A 97 -5.23 5.95 -5.11
C MET A 97 -6.70 5.62 -5.19
N GLN A 98 -7.06 4.34 -5.21
CA GLN A 98 -8.47 4.02 -5.05
C GLN A 98 -8.86 4.20 -3.59
N GLN A 99 -8.08 3.72 -2.61
CA GLN A 99 -8.52 3.81 -1.21
C GLN A 99 -8.66 5.27 -0.72
N TYR A 100 -7.85 6.18 -1.28
CA TYR A 100 -7.92 7.64 -1.14
C TYR A 100 -9.34 8.18 -1.37
N GLN A 101 -10.17 7.52 -2.18
CA GLN A 101 -11.49 8.06 -2.49
C GLN A 101 -12.30 8.32 -1.20
N GLN A 102 -12.12 7.56 -0.11
CA GLN A 102 -12.80 7.80 1.12
C GLN A 102 -12.43 9.16 1.69
N TYR A 103 -11.20 9.62 1.57
CA TYR A 103 -10.84 10.93 2.09
C TYR A 103 -11.71 12.01 1.45
N GLN A 104 -12.05 11.86 0.17
CA GLN A 104 -12.93 12.76 -0.55
C GLN A 104 -14.43 12.52 -0.24
N LEU A 105 -14.78 11.42 0.42
CA LEU A 105 -16.16 10.96 0.59
C LEU A 105 -16.57 11.01 2.05
N ALA A 106 -15.87 10.25 2.91
CA ALA A 106 -15.97 10.34 4.35
C ALA A 106 -15.61 11.74 4.81
N SER A 107 -14.53 12.33 4.29
CA SER A 107 -14.05 13.65 4.69
C SER A 107 -13.99 13.74 6.21
N GLY A 1 -3.42 -18.20 9.35
CA GLY A 1 -2.07 -17.68 9.16
C GLY A 1 -1.86 -16.46 10.02
N SER A 2 -1.39 -15.39 9.40
CA SER A 2 -1.56 -14.03 9.89
C SER A 2 -2.40 -13.27 8.87
N VAL A 3 -3.07 -12.21 9.32
CA VAL A 3 -3.71 -11.21 8.47
C VAL A 3 -3.63 -9.87 9.22
N VAL A 4 -2.47 -9.53 9.78
CA VAL A 4 -2.32 -8.27 10.50
C VAL A 4 -0.89 -7.74 10.35
N GLY A 5 -0.75 -6.42 10.23
CA GLY A 5 0.50 -5.73 10.07
C GLY A 5 0.25 -4.24 10.23
N GLY A 6 0.15 -3.78 11.48
CA GLY A 6 -0.13 -2.38 11.84
C GLY A 6 -1.48 -2.29 12.53
N LEU A 7 -2.40 -1.48 11.97
CA LEU A 7 -3.78 -1.32 12.40
C LEU A 7 -3.87 -0.95 13.87
N GLY A 8 -3.54 0.32 14.14
CA GLY A 8 -3.59 0.93 15.46
C GLY A 8 -3.98 2.38 15.27
N GLY A 9 -3.00 3.25 15.00
CA GLY A 9 -3.24 4.68 14.80
C GLY A 9 -3.78 5.01 13.40
N TYR A 10 -4.48 4.09 12.75
CA TYR A 10 -4.88 4.21 11.35
C TYR A 10 -6.29 3.65 11.20
N ALA A 11 -7.13 4.42 10.50
CA ALA A 11 -8.35 4.01 9.84
C ALA A 11 -7.99 3.41 8.48
N LEU A 12 -8.31 2.14 8.23
CA LEU A 12 -8.06 1.47 6.96
C LEU A 12 -9.38 1.34 6.22
N GLY A 13 -9.33 1.13 4.90
CA GLY A 13 -10.57 1.25 4.12
C GLY A 13 -10.47 1.01 2.62
N SER A 14 -9.98 -0.15 2.19
CA SER A 14 -9.86 -0.52 0.78
C SER A 14 -10.42 -1.91 0.51
N ALA A 15 -9.88 -2.92 1.20
CA ALA A 15 -10.17 -4.34 1.08
C ALA A 15 -10.44 -4.78 -0.38
N MET A 16 -9.48 -4.53 -1.28
CA MET A 16 -9.68 -4.59 -2.73
C MET A 16 -10.18 -5.95 -3.21
N SER A 17 -9.58 -7.02 -2.68
CA SER A 17 -9.76 -8.43 -2.98
C SER A 17 -9.44 -8.90 -4.41
N GLY A 18 -9.49 -8.01 -5.38
CA GLY A 18 -9.34 -8.31 -6.81
C GLY A 18 -8.25 -7.50 -7.50
N MET A 19 -7.49 -6.68 -6.77
CA MET A 19 -6.51 -5.75 -7.31
C MET A 19 -5.49 -6.45 -8.20
N ARG A 20 -4.97 -5.72 -9.18
CA ARG A 20 -3.93 -6.14 -10.10
C ARG A 20 -3.12 -4.95 -10.56
N MET A 21 -1.91 -5.20 -11.04
CA MET A 21 -0.94 -4.24 -11.52
C MET A 21 -0.06 -4.96 -12.55
N ASN A 22 0.40 -4.26 -13.59
CA ASN A 22 1.26 -4.85 -14.62
C ASN A 22 2.73 -4.46 -14.44
N PHE A 23 3.02 -3.45 -13.60
CA PHE A 23 4.33 -2.92 -13.19
C PHE A 23 5.17 -2.42 -14.35
N ASP A 24 6.08 -1.48 -14.05
CA ASP A 24 6.91 -0.87 -15.09
C ASP A 24 7.90 -1.89 -15.66
N ARG A 25 8.44 -2.76 -14.81
CA ARG A 25 9.29 -3.88 -15.18
C ARG A 25 8.50 -5.19 -15.07
N PRO A 26 8.77 -6.16 -15.95
CA PRO A 26 8.15 -7.46 -15.89
C PRO A 26 8.69 -8.31 -14.75
N GLU A 27 9.87 -7.97 -14.20
CA GLU A 27 10.52 -8.77 -13.19
C GLU A 27 9.68 -8.69 -11.90
N GLU A 28 9.44 -7.47 -11.41
CA GLU A 28 8.54 -7.22 -10.29
C GLU A 28 7.13 -7.75 -10.60
N ARG A 29 6.67 -7.66 -11.85
CA ARG A 29 5.36 -8.19 -12.23
C ARG A 29 5.31 -9.69 -11.98
N GLN A 30 6.33 -10.42 -12.44
CA GLN A 30 6.39 -11.85 -12.28
C GLN A 30 6.41 -12.18 -10.80
N TRP A 31 7.16 -11.45 -9.97
CA TRP A 31 7.23 -11.76 -8.55
C TRP A 31 5.87 -11.56 -7.89
N TRP A 32 5.19 -10.46 -8.20
CA TRP A 32 3.82 -10.19 -7.77
C TRP A 32 2.88 -11.33 -8.19
N ASN A 33 3.06 -11.84 -9.41
CA ASN A 33 2.24 -12.91 -9.98
C ASN A 33 2.60 -14.29 -9.42
N GLU A 34 3.76 -14.40 -8.79
CA GLU A 34 4.31 -15.63 -8.24
C GLU A 34 3.87 -15.78 -6.78
N ASN A 35 4.19 -14.80 -5.94
CA ASN A 35 4.22 -14.92 -4.48
C ASN A 35 2.91 -15.42 -3.87
N SER A 36 3.00 -16.35 -2.91
CA SER A 36 1.85 -16.95 -2.25
C SER A 36 1.08 -15.96 -1.37
N ASN A 37 1.74 -15.00 -0.73
CA ASN A 37 1.17 -14.23 0.36
C ASN A 37 1.09 -12.78 -0.09
N ARG A 38 2.05 -12.31 -0.89
CA ARG A 38 2.09 -11.04 -1.64
C ARG A 38 1.48 -9.83 -0.90
N TYR A 39 1.63 -9.82 0.42
CA TYR A 39 0.99 -8.87 1.35
C TYR A 39 -0.55 -8.82 1.21
N PRO A 40 -1.31 -8.25 2.17
CA PRO A 40 -2.77 -8.19 2.06
C PRO A 40 -3.24 -7.15 1.05
N ASN A 41 -4.45 -7.35 0.52
CA ASN A 41 -5.13 -6.46 -0.42
C ASN A 41 -5.85 -5.32 0.31
N GLN A 42 -5.09 -4.49 1.03
CA GLN A 42 -5.56 -3.25 1.63
C GLN A 42 -4.39 -2.25 1.67
N VAL A 43 -4.63 -1.02 2.10
CA VAL A 43 -3.70 0.03 2.49
C VAL A 43 -4.38 0.81 3.64
N TYR A 44 -3.64 1.68 4.32
CA TYR A 44 -4.01 2.54 5.43
C TYR A 44 -3.79 4.00 5.02
N TYR A 45 -4.47 4.97 5.66
CA TYR A 45 -4.43 6.38 5.24
C TYR A 45 -4.56 7.33 6.44
N LYS A 46 -3.45 7.89 6.96
CA LYS A 46 -3.53 8.68 8.19
C LYS A 46 -4.57 9.79 8.05
N GLU A 47 -5.40 9.98 9.06
CA GLU A 47 -6.42 11.01 9.05
C GLU A 47 -5.73 12.37 9.21
N TYR A 48 -6.08 13.35 8.35
CA TYR A 48 -5.47 14.69 8.34
C TYR A 48 -6.37 15.76 8.98
N ASN A 49 -7.60 15.43 9.37
CA ASN A 49 -8.60 16.32 9.98
C ASN A 49 -9.17 17.35 9.01
N ASP A 50 -8.54 17.57 7.85
CA ASP A 50 -9.01 18.50 6.84
C ASP A 50 -8.84 17.78 5.51
N ARG A 51 -9.91 17.14 5.02
CA ARG A 51 -9.85 16.46 3.73
C ARG A 51 -9.98 17.46 2.60
N SER A 52 -8.90 18.22 2.42
CA SER A 52 -8.74 19.31 1.48
C SER A 52 -7.37 19.21 0.79
N VAL A 53 -6.60 18.19 1.17
CA VAL A 53 -5.29 17.88 0.61
C VAL A 53 -5.48 17.40 -0.83
N PRO A 54 -4.49 17.60 -1.71
CA PRO A 54 -4.55 17.09 -3.06
C PRO A 54 -4.16 15.60 -3.05
N GLU A 55 -4.59 14.89 -4.09
CA GLU A 55 -4.20 13.51 -4.37
C GLU A 55 -2.68 13.33 -4.27
N GLY A 56 -1.90 14.34 -4.67
CA GLY A 56 -0.44 14.27 -4.69
C GLY A 56 0.11 13.98 -3.30
N ARG A 57 -0.06 14.91 -2.36
CA ARG A 57 0.41 14.73 -0.99
C ARG A 57 -0.24 13.50 -0.37
N PHE A 58 -1.54 13.30 -0.60
CA PHE A 58 -2.30 12.22 0.00
C PHE A 58 -1.60 10.92 -0.34
N VAL A 59 -1.55 10.56 -1.63
CA VAL A 59 -0.96 9.30 -2.06
C VAL A 59 0.50 9.27 -1.59
N ARG A 60 1.27 10.35 -1.79
CA ARG A 60 2.70 10.31 -1.52
C ARG A 60 3.01 10.02 -0.05
N ASP A 61 2.14 10.40 0.90
CA ASP A 61 2.34 10.09 2.32
C ASP A 61 1.57 8.83 2.76
N CYS A 62 0.40 8.57 2.18
CA CYS A 62 -0.46 7.42 2.47
C CYS A 62 0.29 6.13 2.14
N VAL A 63 1.06 6.15 1.05
CA VAL A 63 1.85 4.98 0.65
C VAL A 63 2.92 4.73 1.71
N ASN A 64 3.56 5.82 2.14
CA ASN A 64 4.60 5.88 3.17
C ASN A 64 4.10 5.26 4.46
N ILE A 65 2.85 5.54 4.83
CA ILE A 65 2.17 4.94 5.98
C ILE A 65 2.15 3.42 5.84
N THR A 66 1.70 2.89 4.70
CA THR A 66 1.45 1.47 4.56
C THR A 66 2.79 0.74 4.48
N VAL A 67 3.81 1.26 3.77
CA VAL A 67 5.14 0.65 3.73
C VAL A 67 5.79 0.62 5.12
N THR A 68 5.62 1.70 5.91
CA THR A 68 6.06 1.75 7.29
C THR A 68 5.38 0.64 8.09
N GLU A 69 4.05 0.56 8.06
CA GLU A 69 3.30 -0.39 8.89
C GLU A 69 3.52 -1.84 8.43
N TYR A 70 3.86 -2.03 7.17
CA TYR A 70 4.18 -3.34 6.60
C TYR A 70 5.63 -3.73 6.88
N LYS A 71 6.47 -2.81 7.38
CA LYS A 71 7.90 -2.98 7.63
C LYS A 71 8.59 -3.58 6.41
N ILE A 72 9.07 -2.75 5.48
CA ILE A 72 9.60 -3.19 4.19
C ILE A 72 10.97 -2.56 3.96
N ASP A 73 12.06 -3.21 4.36
CA ASP A 73 13.42 -2.75 4.01
C ASP A 73 14.42 -3.92 4.01
N PRO A 74 15.27 -4.11 2.99
CA PRO A 74 16.32 -5.15 3.01
C PRO A 74 17.44 -4.86 4.01
N ASN A 75 17.39 -3.74 4.72
CA ASN A 75 18.33 -3.39 5.80
C ASN A 75 17.59 -3.10 7.11
N GLU A 76 16.37 -3.62 7.27
CA GLU A 76 15.64 -3.59 8.52
C GLU A 76 15.09 -4.99 8.78
N ASN A 77 14.39 -5.56 7.79
CA ASN A 77 13.58 -6.76 7.96
C ASN A 77 14.44 -7.98 8.28
N GLN A 78 15.47 -8.18 7.45
CA GLN A 78 16.17 -9.42 7.17
C GLN A 78 16.95 -9.07 5.90
N ASN A 79 16.44 -9.39 4.71
CA ASN A 79 17.19 -9.40 3.45
C ASN A 79 16.18 -9.64 2.33
N VAL A 80 15.22 -8.73 2.21
CA VAL A 80 14.08 -8.84 1.31
C VAL A 80 14.59 -8.73 -0.13
N THR A 81 13.88 -9.32 -1.06
CA THR A 81 14.34 -9.35 -2.44
C THR A 81 13.90 -8.05 -3.14
N GLN A 82 14.82 -7.46 -3.90
CA GLN A 82 14.74 -6.18 -4.62
C GLN A 82 13.68 -6.15 -5.74
N VAL A 83 12.92 -7.22 -5.97
CA VAL A 83 11.64 -7.14 -6.69
C VAL A 83 10.57 -6.59 -5.73
N GLU A 84 10.37 -7.22 -4.56
CA GLU A 84 9.29 -6.92 -3.63
C GLU A 84 9.33 -5.45 -3.19
N VAL A 85 10.53 -4.90 -3.01
CA VAL A 85 10.79 -3.51 -2.60
C VAL A 85 10.16 -2.44 -3.52
N ARG A 86 9.81 -2.87 -4.72
CA ARG A 86 9.42 -2.06 -5.88
C ARG A 86 8.00 -2.41 -6.30
N VAL A 87 7.64 -3.69 -6.23
CA VAL A 87 6.27 -4.18 -6.18
C VAL A 87 5.51 -3.37 -5.15
N MET A 88 5.85 -3.52 -3.88
CA MET A 88 5.07 -2.96 -2.80
C MET A 88 4.98 -1.44 -2.87
N LYS A 89 5.87 -0.79 -3.60
CA LYS A 89 5.79 0.65 -3.80
C LYS A 89 4.77 0.98 -4.86
N GLN A 90 4.96 0.50 -6.09
CA GLN A 90 4.09 0.86 -7.21
C GLN A 90 2.67 0.40 -6.90
N VAL A 91 2.52 -0.81 -6.36
CA VAL A 91 1.23 -1.40 -5.98
C VAL A 91 0.57 -0.58 -4.89
N ILE A 92 1.28 -0.18 -3.82
CA ILE A 92 0.64 0.55 -2.74
C ILE A 92 0.24 1.90 -3.30
N GLN A 93 1.03 2.53 -4.19
CA GLN A 93 0.65 3.78 -4.86
C GLN A 93 -0.67 3.63 -5.58
N GLU A 94 -0.83 2.61 -6.40
CA GLU A 94 -2.04 2.44 -7.20
C GLU A 94 -3.22 1.99 -6.33
N MET A 95 -2.97 1.16 -5.31
CA MET A 95 -4.01 0.95 -4.30
C MET A 95 -4.34 2.26 -3.55
N CYS A 96 -3.39 3.18 -3.39
CA CYS A 96 -3.52 4.37 -2.55
C CYS A 96 -4.25 5.46 -3.32
N MET A 97 -4.11 5.47 -4.65
CA MET A 97 -4.86 6.34 -5.53
C MET A 97 -6.33 5.93 -5.60
N GLN A 98 -6.61 4.63 -5.51
CA GLN A 98 -8.00 4.23 -5.36
C GLN A 98 -8.48 4.57 -3.95
N GLN A 99 -7.69 4.28 -2.90
CA GLN A 99 -8.01 4.60 -1.52
C GLN A 99 -8.37 6.09 -1.37
N TYR A 100 -7.62 6.98 -2.04
CA TYR A 100 -7.84 8.42 -2.05
C TYR A 100 -9.27 8.78 -2.46
N GLN A 101 -9.94 8.00 -3.30
CA GLN A 101 -11.32 8.31 -3.62
C GLN A 101 -12.18 8.21 -2.38
N GLN A 102 -12.03 7.23 -1.49
CA GLN A 102 -12.84 7.16 -0.28
C GLN A 102 -12.67 8.44 0.51
N TYR A 103 -11.42 8.90 0.62
CA TYR A 103 -11.08 10.10 1.34
C TYR A 103 -11.85 11.29 0.76
N GLN A 104 -11.86 11.43 -0.57
CA GLN A 104 -12.34 12.65 -1.21
C GLN A 104 -13.84 12.58 -1.51
N LEU A 105 -14.39 11.37 -1.60
CA LEU A 105 -15.81 11.09 -1.73
C LEU A 105 -16.45 11.35 -0.38
N ALA A 106 -15.90 10.76 0.69
CA ALA A 106 -16.32 11.07 2.04
C ALA A 106 -16.16 12.57 2.28
N SER A 107 -14.94 13.10 2.10
CA SER A 107 -14.50 14.37 2.67
C SER A 107 -14.70 14.45 4.20
N GLY A 1 -17.81 -11.31 7.86
CA GLY A 1 -17.73 -10.79 9.24
C GLY A 1 -16.40 -10.10 9.51
N SER A 2 -16.36 -9.43 10.67
CA SER A 2 -15.24 -8.77 11.33
C SER A 2 -14.23 -8.19 10.35
N VAL A 3 -14.69 -7.20 9.58
CA VAL A 3 -13.90 -6.53 8.56
C VAL A 3 -13.03 -5.52 9.29
N VAL A 4 -11.90 -6.01 9.84
CA VAL A 4 -10.92 -5.28 10.62
C VAL A 4 -9.54 -5.80 10.21
N GLY A 5 -8.54 -4.94 10.28
CA GLY A 5 -7.14 -5.29 10.14
C GLY A 5 -6.39 -3.98 10.17
N GLY A 6 -5.45 -3.80 11.09
CA GLY A 6 -4.85 -2.51 11.37
C GLY A 6 -5.93 -1.55 11.86
N LEU A 7 -6.05 -0.37 11.23
CA LEU A 7 -6.75 0.82 11.73
C LEU A 7 -6.43 1.05 13.21
N GLY A 8 -5.15 0.81 13.50
CA GLY A 8 -4.57 1.00 14.82
C GLY A 8 -4.60 2.47 15.22
N GLY A 9 -4.44 3.37 14.23
CA GLY A 9 -4.57 4.80 14.41
C GLY A 9 -4.63 5.53 13.08
N TYR A 10 -5.26 4.89 12.09
CA TYR A 10 -5.43 5.35 10.71
C TYR A 10 -6.80 4.89 10.27
N ALA A 11 -7.36 5.55 9.25
CA ALA A 11 -8.42 4.97 8.46
C ALA A 11 -7.76 4.10 7.37
N LEU A 12 -8.54 3.29 6.69
CA LEU A 12 -8.13 2.44 5.59
C LEU A 12 -9.30 2.33 4.60
N GLY A 13 -9.04 2.03 3.34
CA GLY A 13 -10.02 2.14 2.26
C GLY A 13 -10.24 0.78 1.66
N SER A 14 -10.72 -0.12 2.51
CA SER A 14 -10.84 -1.55 2.30
C SER A 14 -9.47 -2.21 2.12
N ALA A 15 -9.47 -3.54 2.15
CA ALA A 15 -8.44 -4.42 1.65
C ALA A 15 -8.97 -4.93 0.31
N MET A 16 -8.21 -4.64 -0.72
CA MET A 16 -8.43 -5.00 -2.12
C MET A 16 -8.40 -6.51 -2.36
N SER A 17 -7.88 -7.29 -1.40
CA SER A 17 -7.81 -8.75 -1.33
C SER A 17 -7.58 -9.47 -2.67
N GLY A 18 -6.32 -9.74 -3.01
CA GLY A 18 -5.90 -10.32 -4.27
C GLY A 18 -6.10 -9.32 -5.41
N MET A 19 -5.52 -8.13 -5.23
CA MET A 19 -5.62 -7.02 -6.16
C MET A 19 -5.03 -7.36 -7.54
N ARG A 20 -5.20 -6.46 -8.50
CA ARG A 20 -4.75 -6.62 -9.88
C ARG A 20 -3.92 -5.42 -10.31
N MET A 21 -2.69 -5.67 -10.78
CA MET A 21 -1.76 -4.67 -11.28
C MET A 21 -1.25 -5.10 -12.65
N ASN A 22 -0.73 -4.14 -13.41
CA ASN A 22 -0.11 -4.36 -14.72
C ASN A 22 1.41 -4.24 -14.70
N PHE A 23 1.97 -3.40 -13.82
CA PHE A 23 3.40 -3.02 -13.78
C PHE A 23 3.96 -2.46 -15.09
N ASP A 24 5.22 -2.04 -15.04
CA ASP A 24 5.99 -1.52 -16.17
C ASP A 24 7.13 -2.44 -16.60
N ARG A 25 7.54 -3.41 -15.77
CA ARG A 25 8.60 -4.35 -16.12
C ARG A 25 8.23 -5.76 -15.66
N PRO A 26 8.78 -6.81 -16.30
CA PRO A 26 8.40 -8.17 -15.99
C PRO A 26 9.01 -8.66 -14.69
N GLU A 27 10.19 -8.20 -14.25
CA GLU A 27 10.88 -8.81 -13.11
C GLU A 27 10.00 -8.78 -11.87
N GLU A 28 9.53 -7.59 -11.56
CA GLU A 28 8.56 -7.24 -10.55
C GLU A 28 7.19 -7.86 -10.87
N ARG A 29 6.65 -7.75 -12.09
CA ARG A 29 5.31 -8.27 -12.40
C ARG A 29 5.21 -9.78 -12.21
N GLN A 30 6.23 -10.51 -12.67
CA GLN A 30 6.34 -11.95 -12.58
C GLN A 30 6.47 -12.36 -11.11
N TRP A 31 7.10 -11.55 -10.29
CA TRP A 31 7.26 -11.82 -8.86
C TRP A 31 5.96 -11.53 -8.14
N TRP A 32 5.30 -10.41 -8.44
CA TRP A 32 3.98 -10.05 -7.94
C TRP A 32 3.01 -11.20 -8.19
N ASN A 33 2.96 -11.68 -9.44
CA ASN A 33 2.14 -12.81 -9.81
C ASN A 33 2.45 -14.05 -8.97
N GLU A 34 3.71 -14.21 -8.58
CA GLU A 34 4.13 -15.36 -7.81
C GLU A 34 3.74 -15.19 -6.34
N ASN A 35 4.02 -14.04 -5.73
CA ASN A 35 3.80 -13.84 -4.30
C ASN A 35 2.29 -13.82 -4.01
N SER A 36 1.53 -12.97 -4.71
CA SER A 36 0.07 -12.80 -4.81
C SER A 36 -0.84 -12.88 -3.56
N ASN A 37 -0.30 -13.26 -2.41
CA ASN A 37 -1.03 -13.96 -1.35
C ASN A 37 -0.23 -13.89 -0.05
N ARG A 38 1.09 -14.09 -0.12
CA ARG A 38 1.92 -14.19 1.07
C ARG A 38 1.81 -12.95 1.94
N TYR A 39 1.80 -11.77 1.31
CA TYR A 39 1.69 -10.48 1.93
C TYR A 39 0.25 -9.95 1.78
N PRO A 40 -0.20 -9.08 2.68
CA PRO A 40 -1.54 -8.49 2.71
C PRO A 40 -1.81 -7.55 1.52
N ASN A 41 -3.07 -7.11 1.36
CA ASN A 41 -3.58 -6.37 0.21
C ASN A 41 -4.47 -5.21 0.69
N GLN A 42 -3.90 -4.23 1.38
CA GLN A 42 -4.60 -3.05 1.87
C GLN A 42 -3.59 -1.91 1.98
N VAL A 43 -4.06 -0.68 2.12
CA VAL A 43 -3.26 0.45 2.55
C VAL A 43 -4.03 1.18 3.66
N TYR A 44 -3.36 2.03 4.44
CA TYR A 44 -3.96 2.81 5.52
C TYR A 44 -3.64 4.28 5.27
N TYR A 45 -4.54 5.20 5.59
CA TYR A 45 -4.37 6.63 5.43
C TYR A 45 -4.72 7.33 6.72
N LYS A 46 -3.86 8.27 7.14
CA LYS A 46 -4.20 9.15 8.26
C LYS A 46 -5.24 10.13 7.76
N GLU A 47 -6.03 10.70 8.68
CA GLU A 47 -7.04 11.70 8.30
C GLU A 47 -6.44 13.10 8.40
N TYR A 48 -5.15 13.20 8.79
CA TYR A 48 -4.37 14.42 8.96
C TYR A 48 -4.99 15.33 10.05
N ASN A 49 -6.01 14.83 10.76
CA ASN A 49 -7.12 15.49 11.46
C ASN A 49 -7.86 16.56 10.65
N ASP A 50 -7.53 16.77 9.37
CA ASP A 50 -7.71 18.04 8.67
C ASP A 50 -8.30 17.89 7.27
N ARG A 51 -8.28 16.66 6.71
CA ARG A 51 -8.70 16.25 5.36
C ARG A 51 -8.72 17.38 4.32
N SER A 52 -7.64 18.15 4.25
CA SER A 52 -7.46 19.25 3.31
C SER A 52 -6.18 19.03 2.50
N VAL A 53 -5.50 17.92 2.78
CA VAL A 53 -4.28 17.44 2.18
C VAL A 53 -4.49 17.38 0.65
N PRO A 54 -3.42 17.61 -0.14
CA PRO A 54 -3.50 17.48 -1.57
C PRO A 54 -3.46 16.01 -1.97
N GLU A 55 -3.95 15.76 -3.16
CA GLU A 55 -3.93 14.49 -3.86
C GLU A 55 -2.54 13.84 -3.83
N GLY A 56 -1.48 14.66 -3.90
CA GLY A 56 -0.11 14.18 -3.93
C GLY A 56 0.30 13.62 -2.57
N ARG A 57 0.37 14.49 -1.55
CA ARG A 57 0.80 14.07 -0.21
C ARG A 57 -0.10 13.00 0.37
N PHE A 58 -1.40 13.00 0.06
CA PHE A 58 -2.32 11.96 0.55
C PHE A 58 -1.71 10.59 0.22
N VAL A 59 -1.46 10.34 -1.07
CA VAL A 59 -0.81 9.13 -1.55
C VAL A 59 0.62 9.07 -1.00
N ARG A 60 1.43 10.12 -1.10
CA ARG A 60 2.87 10.08 -0.78
C ARG A 60 3.13 9.74 0.70
N ASP A 61 2.24 10.10 1.61
CA ASP A 61 2.24 9.68 3.01
C ASP A 61 1.67 8.28 3.12
N CYS A 62 0.51 8.01 2.52
CA CYS A 62 -0.17 6.71 2.61
C CYS A 62 0.73 5.57 2.16
N VAL A 63 1.54 5.77 1.11
CA VAL A 63 2.41 4.73 0.62
C VAL A 63 3.42 4.36 1.72
N ASN A 64 4.01 5.39 2.31
CA ASN A 64 5.02 5.34 3.36
C ASN A 64 4.46 4.71 4.63
N ILE A 65 3.30 5.16 5.12
CA ILE A 65 2.70 4.56 6.31
C ILE A 65 2.41 3.06 6.06
N THR A 66 2.00 2.70 4.84
CA THR A 66 1.64 1.33 4.52
C THR A 66 2.90 0.45 4.47
N VAL A 67 4.01 0.91 3.87
CA VAL A 67 5.22 0.09 3.82
C VAL A 67 5.80 -0.15 5.21
N THR A 68 5.63 0.79 6.12
CA THR A 68 5.96 0.58 7.54
C THR A 68 5.05 -0.50 8.14
N GLU A 69 3.75 -0.47 7.90
CA GLU A 69 2.81 -1.47 8.41
C GLU A 69 3.05 -2.86 7.81
N TYR A 70 3.60 -2.94 6.60
CA TYR A 70 3.99 -4.19 5.95
C TYR A 70 5.41 -4.63 6.35
N LYS A 71 6.12 -3.87 7.19
CA LYS A 71 7.43 -4.21 7.73
C LYS A 71 8.48 -4.46 6.63
N ILE A 72 8.44 -3.69 5.53
CA ILE A 72 9.24 -3.93 4.32
C ILE A 72 10.61 -3.24 4.45
N ASP A 73 11.12 -2.66 3.36
CA ASP A 73 12.46 -2.17 3.07
C ASP A 73 13.57 -3.19 3.31
N PRO A 74 14.61 -3.23 2.45
CA PRO A 74 15.74 -4.11 2.61
C PRO A 74 16.66 -3.69 3.75
N ASN A 75 16.29 -2.65 4.51
CA ASN A 75 17.01 -2.18 5.69
C ASN A 75 16.11 -2.14 6.93
N GLU A 76 14.80 -2.42 6.82
CA GLU A 76 13.93 -2.55 7.99
C GLU A 76 13.52 -4.02 8.18
N ASN A 77 13.22 -4.75 7.10
CA ASN A 77 12.92 -6.18 7.15
C ASN A 77 14.17 -6.97 7.51
N GLN A 78 15.21 -6.93 6.66
CA GLN A 78 16.57 -7.40 6.84
C GLN A 78 17.32 -7.24 5.51
N ASN A 79 16.78 -7.77 4.40
CA ASN A 79 17.46 -7.93 3.11
C ASN A 79 16.40 -8.43 2.12
N VAL A 80 15.37 -7.64 1.86
CA VAL A 80 14.37 -7.98 0.87
C VAL A 80 15.00 -7.81 -0.51
N THR A 81 14.43 -8.50 -1.50
CA THR A 81 14.85 -8.31 -2.88
C THR A 81 14.16 -7.07 -3.47
N GLN A 82 14.82 -6.37 -4.40
CA GLN A 82 14.25 -5.22 -5.10
C GLN A 82 12.98 -5.58 -5.87
N VAL A 83 12.73 -6.83 -6.26
CA VAL A 83 11.40 -7.14 -6.81
C VAL A 83 10.36 -6.89 -5.72
N GLU A 84 10.57 -7.37 -4.49
CA GLU A 84 9.63 -7.11 -3.40
C GLU A 84 9.60 -5.62 -3.06
N VAL A 85 10.71 -4.88 -3.17
CA VAL A 85 10.67 -3.44 -2.89
C VAL A 85 9.72 -2.81 -3.90
N ARG A 86 9.98 -3.03 -5.18
CA ARG A 86 9.35 -2.30 -6.26
C ARG A 86 7.90 -2.71 -6.42
N VAL A 87 7.62 -4.01 -6.26
CA VAL A 87 6.26 -4.51 -6.18
C VAL A 87 5.57 -3.80 -5.04
N MET A 88 5.99 -3.98 -3.79
CA MET A 88 5.26 -3.40 -2.67
C MET A 88 5.36 -1.86 -2.63
N LYS A 89 6.10 -1.20 -3.53
CA LYS A 89 6.08 0.24 -3.65
C LYS A 89 4.98 0.61 -4.61
N GLN A 90 5.08 0.18 -5.88
CA GLN A 90 4.20 0.66 -6.91
C GLN A 90 2.78 0.13 -6.68
N VAL A 91 2.62 -1.13 -6.26
CA VAL A 91 1.33 -1.69 -5.91
C VAL A 91 0.67 -0.86 -4.82
N ILE A 92 1.43 -0.38 -3.83
CA ILE A 92 0.86 0.40 -2.76
C ILE A 92 0.46 1.74 -3.38
N GLN A 93 1.28 2.38 -4.22
CA GLN A 93 0.90 3.60 -4.93
C GLN A 93 -0.41 3.41 -5.70
N GLU A 94 -0.54 2.39 -6.54
CA GLU A 94 -1.75 2.10 -7.28
C GLU A 94 -2.91 1.83 -6.32
N MET A 95 -2.74 0.98 -5.31
CA MET A 95 -3.78 0.75 -4.30
C MET A 95 -4.12 2.03 -3.52
N CYS A 96 -3.20 2.99 -3.40
CA CYS A 96 -3.33 4.18 -2.59
C CYS A 96 -4.11 5.21 -3.38
N MET A 97 -3.74 5.40 -4.63
CA MET A 97 -4.45 6.22 -5.58
C MET A 97 -5.85 5.70 -5.84
N GLN A 98 -6.06 4.38 -5.74
CA GLN A 98 -7.40 3.86 -5.86
C GLN A 98 -8.22 4.25 -4.62
N GLN A 99 -7.71 3.97 -3.42
CA GLN A 99 -8.48 4.24 -2.21
C GLN A 99 -8.69 5.75 -2.00
N TYR A 100 -7.75 6.58 -2.47
CA TYR A 100 -7.81 8.03 -2.43
C TYR A 100 -9.16 8.53 -2.93
N GLN A 101 -9.77 7.83 -3.88
CA GLN A 101 -11.04 8.20 -4.45
C GLN A 101 -12.14 8.35 -3.38
N GLN A 102 -12.04 7.65 -2.23
CA GLN A 102 -12.92 7.79 -1.07
C GLN A 102 -12.91 9.21 -0.53
N TYR A 103 -11.81 9.96 -0.70
CA TYR A 103 -11.68 11.35 -0.30
C TYR A 103 -12.79 12.14 -0.97
N GLN A 104 -12.84 12.03 -2.31
CA GLN A 104 -13.72 12.80 -3.17
C GLN A 104 -15.17 12.36 -2.97
N LEU A 105 -15.38 11.08 -2.66
CA LEU A 105 -16.68 10.54 -2.35
C LEU A 105 -17.19 11.12 -1.03
N ALA A 106 -16.40 10.98 0.02
CA ALA A 106 -16.76 11.30 1.39
C ALA A 106 -16.95 12.81 1.60
N SER A 107 -16.13 13.63 0.92
CA SER A 107 -16.05 15.07 1.16
C SER A 107 -16.06 15.37 2.67
N GLY A 1 -1.24 -16.68 15.24
CA GLY A 1 -1.60 -15.39 14.61
C GLY A 1 -2.91 -15.52 13.86
N SER A 2 -3.64 -14.41 13.69
CA SER A 2 -4.94 -14.36 13.02
C SER A 2 -4.97 -13.06 12.21
N VAL A 3 -5.82 -12.09 12.55
CA VAL A 3 -5.94 -10.81 11.81
C VAL A 3 -4.69 -9.91 11.88
N VAL A 4 -3.66 -10.32 12.62
CA VAL A 4 -2.35 -9.69 12.76
C VAL A 4 -1.85 -9.22 11.39
N GLY A 5 -1.50 -7.94 11.30
CA GLY A 5 -0.94 -7.34 10.10
C GLY A 5 -1.11 -5.83 10.21
N GLY A 6 -0.05 -5.12 10.62
CA GLY A 6 -0.10 -3.68 10.83
C GLY A 6 -1.16 -3.33 11.87
N LEU A 7 -2.07 -2.42 11.52
CA LEU A 7 -3.09 -1.75 12.32
C LEU A 7 -2.46 -0.96 13.47
N GLY A 8 -2.60 0.37 13.40
CA GLY A 8 -2.04 1.30 14.38
C GLY A 8 -2.80 2.61 14.43
N GLY A 9 -4.07 2.58 14.85
CA GLY A 9 -4.90 3.76 14.99
C GLY A 9 -5.14 4.50 13.66
N TYR A 10 -4.77 3.91 12.53
CA TYR A 10 -5.01 4.47 11.20
C TYR A 10 -6.45 4.20 10.81
N ALA A 11 -6.98 4.99 9.88
CA ALA A 11 -8.12 4.56 9.10
C ALA A 11 -7.57 3.64 8.03
N LEU A 12 -8.24 2.53 7.76
CA LEU A 12 -8.03 1.67 6.61
C LEU A 12 -9.38 1.47 5.91
N GLY A 13 -9.40 0.93 4.69
CA GLY A 13 -10.59 0.99 3.83
C GLY A 13 -10.40 0.26 2.51
N SER A 14 -11.41 0.21 1.65
CA SER A 14 -11.43 -0.34 0.30
C SER A 14 -11.06 -1.82 0.07
N ALA A 15 -10.10 -2.39 0.80
CA ALA A 15 -9.68 -3.79 0.84
C ALA A 15 -9.97 -4.57 -0.45
N MET A 16 -9.09 -4.44 -1.44
CA MET A 16 -9.37 -4.78 -2.84
C MET A 16 -9.90 -6.20 -3.04
N SER A 17 -9.33 -7.19 -2.35
CA SER A 17 -9.55 -8.64 -2.45
C SER A 17 -9.37 -9.29 -3.84
N GLY A 18 -9.17 -8.48 -4.88
CA GLY A 18 -8.77 -8.91 -6.20
C GLY A 18 -7.91 -7.82 -6.81
N MET A 19 -6.77 -7.55 -6.17
CA MET A 19 -5.79 -6.61 -6.70
C MET A 19 -5.05 -7.29 -7.86
N ARG A 20 -4.75 -6.52 -8.88
CA ARG A 20 -4.10 -6.90 -10.12
C ARG A 20 -3.14 -5.78 -10.49
N MET A 21 -2.08 -6.10 -11.24
CA MET A 21 -1.08 -5.12 -11.65
C MET A 21 -0.21 -5.72 -12.75
N ASN A 22 0.23 -4.88 -13.69
CA ASN A 22 1.13 -5.25 -14.79
C ASN A 22 2.56 -4.75 -14.58
N PHE A 23 2.75 -3.69 -13.78
CA PHE A 23 4.02 -2.98 -13.58
C PHE A 23 4.66 -2.53 -14.89
N ASP A 24 5.81 -1.88 -14.78
CA ASP A 24 6.55 -1.35 -15.92
C ASP A 24 7.56 -2.37 -16.45
N ARG A 25 8.22 -3.14 -15.58
CA ARG A 25 9.17 -4.19 -15.96
C ARG A 25 8.58 -5.55 -15.62
N PRO A 26 9.10 -6.63 -16.21
CA PRO A 26 8.55 -7.95 -16.01
C PRO A 26 8.93 -8.58 -14.67
N GLU A 27 10.03 -8.19 -14.02
CA GLU A 27 10.57 -8.91 -12.87
C GLU A 27 9.62 -8.79 -11.68
N GLU A 28 9.28 -7.56 -11.31
CA GLU A 28 8.32 -7.29 -10.27
C GLU A 28 6.98 -7.99 -10.60
N ARG A 29 6.53 -7.97 -11.86
CA ARG A 29 5.27 -8.62 -12.22
C ARG A 29 5.36 -10.14 -12.10
N GLN A 30 6.52 -10.71 -12.41
CA GLN A 30 6.77 -12.12 -12.31
C GLN A 30 6.62 -12.50 -10.83
N TRP A 31 7.26 -11.74 -9.95
CA TRP A 31 7.29 -11.99 -8.52
C TRP A 31 5.91 -11.75 -7.88
N TRP A 32 5.17 -10.76 -8.36
CA TRP A 32 3.78 -10.48 -7.99
C TRP A 32 2.88 -11.67 -8.30
N ASN A 33 3.08 -12.34 -9.43
CA ASN A 33 2.32 -13.56 -9.69
C ASN A 33 2.76 -14.66 -8.75
N GLU A 34 4.07 -14.72 -8.49
CA GLU A 34 4.67 -15.81 -7.73
C GLU A 34 4.24 -15.75 -6.27
N ASN A 35 3.96 -14.54 -5.79
CA ASN A 35 3.32 -14.23 -4.54
C ASN A 35 1.93 -14.87 -4.55
N SER A 36 1.74 -15.89 -3.70
CA SER A 36 0.46 -16.54 -3.53
C SER A 36 -0.21 -16.21 -2.19
N ASN A 37 0.37 -15.34 -1.35
CA ASN A 37 -0.33 -14.77 -0.18
C ASN A 37 0.46 -13.71 0.61
N ARG A 38 1.68 -13.36 0.20
CA ARG A 38 2.72 -12.82 1.08
C ARG A 38 2.44 -11.42 1.60
N TYR A 39 1.44 -10.71 1.08
CA TYR A 39 1.00 -9.43 1.63
C TYR A 39 -0.52 -9.32 1.53
N PRO A 40 -1.15 -8.49 2.39
CA PRO A 40 -2.57 -8.15 2.33
C PRO A 40 -2.88 -7.23 1.14
N ASN A 41 -4.16 -6.90 0.95
CA ASN A 41 -4.67 -6.06 -0.14
C ASN A 41 -5.37 -4.83 0.42
N GLN A 42 -4.75 -4.14 1.36
CA GLN A 42 -5.31 -2.92 1.93
C GLN A 42 -4.20 -1.92 2.22
N VAL A 43 -4.51 -0.63 2.13
CA VAL A 43 -3.66 0.47 2.53
C VAL A 43 -4.35 1.19 3.69
N TYR A 44 -3.62 1.98 4.46
CA TYR A 44 -4.12 2.66 5.66
C TYR A 44 -3.80 4.15 5.44
N TYR A 45 -4.69 5.06 5.81
CA TYR A 45 -4.67 6.48 5.46
C TYR A 45 -4.93 7.32 6.71
N LYS A 46 -3.85 7.75 7.40
CA LYS A 46 -3.94 8.57 8.61
C LYS A 46 -4.90 9.73 8.39
N GLU A 47 -5.85 9.92 9.30
CA GLU A 47 -6.90 10.91 9.10
C GLU A 47 -6.35 12.31 9.37
N TYR A 48 -6.88 13.30 8.65
CA TYR A 48 -6.42 14.69 8.71
C TYR A 48 -7.55 15.56 9.23
N ASN A 49 -7.43 16.04 10.46
CA ASN A 49 -8.32 17.06 11.00
C ASN A 49 -8.22 18.36 10.18
N ASP A 50 -7.11 18.56 9.44
CA ASP A 50 -6.93 19.69 8.51
C ASP A 50 -7.69 19.49 7.20
N ARG A 51 -7.93 18.24 6.78
CA ARG A 51 -8.61 17.81 5.55
C ARG A 51 -8.52 18.77 4.35
N SER A 52 -7.32 19.30 4.10
CA SER A 52 -7.02 20.19 2.98
C SER A 52 -5.71 19.70 2.36
N VAL A 53 -5.59 18.38 2.26
CA VAL A 53 -4.35 17.75 1.85
C VAL A 53 -4.34 17.73 0.32
N PRO A 54 -3.19 17.95 -0.34
CA PRO A 54 -3.08 17.86 -1.77
C PRO A 54 -3.02 16.38 -2.19
N GLU A 55 -3.47 16.13 -3.41
CA GLU A 55 -3.49 14.81 -4.05
C GLU A 55 -2.11 14.13 -4.08
N GLY A 56 -1.04 14.91 -3.92
CA GLY A 56 0.33 14.42 -3.92
C GLY A 56 0.67 13.80 -2.59
N ARG A 57 0.66 14.61 -1.51
CA ARG A 57 0.95 14.18 -0.15
C ARG A 57 0.05 13.02 0.27
N PHE A 58 -1.22 13.00 -0.13
CA PHE A 58 -2.13 11.93 0.27
C PHE A 58 -1.51 10.59 -0.11
N VAL A 59 -1.28 10.37 -1.40
CA VAL A 59 -0.70 9.14 -1.89
C VAL A 59 0.70 8.98 -1.30
N ARG A 60 1.55 10.01 -1.30
CA ARG A 60 2.95 9.90 -0.87
C ARG A 60 3.06 9.34 0.55
N ASP A 61 2.22 9.80 1.46
CA ASP A 61 2.27 9.43 2.87
C ASP A 61 1.54 8.11 3.06
N CYS A 62 0.40 7.90 2.39
CA CYS A 62 -0.36 6.65 2.46
C CYS A 62 0.51 5.48 2.03
N VAL A 63 1.35 5.67 1.01
CA VAL A 63 2.22 4.60 0.55
C VAL A 63 3.24 4.28 1.64
N ASN A 64 3.84 5.32 2.22
CA ASN A 64 4.83 5.23 3.30
C ASN A 64 4.27 4.53 4.53
N ILE A 65 3.05 4.88 4.96
CA ILE A 65 2.41 4.17 6.06
C ILE A 65 2.34 2.69 5.72
N THR A 66 1.85 2.35 4.54
CA THR A 66 1.51 0.96 4.28
C THR A 66 2.80 0.13 4.21
N VAL A 67 3.87 0.65 3.60
CA VAL A 67 5.15 -0.05 3.61
C VAL A 67 5.74 -0.18 5.02
N THR A 68 5.52 0.81 5.89
CA THR A 68 5.91 0.74 7.30
C THR A 68 5.12 -0.37 8.01
N GLU A 69 3.80 -0.38 7.85
CA GLU A 69 2.88 -1.33 8.47
C GLU A 69 3.09 -2.75 7.94
N TYR A 70 3.65 -2.90 6.74
CA TYR A 70 3.98 -4.15 6.09
C TYR A 70 5.40 -4.62 6.43
N LYS A 71 6.22 -3.81 7.12
CA LYS A 71 7.63 -4.07 7.42
C LYS A 71 8.38 -4.50 6.15
N ILE A 72 8.66 -3.54 5.28
CA ILE A 72 9.39 -3.75 4.02
C ILE A 72 10.63 -2.83 4.05
N ASP A 73 11.25 -2.59 2.88
CA ASP A 73 12.52 -1.89 2.60
C ASP A 73 13.72 -2.76 2.98
N PRO A 74 14.80 -2.76 2.17
CA PRO A 74 16.07 -3.45 2.45
C PRO A 74 16.95 -2.61 3.39
N ASN A 75 16.27 -1.96 4.30
CA ASN A 75 16.82 -1.31 5.47
C ASN A 75 15.88 -1.53 6.64
N GLU A 76 14.57 -1.31 6.44
CA GLU A 76 13.62 -1.23 7.54
C GLU A 76 13.00 -2.59 7.90
N ASN A 77 13.03 -3.60 7.02
CA ASN A 77 12.83 -4.98 7.47
C ASN A 77 14.17 -5.51 7.98
N GLN A 78 15.14 -5.57 7.07
CA GLN A 78 16.53 -5.99 7.20
C GLN A 78 17.09 -6.07 5.77
N ASN A 79 16.62 -7.04 4.97
CA ASN A 79 17.38 -7.58 3.85
C ASN A 79 16.54 -7.52 2.57
N VAL A 80 15.48 -8.32 2.51
CA VAL A 80 14.47 -8.37 1.47
C VAL A 80 15.04 -8.61 0.06
N THR A 81 14.18 -8.60 -0.96
CA THR A 81 14.54 -8.71 -2.36
C THR A 81 13.89 -7.52 -3.09
N GLN A 82 14.63 -6.77 -3.91
CA GLN A 82 14.16 -5.54 -4.56
C GLN A 82 12.97 -5.77 -5.50
N VAL A 83 12.77 -6.98 -6.05
CA VAL A 83 11.53 -7.25 -6.79
C VAL A 83 10.35 -7.00 -5.85
N GLU A 84 10.41 -7.50 -4.61
CA GLU A 84 9.35 -7.30 -3.62
C GLU A 84 9.28 -5.83 -3.23
N VAL A 85 10.41 -5.11 -3.10
CA VAL A 85 10.36 -3.70 -2.71
C VAL A 85 9.55 -2.94 -3.74
N ARG A 86 9.88 -3.17 -5.02
CA ARG A 86 9.29 -2.51 -6.17
C ARG A 86 7.84 -2.92 -6.37
N VAL A 87 7.51 -4.21 -6.24
CA VAL A 87 6.14 -4.70 -6.22
C VAL A 87 5.38 -3.90 -5.19
N MET A 88 5.77 -4.00 -3.91
CA MET A 88 5.04 -3.39 -2.83
C MET A 88 5.15 -1.87 -2.81
N LYS A 89 5.87 -1.23 -3.75
CA LYS A 89 5.89 0.23 -3.88
C LYS A 89 4.93 0.64 -4.98
N GLN A 90 5.06 0.05 -6.16
CA GLN A 90 4.21 0.36 -7.30
C GLN A 90 2.77 0.02 -6.93
N VAL A 91 2.52 -1.20 -6.46
CA VAL A 91 1.20 -1.69 -6.10
C VAL A 91 0.59 -0.85 -4.98
N ILE A 92 1.37 -0.40 -4.00
CA ILE A 92 0.81 0.37 -2.90
C ILE A 92 0.50 1.75 -3.47
N GLN A 93 1.34 2.37 -4.31
CA GLN A 93 0.98 3.64 -4.96
C GLN A 93 -0.32 3.49 -5.75
N GLU A 94 -0.47 2.43 -6.56
CA GLU A 94 -1.69 2.19 -7.32
C GLU A 94 -2.87 1.98 -6.36
N MET A 95 -2.74 1.13 -5.34
CA MET A 95 -3.79 0.95 -4.34
C MET A 95 -4.09 2.26 -3.59
N CYS A 96 -3.11 3.16 -3.43
CA CYS A 96 -3.22 4.38 -2.66
C CYS A 96 -3.89 5.47 -3.49
N MET A 97 -3.55 5.54 -4.78
CA MET A 97 -4.14 6.45 -5.74
C MET A 97 -5.60 6.11 -6.01
N GLN A 98 -5.93 4.81 -6.06
CA GLN A 98 -7.31 4.41 -6.16
C GLN A 98 -8.03 4.72 -4.84
N GLN A 99 -7.48 4.28 -3.69
CA GLN A 99 -8.10 4.48 -2.39
C GLN A 99 -8.34 5.97 -2.09
N TYR A 100 -7.45 6.85 -2.54
CA TYR A 100 -7.62 8.31 -2.44
C TYR A 100 -9.05 8.74 -2.79
N GLN A 101 -9.69 8.14 -3.82
CA GLN A 101 -11.01 8.48 -4.26
C GLN A 101 -12.04 8.41 -3.13
N GLN A 102 -11.85 7.54 -2.13
CA GLN A 102 -12.71 7.40 -0.95
C GLN A 102 -12.78 8.71 -0.17
N TYR A 103 -11.77 9.58 -0.28
CA TYR A 103 -11.75 10.89 0.34
C TYR A 103 -12.88 11.74 -0.23
N GLN A 104 -13.03 11.74 -1.56
CA GLN A 104 -13.99 12.57 -2.27
C GLN A 104 -15.39 11.97 -2.17
N LEU A 105 -15.50 10.70 -1.78
CA LEU A 105 -16.76 10.08 -1.37
C LEU A 105 -17.10 10.47 0.06
N ALA A 106 -16.10 10.48 0.94
CA ALA A 106 -16.23 10.77 2.36
C ALA A 106 -16.59 12.23 2.64
N SER A 107 -16.05 13.13 1.82
CA SER A 107 -16.04 14.56 2.04
C SER A 107 -16.34 15.23 0.73
N GLY A 1 -5.49 -13.90 8.61
CA GLY A 1 -5.04 -14.41 9.91
C GLY A 1 -4.84 -13.23 10.85
N SER A 2 -5.60 -13.18 11.95
CA SER A 2 -5.75 -12.01 12.80
C SER A 2 -4.40 -11.49 13.29
N VAL A 3 -4.07 -10.24 12.94
CA VAL A 3 -2.96 -9.45 13.48
C VAL A 3 -3.49 -8.03 13.66
N VAL A 4 -3.06 -7.38 14.73
CA VAL A 4 -3.38 -6.00 15.06
C VAL A 4 -2.05 -5.27 15.34
N GLY A 5 -1.97 -3.99 15.01
CA GLY A 5 -0.75 -3.23 15.10
C GLY A 5 -1.07 -1.77 14.83
N GLY A 6 -1.28 -1.42 13.56
CA GLY A 6 -1.46 -0.05 13.11
C GLY A 6 -2.58 0.06 12.10
N LEU A 7 -3.67 -0.68 12.28
CA LEU A 7 -4.87 -0.60 11.52
C LEU A 7 -5.79 0.51 12.02
N GLY A 8 -5.71 0.76 13.32
CA GLY A 8 -6.74 1.42 14.12
C GLY A 8 -6.41 2.85 14.49
N GLY A 9 -5.12 3.19 14.65
CA GLY A 9 -4.64 4.57 14.78
C GLY A 9 -4.57 5.28 13.43
N TYR A 10 -4.98 4.59 12.38
CA TYR A 10 -5.14 5.04 11.02
C TYR A 10 -6.57 4.74 10.63
N ALA A 11 -7.03 5.32 9.52
CA ALA A 11 -8.14 4.77 8.79
C ALA A 11 -7.54 3.81 7.77
N LEU A 12 -8.17 2.67 7.54
CA LEU A 12 -7.91 1.82 6.40
C LEU A 12 -9.21 1.71 5.57
N GLY A 13 -9.16 1.09 4.41
CA GLY A 13 -10.21 1.20 3.40
C GLY A 13 -10.79 -0.16 3.06
N SER A 14 -11.02 -0.37 1.76
CA SER A 14 -11.38 -1.66 1.21
C SER A 14 -10.13 -2.46 0.91
N ALA A 15 -10.23 -3.75 1.23
CA ALA A 15 -9.41 -4.82 0.77
C ALA A 15 -9.90 -5.18 -0.64
N MET A 16 -9.11 -4.84 -1.65
CA MET A 16 -9.44 -4.93 -3.10
C MET A 16 -9.70 -6.36 -3.63
N SER A 17 -9.26 -7.38 -2.90
CA SER A 17 -9.47 -8.80 -3.15
C SER A 17 -9.01 -9.31 -4.53
N GLY A 18 -7.76 -9.76 -4.58
CA GLY A 18 -7.18 -10.44 -5.73
C GLY A 18 -6.90 -9.48 -6.87
N MET A 19 -6.44 -8.26 -6.55
CA MET A 19 -6.21 -7.19 -7.49
C MET A 19 -5.10 -7.50 -8.50
N ARG A 20 -4.88 -6.58 -9.45
CA ARG A 20 -3.98 -6.77 -10.58
C ARG A 20 -3.23 -5.46 -10.86
N MET A 21 -2.12 -5.59 -11.58
CA MET A 21 -1.22 -4.53 -11.99
C MET A 21 -0.54 -4.98 -13.29
N ASN A 22 0.15 -4.07 -13.97
CA ASN A 22 0.87 -4.29 -15.22
C ASN A 22 2.25 -3.65 -15.14
N PHE A 23 3.06 -4.13 -14.20
CA PHE A 23 4.31 -3.50 -13.78
C PHE A 23 5.23 -3.27 -14.97
N ASP A 24 5.97 -2.16 -14.88
CA ASP A 24 6.80 -1.62 -15.95
C ASP A 24 8.03 -2.48 -16.26
N ARG A 25 8.38 -3.47 -15.42
CA ARG A 25 9.42 -4.47 -15.66
C ARG A 25 8.89 -5.88 -15.37
N PRO A 26 9.49 -6.92 -15.95
CA PRO A 26 8.95 -8.27 -15.90
C PRO A 26 9.23 -8.97 -14.57
N GLU A 27 10.40 -8.78 -13.97
CA GLU A 27 10.86 -9.56 -12.82
C GLU A 27 9.94 -9.28 -11.62
N GLU A 28 9.62 -8.01 -11.41
CA GLU A 28 8.67 -7.55 -10.40
C GLU A 28 7.25 -8.05 -10.72
N ARG A 29 6.83 -8.05 -11.98
CA ARG A 29 5.53 -8.60 -12.38
C ARG A 29 5.45 -10.10 -12.05
N GLN A 30 6.53 -10.84 -12.32
CA GLN A 30 6.63 -12.24 -11.97
C GLN A 30 6.61 -12.39 -10.45
N TRP A 31 7.27 -11.53 -9.67
CA TRP A 31 7.38 -11.65 -8.22
C TRP A 31 6.00 -11.47 -7.58
N TRP A 32 5.25 -10.48 -8.06
CA TRP A 32 3.86 -10.26 -7.69
C TRP A 32 3.09 -11.55 -7.90
N ASN A 33 3.14 -12.11 -9.13
CA ASN A 33 2.48 -13.35 -9.48
C ASN A 33 2.96 -14.53 -8.64
N GLU A 34 4.21 -14.50 -8.19
CA GLU A 34 4.86 -15.57 -7.44
C GLU A 34 4.17 -15.66 -6.08
N ASN A 35 4.41 -14.66 -5.24
CA ASN A 35 4.03 -14.63 -3.83
C ASN A 35 2.57 -14.17 -3.64
N SER A 36 1.68 -14.51 -4.57
CA SER A 36 0.42 -13.81 -4.85
C SER A 36 -0.67 -13.85 -3.77
N ASN A 37 -0.34 -14.33 -2.59
CA ASN A 37 -1.24 -14.55 -1.46
C ASN A 37 -0.52 -14.24 -0.13
N ARG A 38 0.82 -14.07 -0.10
CA ARG A 38 1.56 -13.88 1.14
C ARG A 38 1.33 -12.49 1.75
N TYR A 39 1.00 -11.49 0.93
CA TYR A 39 0.68 -10.13 1.35
C TYR A 39 -0.80 -9.91 1.09
N PRO A 40 -1.54 -9.29 2.04
CA PRO A 40 -2.94 -8.94 1.85
C PRO A 40 -3.08 -7.83 0.81
N ASN A 41 -4.28 -7.69 0.28
CA ASN A 41 -4.73 -6.56 -0.52
C ASN A 41 -5.38 -5.58 0.45
N GLN A 42 -4.71 -4.47 0.79
CA GLN A 42 -5.30 -3.22 1.31
C GLN A 42 -4.18 -2.17 1.48
N VAL A 43 -4.54 -0.90 1.70
CA VAL A 43 -3.64 0.13 2.22
C VAL A 43 -4.29 0.83 3.43
N TYR A 44 -3.50 1.53 4.25
CA TYR A 44 -3.98 2.37 5.37
C TYR A 44 -3.61 3.82 5.07
N TYR A 45 -4.26 4.78 5.73
CA TYR A 45 -4.02 6.19 5.53
C TYR A 45 -4.15 6.94 6.85
N LYS A 46 -3.27 7.91 7.03
CA LYS A 46 -3.32 8.87 8.11
C LYS A 46 -4.62 9.65 7.99
N GLU A 47 -5.44 9.57 9.03
CA GLU A 47 -6.48 10.56 9.29
C GLU A 47 -5.76 11.89 9.52
N TYR A 48 -5.80 12.76 8.51
CA TYR A 48 -5.22 14.11 8.53
C TYR A 48 -6.23 15.02 9.18
N ASN A 49 -5.88 15.66 10.29
CA ASN A 49 -6.80 16.54 11.02
C ASN A 49 -7.13 17.79 10.20
N ASP A 50 -6.23 18.20 9.32
CA ASP A 50 -6.45 19.36 8.45
C ASP A 50 -7.41 19.01 7.31
N ARG A 51 -7.39 17.77 6.81
CA ARG A 51 -7.93 17.34 5.50
C ARG A 51 -7.83 18.46 4.46
N SER A 52 -6.61 18.94 4.25
CA SER A 52 -6.32 19.96 3.26
C SER A 52 -5.10 19.46 2.50
N VAL A 53 -5.10 18.18 2.12
CA VAL A 53 -3.92 17.48 1.65
C VAL A 53 -4.10 17.26 0.15
N PRO A 54 -3.05 17.46 -0.67
CA PRO A 54 -3.15 17.22 -2.08
C PRO A 54 -3.16 15.72 -2.34
N GLU A 55 -3.67 15.38 -3.53
CA GLU A 55 -3.68 14.06 -4.14
C GLU A 55 -2.34 13.34 -4.00
N GLY A 56 -1.22 14.07 -4.06
CA GLY A 56 0.10 13.46 -4.10
C GLY A 56 0.49 13.04 -2.69
N ARG A 57 0.59 14.01 -1.78
CA ARG A 57 1.05 13.73 -0.42
C ARG A 57 0.15 12.75 0.30
N PHE A 58 -1.16 12.69 0.00
CA PHE A 58 -2.03 11.67 0.60
C PHE A 58 -1.44 10.30 0.30
N VAL A 59 -1.35 9.93 -0.98
CA VAL A 59 -0.86 8.62 -1.40
C VAL A 59 0.59 8.46 -0.95
N ARG A 60 1.42 9.50 -1.08
CA ARG A 60 2.84 9.42 -0.75
C ARG A 60 3.08 9.10 0.71
N ASP A 61 2.24 9.57 1.64
CA ASP A 61 2.32 9.18 3.05
C ASP A 61 1.67 7.82 3.27
N CYS A 62 0.52 7.55 2.66
CA CYS A 62 -0.18 6.27 2.76
C CYS A 62 0.75 5.13 2.38
N VAL A 63 1.52 5.30 1.29
CA VAL A 63 2.34 4.21 0.81
C VAL A 63 3.37 3.86 1.87
N ASN A 64 4.03 4.88 2.43
CA ASN A 64 4.97 4.82 3.54
C ASN A 64 4.32 4.14 4.74
N ILE A 65 3.14 4.59 5.16
CA ILE A 65 2.39 3.99 6.27
C ILE A 65 2.18 2.50 6.03
N THR A 66 1.80 2.10 4.82
CA THR A 66 1.44 0.72 4.53
C THR A 66 2.71 -0.14 4.43
N VAL A 67 3.81 0.32 3.80
CA VAL A 67 5.07 -0.42 3.82
C VAL A 67 5.63 -0.53 5.24
N THR A 68 5.34 0.44 6.10
CA THR A 68 5.72 0.41 7.51
C THR A 68 4.84 -0.59 8.27
N GLU A 69 3.53 -0.66 8.00
CA GLU A 69 2.64 -1.63 8.66
C GLU A 69 2.94 -3.05 8.21
N TYR A 70 3.12 -3.22 6.91
CA TYR A 70 3.43 -4.46 6.26
C TYR A 70 4.90 -4.83 6.45
N LYS A 71 5.72 -3.93 7.05
CA LYS A 71 7.07 -4.18 7.51
C LYS A 71 7.94 -4.69 6.36
N ILE A 72 8.17 -3.80 5.39
CA ILE A 72 8.84 -4.02 4.11
C ILE A 72 9.82 -2.86 3.91
N ASP A 73 10.68 -2.99 2.89
CA ASP A 73 11.57 -2.02 2.23
C ASP A 73 13.01 -2.27 2.72
N PRO A 74 14.03 -2.42 1.87
CA PRO A 74 15.37 -2.64 2.36
C PRO A 74 15.94 -1.42 3.11
N ASN A 75 15.31 -0.23 3.05
CA ASN A 75 15.69 0.92 3.87
C ASN A 75 15.05 0.90 5.25
N GLU A 76 14.13 -0.02 5.51
CA GLU A 76 13.55 -0.24 6.83
C GLU A 76 14.11 -1.57 7.36
N ASN A 77 13.89 -2.65 6.62
CA ASN A 77 14.17 -3.99 7.14
C ASN A 77 15.64 -4.35 7.00
N GLN A 78 16.32 -3.75 6.01
CA GLN A 78 17.68 -4.07 5.63
C GLN A 78 17.85 -5.56 5.35
N ASN A 79 16.84 -6.19 4.71
CA ASN A 79 16.96 -7.60 4.31
C ASN A 79 16.10 -8.02 3.12
N VAL A 80 15.13 -7.21 2.68
CA VAL A 80 14.16 -7.58 1.65
C VAL A 80 14.79 -7.39 0.28
N THR A 81 14.26 -8.06 -0.74
CA THR A 81 14.78 -7.96 -2.10
C THR A 81 14.24 -6.73 -2.84
N GLN A 82 14.95 -6.29 -3.89
CA GLN A 82 14.55 -5.13 -4.67
C GLN A 82 13.26 -5.37 -5.47
N VAL A 83 12.90 -6.62 -5.79
CA VAL A 83 11.60 -6.87 -6.44
C VAL A 83 10.47 -6.60 -5.44
N GLU A 84 10.60 -7.09 -4.21
CA GLU A 84 9.60 -7.01 -3.16
C GLU A 84 9.26 -5.54 -2.89
N VAL A 85 10.28 -4.69 -2.70
CA VAL A 85 10.02 -3.28 -2.44
C VAL A 85 9.33 -2.64 -3.64
N ARG A 86 9.79 -2.92 -4.87
CA ARG A 86 9.21 -2.31 -6.06
C ARG A 86 7.74 -2.64 -6.16
N VAL A 87 7.40 -3.93 -6.05
CA VAL A 87 6.04 -4.41 -6.14
C VAL A 87 5.24 -3.75 -5.04
N MET A 88 5.61 -3.96 -3.77
CA MET A 88 4.85 -3.43 -2.66
C MET A 88 4.93 -1.89 -2.57
N LYS A 89 5.64 -1.19 -3.46
CA LYS A 89 5.55 0.26 -3.60
C LYS A 89 4.58 0.61 -4.69
N GLN A 90 4.82 0.18 -5.92
CA GLN A 90 4.02 0.53 -7.07
C GLN A 90 2.58 0.08 -6.86
N VAL A 91 2.40 -1.15 -6.36
CA VAL A 91 1.10 -1.68 -6.04
C VAL A 91 0.45 -0.78 -4.99
N ILE A 92 1.14 -0.42 -3.90
CA ILE A 92 0.54 0.37 -2.83
C ILE A 92 0.24 1.79 -3.33
N GLN A 93 0.94 2.30 -4.35
CA GLN A 93 0.57 3.57 -4.98
C GLN A 93 -0.77 3.38 -5.71
N GLU A 94 -0.91 2.32 -6.53
CA GLU A 94 -2.13 1.99 -7.27
C GLU A 94 -3.31 1.73 -6.32
N MET A 95 -3.17 0.70 -5.48
CA MET A 95 -4.16 0.26 -4.51
C MET A 95 -4.37 1.31 -3.41
N CYS A 96 -3.54 2.37 -3.34
CA CYS A 96 -3.89 3.55 -2.58
C CYS A 96 -4.76 4.45 -3.42
N MET A 97 -4.33 4.83 -4.62
CA MET A 97 -5.00 5.85 -5.42
C MET A 97 -6.49 5.57 -5.58
N GLN A 98 -6.89 4.31 -5.73
CA GLN A 98 -8.27 3.93 -5.80
C GLN A 98 -8.99 4.10 -4.44
N GLN A 99 -8.32 3.80 -3.32
CA GLN A 99 -8.81 3.97 -1.96
C GLN A 99 -8.91 5.46 -1.57
N TYR A 100 -7.87 6.24 -1.89
CA TYR A 100 -7.68 7.66 -1.58
C TYR A 100 -8.88 8.47 -2.01
N GLN A 101 -9.53 8.08 -3.11
CA GLN A 101 -10.75 8.68 -3.59
C GLN A 101 -11.76 8.88 -2.46
N GLN A 102 -11.90 7.93 -1.51
CA GLN A 102 -12.84 7.99 -0.40
C GLN A 102 -12.68 9.27 0.40
N TYR A 103 -11.46 9.83 0.45
CA TYR A 103 -11.24 11.06 1.18
C TYR A 103 -11.95 12.22 0.47
N GLN A 104 -11.72 12.35 -0.83
CA GLN A 104 -12.26 13.44 -1.66
C GLN A 104 -13.79 13.31 -1.81
N LEU A 105 -14.32 12.13 -1.54
CA LEU A 105 -15.74 11.87 -1.42
C LEU A 105 -16.20 12.35 -0.05
N ALA A 106 -15.61 11.81 1.02
CA ALA A 106 -16.01 11.98 2.40
C ALA A 106 -15.76 13.39 2.98
N SER A 107 -14.88 14.20 2.37
CA SER A 107 -14.52 15.57 2.76
C SER A 107 -13.78 16.22 1.59
N GLY A 1 -12.37 -16.31 9.21
CA GLY A 1 -11.39 -15.69 10.10
C GLY A 1 -11.21 -14.25 9.72
N SER A 2 -10.00 -13.74 9.89
CA SER A 2 -9.67 -12.35 9.63
C SER A 2 -8.24 -12.26 9.07
N VAL A 3 -7.76 -11.04 8.87
CA VAL A 3 -6.39 -10.72 8.51
C VAL A 3 -5.94 -9.66 9.52
N VAL A 4 -5.12 -10.03 10.49
CA VAL A 4 -4.42 -9.08 11.35
C VAL A 4 -3.18 -8.63 10.58
N GLY A 5 -2.71 -7.42 10.88
CA GLY A 5 -1.59 -6.77 10.25
C GLY A 5 -1.85 -5.28 10.29
N GLY A 6 -0.85 -4.51 10.68
CA GLY A 6 -0.98 -3.08 10.89
C GLY A 6 -2.14 -2.82 11.85
N LEU A 7 -2.86 -1.72 11.63
CA LEU A 7 -3.96 -1.19 12.42
C LEU A 7 -3.43 -0.68 13.75
N GLY A 8 -3.52 0.63 13.94
CA GLY A 8 -3.03 1.23 15.18
C GLY A 8 -3.28 2.71 15.28
N GLY A 9 -4.54 3.08 15.55
CA GLY A 9 -4.96 4.48 15.63
C GLY A 9 -5.07 5.13 14.24
N TYR A 10 -4.65 4.43 13.18
CA TYR A 10 -4.91 4.77 11.80
C TYR A 10 -6.32 4.32 11.47
N ALA A 11 -6.89 4.96 10.45
CA ALA A 11 -8.09 4.51 9.79
C ALA A 11 -7.61 3.71 8.57
N LEU A 12 -8.07 2.48 8.40
CA LEU A 12 -7.78 1.69 7.21
C LEU A 12 -9.01 1.61 6.31
N GLY A 13 -8.77 1.53 5.01
CA GLY A 13 -9.81 1.36 4.02
C GLY A 13 -10.05 -0.12 3.77
N SER A 14 -10.85 -0.40 2.76
CA SER A 14 -11.11 -1.75 2.32
C SER A 14 -9.93 -2.31 1.52
N ALA A 15 -10.02 -3.61 1.29
CA ALA A 15 -9.13 -4.44 0.52
C ALA A 15 -9.78 -4.57 -0.85
N MET A 16 -9.04 -4.16 -1.87
CA MET A 16 -9.49 -4.13 -3.27
C MET A 16 -10.01 -5.49 -3.74
N SER A 17 -9.38 -6.57 -3.28
CA SER A 17 -9.62 -8.01 -3.43
C SER A 17 -8.32 -8.64 -3.92
N GLY A 18 -8.34 -9.47 -4.97
CA GLY A 18 -7.13 -9.95 -5.62
C GLY A 18 -6.31 -8.82 -6.26
N MET A 19 -6.91 -7.64 -6.46
CA MET A 19 -6.29 -6.45 -7.05
C MET A 19 -5.68 -6.77 -8.42
N ARG A 20 -4.94 -5.85 -9.07
CA ARG A 20 -4.04 -6.16 -10.19
C ARG A 20 -3.08 -5.03 -10.45
N MET A 21 -1.88 -5.34 -10.95
CA MET A 21 -0.94 -4.38 -11.49
C MET A 21 -0.41 -4.82 -12.84
N ASN A 22 0.26 -3.91 -13.55
CA ASN A 22 0.63 -4.07 -14.95
C ASN A 22 1.90 -3.24 -15.24
N PHE A 23 2.96 -3.55 -14.49
CA PHE A 23 4.25 -2.83 -14.47
C PHE A 23 4.90 -2.73 -15.86
N ASP A 24 5.87 -1.82 -15.98
CA ASP A 24 6.58 -1.47 -17.20
C ASP A 24 7.82 -2.34 -17.44
N ARG A 25 8.23 -3.17 -16.48
CA ARG A 25 9.31 -4.15 -16.66
C ARG A 25 8.85 -5.54 -16.22
N PRO A 26 9.32 -6.61 -16.87
CA PRO A 26 8.93 -7.97 -16.51
C PRO A 26 9.37 -8.45 -15.12
N GLU A 27 10.59 -8.19 -14.65
CA GLU A 27 11.14 -8.76 -13.39
C GLU A 27 10.21 -8.55 -12.19
N GLU A 28 9.88 -7.29 -11.95
CA GLU A 28 9.02 -6.80 -10.88
C GLU A 28 7.61 -7.35 -11.03
N ARG A 29 7.03 -7.29 -12.24
CA ARG A 29 5.69 -7.80 -12.47
C ARG A 29 5.66 -9.28 -12.16
N GLN A 30 6.64 -10.03 -12.65
CA GLN A 30 6.73 -11.46 -12.46
C GLN A 30 6.65 -11.72 -10.96
N TRP A 31 7.39 -10.98 -10.13
CA TRP A 31 7.41 -11.21 -8.69
C TRP A 31 6.05 -10.96 -8.07
N TRP A 32 5.39 -9.84 -8.40
CA TRP A 32 4.02 -9.56 -7.95
C TRP A 32 3.11 -10.73 -8.32
N ASN A 33 3.18 -11.15 -9.59
CA ASN A 33 2.40 -12.26 -10.14
C ASN A 33 2.88 -13.63 -9.63
N GLU A 34 3.91 -13.71 -8.78
CA GLU A 34 4.42 -14.92 -8.13
C GLU A 34 4.08 -14.90 -6.62
N ASN A 35 3.68 -13.74 -6.08
CA ASN A 35 3.56 -13.47 -4.64
C ASN A 35 2.23 -12.81 -4.31
N SER A 36 1.24 -12.97 -5.19
CA SER A 36 -0.11 -12.43 -5.05
C SER A 36 -0.91 -13.27 -4.04
N ASN A 37 -0.45 -13.28 -2.79
CA ASN A 37 -1.14 -13.84 -1.62
C ASN A 37 -0.41 -13.44 -0.32
N ARG A 38 0.88 -13.09 -0.39
CA ARG A 38 1.78 -12.94 0.76
C ARG A 38 1.41 -11.78 1.70
N TYR A 39 0.45 -10.95 1.35
CA TYR A 39 0.12 -9.70 1.97
C TYR A 39 -1.39 -9.54 1.87
N PRO A 40 -1.98 -8.65 2.68
CA PRO A 40 -3.32 -8.12 2.42
C PRO A 40 -3.26 -7.29 1.13
N ASN A 41 -4.41 -6.87 0.60
CA ASN A 41 -4.48 -6.13 -0.65
C ASN A 41 -5.21 -4.82 -0.36
N GLN A 42 -4.67 -4.11 0.63
CA GLN A 42 -5.31 -3.07 1.41
C GLN A 42 -4.20 -2.15 1.93
N VAL A 43 -4.56 -0.96 2.40
CA VAL A 43 -3.65 0.06 2.87
C VAL A 43 -4.30 0.73 4.11
N TYR A 44 -3.59 1.63 4.79
CA TYR A 44 -4.05 2.39 5.93
C TYR A 44 -3.80 3.88 5.63
N TYR A 45 -4.52 4.78 6.30
CA TYR A 45 -4.35 6.22 6.21
C TYR A 45 -4.30 6.83 7.60
N LYS A 46 -3.35 7.74 7.80
CA LYS A 46 -3.50 8.79 8.80
C LYS A 46 -4.50 9.77 8.21
N GLU A 47 -5.53 10.15 8.97
CA GLU A 47 -6.51 11.15 8.56
C GLU A 47 -5.86 12.53 8.58
N TYR A 48 -6.29 13.45 7.70
CA TYR A 48 -5.56 14.68 7.40
C TYR A 48 -6.35 15.92 7.81
N ASN A 49 -5.79 16.65 8.78
CA ASN A 49 -6.35 17.94 9.19
C ASN A 49 -6.32 19.00 8.09
N ASP A 50 -5.52 18.85 7.04
CA ASP A 50 -5.44 19.85 5.96
C ASP A 50 -6.57 19.78 4.94
N ARG A 51 -7.20 18.62 4.86
CA ARG A 51 -8.37 18.31 4.03
C ARG A 51 -8.32 18.97 2.64
N SER A 52 -7.17 18.93 1.94
CA SER A 52 -7.03 19.44 0.57
C SER A 52 -5.78 18.86 -0.10
N VAL A 53 -5.81 17.66 -0.68
CA VAL A 53 -4.68 17.03 -1.32
C VAL A 53 -4.99 16.65 -2.77
N PRO A 54 -3.98 16.64 -3.65
CA PRO A 54 -4.09 16.11 -4.99
C PRO A 54 -3.77 14.60 -4.98
N GLU A 55 -3.57 14.04 -6.17
CA GLU A 55 -3.01 12.71 -6.44
C GLU A 55 -1.60 12.48 -5.88
N GLY A 56 -1.00 13.48 -5.21
CA GLY A 56 0.38 13.45 -4.75
C GLY A 56 0.37 13.29 -3.24
N ARG A 57 0.46 14.42 -2.53
CA ARG A 57 0.63 14.59 -1.09
C ARG A 57 0.11 13.41 -0.27
N PHE A 58 -1.18 13.09 -0.39
CA PHE A 58 -1.82 12.06 0.41
C PHE A 58 -1.26 10.69 0.08
N VAL A 59 -1.37 10.27 -1.18
CA VAL A 59 -0.93 8.95 -1.61
C VAL A 59 0.55 8.80 -1.24
N ARG A 60 1.36 9.84 -1.48
CA ARG A 60 2.79 9.93 -1.19
C ARG A 60 3.14 9.58 0.27
N ASP A 61 2.19 9.63 1.21
CA ASP A 61 2.41 9.25 2.62
C ASP A 61 1.50 8.12 3.07
N CYS A 62 0.33 7.95 2.47
CA CYS A 62 -0.52 6.78 2.67
C CYS A 62 0.29 5.52 2.30
N VAL A 63 1.19 5.64 1.31
CA VAL A 63 2.12 4.58 1.00
C VAL A 63 3.07 4.37 2.16
N ASN A 64 3.68 5.45 2.67
CA ASN A 64 4.69 5.44 3.72
C ASN A 64 4.14 4.82 5.00
N ILE A 65 2.88 5.08 5.34
CA ILE A 65 2.20 4.40 6.43
C ILE A 65 2.16 2.91 6.12
N THR A 66 1.65 2.50 4.96
CA THR A 66 1.36 1.10 4.72
C THR A 66 2.64 0.26 4.60
N VAL A 67 3.71 0.79 3.97
CA VAL A 67 4.99 0.09 3.84
C VAL A 67 5.63 -0.14 5.22
N THR A 68 5.49 0.83 6.13
CA THR A 68 5.91 0.73 7.52
C THR A 68 4.98 -0.28 8.24
N GLU A 69 3.67 -0.21 8.05
CA GLU A 69 2.69 -1.07 8.72
C GLU A 69 2.89 -2.54 8.34
N TYR A 70 3.28 -2.81 7.09
CA TYR A 70 3.61 -4.13 6.57
C TYR A 70 5.01 -4.59 7.01
N LYS A 71 5.88 -3.67 7.47
CA LYS A 71 7.35 -3.77 7.49
C LYS A 71 7.92 -4.37 6.20
N ILE A 72 7.98 -3.53 5.17
CA ILE A 72 8.72 -3.78 3.94
C ILE A 72 9.94 -2.87 3.98
N ASP A 73 11.10 -3.37 4.41
CA ASP A 73 12.35 -2.63 4.30
C ASP A 73 13.51 -3.62 4.19
N PRO A 74 14.43 -3.49 3.23
CA PRO A 74 15.48 -4.47 3.05
C PRO A 74 16.51 -4.49 4.17
N ASN A 75 16.84 -3.33 4.75
CA ASN A 75 17.79 -3.27 5.84
C ASN A 75 17.09 -3.70 7.13
N GLU A 76 15.93 -3.10 7.40
CA GLU A 76 15.25 -3.23 8.67
C GLU A 76 14.59 -4.61 8.85
N ASN A 77 14.19 -5.29 7.76
CA ASN A 77 13.73 -6.68 7.83
C ASN A 77 14.92 -7.59 8.09
N GLN A 78 15.79 -7.73 7.09
CA GLN A 78 16.85 -8.71 7.00
C GLN A 78 17.64 -8.30 5.77
N ASN A 79 17.07 -8.55 4.57
CA ASN A 79 17.65 -8.39 3.25
C ASN A 79 16.54 -8.76 2.26
N VAL A 80 15.47 -7.98 2.23
CA VAL A 80 14.40 -8.18 1.26
C VAL A 80 14.92 -7.79 -0.11
N THR A 81 14.38 -8.42 -1.12
CA THR A 81 14.75 -8.14 -2.49
C THR A 81 14.09 -6.84 -2.96
N GLN A 82 14.77 -6.10 -3.81
CA GLN A 82 14.26 -4.88 -4.42
C GLN A 82 12.98 -5.16 -5.22
N VAL A 83 12.69 -6.39 -5.69
CA VAL A 83 11.37 -6.58 -6.31
C VAL A 83 10.28 -6.30 -5.27
N GLU A 84 10.42 -6.80 -4.04
CA GLU A 84 9.52 -6.54 -2.93
C GLU A 84 9.49 -5.04 -2.62
N VAL A 85 10.65 -4.36 -2.54
CA VAL A 85 10.69 -2.97 -2.09
C VAL A 85 9.90 -2.05 -3.02
N ARG A 86 9.92 -2.41 -4.30
CA ARG A 86 9.52 -1.57 -5.41
C ARG A 86 8.11 -1.93 -5.87
N VAL A 87 7.79 -3.21 -6.13
CA VAL A 87 6.41 -3.71 -6.19
C VAL A 87 5.65 -3.14 -5.01
N MET A 88 6.01 -3.48 -3.78
CA MET A 88 5.18 -3.13 -2.64
C MET A 88 5.18 -1.62 -2.37
N LYS A 89 5.90 -0.76 -3.11
CA LYS A 89 5.69 0.68 -3.01
C LYS A 89 4.71 1.13 -4.06
N GLN A 90 4.91 0.72 -5.31
CA GLN A 90 4.03 1.10 -6.41
C GLN A 90 2.64 0.51 -6.22
N VAL A 91 2.51 -0.79 -5.95
CA VAL A 91 1.24 -1.46 -5.70
C VAL A 91 0.54 -0.78 -4.53
N ILE A 92 1.25 -0.37 -3.48
CA ILE A 92 0.63 0.32 -2.38
C ILE A 92 0.19 1.69 -2.90
N GLN A 93 0.95 2.41 -3.73
CA GLN A 93 0.53 3.65 -4.38
C GLN A 93 -0.78 3.46 -5.14
N GLU A 94 -0.86 2.48 -6.04
CA GLU A 94 -2.08 2.16 -6.79
C GLU A 94 -3.22 1.86 -5.83
N MET A 95 -3.02 0.93 -4.90
CA MET A 95 -4.04 0.61 -3.92
C MET A 95 -4.38 1.82 -3.04
N CYS A 96 -3.47 2.78 -2.85
CA CYS A 96 -3.61 3.97 -2.03
C CYS A 96 -4.35 5.05 -2.81
N MET A 97 -4.33 5.01 -4.14
CA MET A 97 -5.07 5.93 -4.99
C MET A 97 -6.54 5.55 -5.02
N GLN A 98 -6.86 4.27 -5.21
CA GLN A 98 -8.25 3.84 -5.11
C GLN A 98 -8.72 4.02 -3.69
N GLN A 99 -7.92 3.64 -2.69
CA GLN A 99 -8.37 3.75 -1.31
C GLN A 99 -8.42 5.21 -0.82
N TYR A 100 -7.60 6.13 -1.33
CA TYR A 100 -7.69 7.57 -1.05
C TYR A 100 -9.12 8.07 -1.27
N GLN A 101 -9.81 7.50 -2.26
CA GLN A 101 -11.10 8.00 -2.68
C GLN A 101 -12.14 8.02 -1.55
N GLN A 102 -12.07 7.20 -0.48
CA GLN A 102 -13.04 7.30 0.62
C GLN A 102 -13.08 8.70 1.20
N TYR A 103 -11.94 9.39 1.26
CA TYR A 103 -11.93 10.69 1.87
C TYR A 103 -12.82 11.63 1.07
N GLN A 104 -12.69 11.56 -0.26
CA GLN A 104 -13.39 12.35 -1.24
C GLN A 104 -14.80 11.78 -1.55
N LEU A 105 -15.16 10.60 -1.07
CA LEU A 105 -16.44 9.94 -1.38
C LEU A 105 -17.33 9.93 -0.15
N ALA A 106 -16.77 9.59 1.02
CA ALA A 106 -17.44 9.77 2.30
C ALA A 106 -17.90 11.22 2.50
N SER A 107 -17.07 12.21 2.14
CA SER A 107 -17.35 13.62 2.39
C SER A 107 -18.69 14.09 1.83
N GLY A 1 -6.68 -10.10 5.82
CA GLY A 1 -7.95 -9.87 6.52
C GLY A 1 -9.09 -10.40 5.67
N SER A 2 -10.26 -9.77 5.80
CA SER A 2 -11.36 -9.91 4.88
C SER A 2 -12.08 -8.56 4.91
N VAL A 3 -12.69 -8.26 6.05
CA VAL A 3 -13.49 -7.05 6.24
C VAL A 3 -12.74 -6.01 7.08
N VAL A 4 -11.84 -6.46 7.95
CA VAL A 4 -10.92 -5.64 8.71
C VAL A 4 -9.49 -6.12 8.39
N GLY A 5 -8.50 -5.27 8.65
CA GLY A 5 -7.09 -5.61 8.63
C GLY A 5 -6.43 -4.94 9.84
N GLY A 6 -5.36 -4.18 9.64
CA GLY A 6 -4.60 -3.55 10.71
C GLY A 6 -5.35 -2.38 11.37
N LEU A 7 -5.29 -1.19 10.77
CA LEU A 7 -5.80 0.11 11.26
C LEU A 7 -5.37 0.44 12.68
N GLY A 8 -4.24 -0.12 13.06
CA GLY A 8 -3.63 -0.08 14.39
C GLY A 8 -3.03 1.27 14.76
N GLY A 9 -3.69 2.36 14.37
CA GLY A 9 -3.33 3.76 14.55
C GLY A 9 -3.83 4.64 13.40
N TYR A 10 -4.78 4.14 12.60
CA TYR A 10 -5.04 4.61 11.24
C TYR A 10 -6.52 4.45 10.91
N ALA A 11 -6.90 4.80 9.69
CA ALA A 11 -8.05 4.21 9.02
C ALA A 11 -7.52 3.37 7.86
N LEU A 12 -8.31 2.40 7.42
CA LEU A 12 -8.14 1.70 6.16
C LEU A 12 -9.49 1.74 5.44
N GLY A 13 -9.47 1.57 4.13
CA GLY A 13 -10.62 1.96 3.30
C GLY A 13 -10.42 1.41 1.91
N SER A 14 -10.16 0.11 1.85
CA SER A 14 -9.76 -0.58 0.64
C SER A 14 -10.39 -1.95 0.51
N ALA A 15 -9.82 -2.93 1.24
CA ALA A 15 -10.05 -4.35 1.12
C ALA A 15 -10.27 -4.79 -0.34
N MET A 16 -9.27 -4.61 -1.21
CA MET A 16 -9.46 -4.76 -2.65
C MET A 16 -9.87 -6.19 -3.01
N SER A 17 -9.38 -7.17 -2.25
CA SER A 17 -9.72 -8.60 -2.29
C SER A 17 -9.62 -9.29 -3.64
N GLY A 18 -9.02 -8.64 -4.62
CA GLY A 18 -8.60 -9.20 -5.89
C GLY A 18 -7.63 -8.25 -6.58
N MET A 19 -6.52 -7.92 -5.91
CA MET A 19 -5.60 -6.92 -6.44
C MET A 19 -4.83 -7.46 -7.65
N ARG A 20 -4.57 -6.60 -8.63
CA ARG A 20 -3.79 -6.88 -9.84
C ARG A 20 -3.16 -5.60 -10.40
N MET A 21 -2.11 -5.77 -11.21
CA MET A 21 -1.22 -4.75 -11.77
C MET A 21 -0.45 -5.43 -12.91
N ASN A 22 0.17 -4.68 -13.83
CA ASN A 22 1.06 -5.19 -14.88
C ASN A 22 2.51 -4.74 -14.74
N PHE A 23 2.76 -3.60 -14.08
CA PHE A 23 4.10 -3.02 -13.90
C PHE A 23 4.75 -2.67 -15.25
N ASP A 24 6.04 -2.29 -15.20
CA ASP A 24 6.74 -1.62 -16.30
C ASP A 24 8.00 -2.39 -16.71
N ARG A 25 8.59 -3.18 -15.79
CA ARG A 25 9.55 -4.24 -16.14
C ARG A 25 8.95 -5.57 -15.69
N PRO A 26 9.32 -6.70 -16.32
CA PRO A 26 8.68 -7.98 -16.05
C PRO A 26 9.14 -8.61 -14.75
N GLU A 27 10.34 -8.31 -14.23
CA GLU A 27 10.91 -9.03 -13.10
C GLU A 27 9.99 -8.92 -11.87
N GLU A 28 9.58 -7.70 -11.55
CA GLU A 28 8.68 -7.42 -10.44
C GLU A 28 7.31 -8.08 -10.70
N ARG A 29 6.83 -8.12 -11.95
CA ARG A 29 5.58 -8.78 -12.33
C ARG A 29 5.71 -10.31 -12.16
N GLN A 30 6.88 -10.87 -12.40
CA GLN A 30 7.21 -12.27 -12.16
C GLN A 30 7.10 -12.54 -10.65
N TRP A 31 7.76 -11.73 -9.82
CA TRP A 31 7.81 -11.98 -8.39
C TRP A 31 6.43 -11.81 -7.75
N TRP A 32 5.66 -10.82 -8.21
CA TRP A 32 4.27 -10.63 -7.85
C TRP A 32 3.45 -11.89 -8.15
N ASN A 33 3.64 -12.48 -9.34
CA ASN A 33 2.96 -13.70 -9.71
C ASN A 33 3.33 -14.83 -8.75
N GLU A 34 4.60 -14.88 -8.38
CA GLU A 34 5.19 -15.95 -7.57
C GLU A 34 4.79 -15.83 -6.09
N ASN A 35 4.12 -14.75 -5.72
CA ASN A 35 3.74 -14.52 -4.35
C ASN A 35 2.65 -15.50 -3.90
N SER A 36 1.75 -15.92 -4.79
CA SER A 36 0.48 -16.55 -4.42
C SER A 36 -0.36 -15.58 -3.56
N ASN A 37 0.04 -15.27 -2.31
CA ASN A 37 -0.74 -14.45 -1.37
C ASN A 37 0.13 -14.03 -0.18
N ARG A 38 1.39 -13.66 -0.44
CA ARG A 38 2.38 -13.30 0.61
C ARG A 38 1.96 -12.08 1.39
N TYR A 39 1.12 -11.24 0.79
CA TYR A 39 0.74 -9.97 1.33
C TYR A 39 -0.74 -9.75 1.05
N PRO A 40 -1.45 -9.07 1.97
CA PRO A 40 -2.86 -8.78 1.83
C PRO A 40 -3.08 -7.71 0.76
N ASN A 41 -4.34 -7.50 0.42
CA ASN A 41 -4.79 -6.52 -0.57
C ASN A 41 -5.57 -5.44 0.15
N GLN A 42 -4.84 -4.58 0.86
CA GLN A 42 -5.40 -3.44 1.57
C GLN A 42 -4.30 -2.39 1.72
N VAL A 43 -4.66 -1.16 2.05
CA VAL A 43 -3.72 -0.12 2.43
C VAL A 43 -4.31 0.54 3.68
N TYR A 44 -3.70 1.62 4.17
CA TYR A 44 -4.22 2.42 5.28
C TYR A 44 -4.00 3.88 4.92
N TYR A 45 -4.46 4.78 5.78
CA TYR A 45 -4.24 6.20 5.70
C TYR A 45 -4.25 6.78 7.10
N LYS A 46 -3.48 7.84 7.26
CA LYS A 46 -3.25 8.53 8.50
C LYS A 46 -4.34 9.58 8.65
N GLU A 47 -4.90 9.73 9.84
CA GLU A 47 -6.09 10.56 10.01
C GLU A 47 -5.67 12.01 10.20
N TYR A 48 -5.55 12.73 9.09
CA TYR A 48 -5.12 14.12 9.04
C TYR A 48 -6.17 15.01 9.70
N ASN A 49 -5.76 15.75 10.71
CA ASN A 49 -6.54 16.89 11.19
C ASN A 49 -6.61 17.97 10.12
N ASP A 50 -5.55 18.20 9.36
CA ASP A 50 -5.43 19.45 8.57
C ASP A 50 -6.19 19.37 7.25
N ARG A 51 -6.54 18.15 6.81
CA ARG A 51 -7.27 17.80 5.58
C ARG A 51 -7.04 18.84 4.46
N SER A 52 -5.79 19.12 4.15
CA SER A 52 -5.40 19.92 3.00
C SER A 52 -4.27 19.18 2.29
N VAL A 53 -4.66 18.35 1.34
CA VAL A 53 -3.84 17.53 0.50
C VAL A 53 -4.43 17.60 -0.93
N PRO A 54 -3.58 17.54 -1.98
CA PRO A 54 -3.96 17.49 -3.38
C PRO A 54 -4.40 16.06 -3.75
N GLU A 55 -4.07 15.59 -4.96
CA GLU A 55 -4.21 14.18 -5.36
C GLU A 55 -2.99 13.33 -4.99
N GLY A 56 -1.89 13.91 -4.50
CA GLY A 56 -0.59 13.23 -4.40
C GLY A 56 0.03 13.15 -3.00
N ARG A 57 -0.25 14.08 -2.08
CA ARG A 57 0.41 14.17 -0.77
C ARG A 57 -0.07 13.05 0.14
N PHE A 58 -1.38 12.85 0.20
CA PHE A 58 -2.06 11.83 0.97
C PHE A 58 -1.42 10.50 0.63
N VAL A 59 -1.48 10.07 -0.63
CA VAL A 59 -0.88 8.80 -1.02
C VAL A 59 0.62 8.78 -0.71
N ARG A 60 1.37 9.89 -0.82
CA ARG A 60 2.82 9.86 -0.57
C ARG A 60 3.14 9.43 0.88
N ASP A 61 2.34 9.85 1.86
CA ASP A 61 2.44 9.39 3.24
C ASP A 61 1.79 8.02 3.41
N CYS A 62 0.61 7.82 2.81
CA CYS A 62 -0.18 6.60 2.92
C CYS A 62 0.57 5.35 2.38
N VAL A 63 1.42 5.52 1.36
CA VAL A 63 2.26 4.44 0.84
C VAL A 63 3.36 4.06 1.84
N ASN A 64 4.00 5.07 2.45
CA ASN A 64 4.97 4.94 3.54
C ASN A 64 4.31 4.27 4.75
N ILE A 65 3.09 4.66 5.09
CA ILE A 65 2.30 4.01 6.15
C ILE A 65 2.15 2.53 5.83
N THR A 66 1.75 2.19 4.61
CA THR A 66 1.41 0.82 4.31
C THR A 66 2.67 -0.06 4.27
N VAL A 67 3.83 0.42 3.78
CA VAL A 67 5.09 -0.34 3.85
C VAL A 67 5.55 -0.57 5.29
N THR A 68 5.22 0.38 6.17
CA THR A 68 5.49 0.23 7.60
C THR A 68 4.58 -0.87 8.15
N GLU A 69 3.27 -0.79 7.92
CA GLU A 69 2.28 -1.76 8.39
C GLU A 69 2.52 -3.17 7.81
N TYR A 70 3.23 -3.26 6.68
CA TYR A 70 3.56 -4.52 6.02
C TYR A 70 4.94 -5.05 6.43
N LYS A 71 5.76 -4.24 7.12
CA LYS A 71 7.19 -4.43 7.33
C LYS A 71 7.94 -4.72 6.03
N ILE A 72 8.28 -3.71 5.25
CA ILE A 72 9.05 -3.78 4.00
C ILE A 72 10.13 -2.69 4.03
N ASP A 73 10.76 -2.38 2.89
CA ASP A 73 11.86 -1.44 2.65
C ASP A 73 13.18 -1.94 3.29
N PRO A 74 14.33 -1.89 2.60
CA PRO A 74 15.62 -2.33 3.14
C PRO A 74 16.21 -1.35 4.17
N ASN A 75 15.45 -0.34 4.60
CA ASN A 75 15.76 0.37 5.84
C ASN A 75 14.81 -0.06 6.95
N GLU A 76 13.50 0.02 6.72
CA GLU A 76 12.52 -0.23 7.76
C GLU A 76 12.49 -1.72 8.14
N ASN A 77 12.82 -2.66 7.24
CA ASN A 77 12.72 -4.10 7.52
C ASN A 77 14.06 -4.69 7.95
N GLN A 78 15.07 -4.58 7.07
CA GLN A 78 16.41 -5.11 7.14
C GLN A 78 16.98 -5.13 5.72
N ASN A 79 16.54 -6.08 4.87
CA ASN A 79 17.38 -6.50 3.72
C ASN A 79 16.57 -6.67 2.45
N VAL A 80 15.50 -7.45 2.53
CA VAL A 80 14.45 -7.60 1.54
C VAL A 80 15.00 -7.94 0.14
N THR A 81 14.21 -7.74 -0.91
CA THR A 81 14.67 -7.70 -2.30
C THR A 81 13.95 -6.56 -3.04
N GLN A 82 14.60 -5.97 -4.04
CA GLN A 82 14.01 -4.90 -4.84
C GLN A 82 12.85 -5.35 -5.72
N VAL A 83 12.72 -6.64 -6.09
CA VAL A 83 11.48 -7.05 -6.77
C VAL A 83 10.31 -6.80 -5.82
N GLU A 84 10.44 -7.23 -4.56
CA GLU A 84 9.45 -6.97 -3.52
C GLU A 84 9.33 -5.47 -3.23
N VAL A 85 10.43 -4.69 -3.20
CA VAL A 85 10.29 -3.26 -2.90
C VAL A 85 9.40 -2.63 -3.95
N ARG A 86 9.66 -2.99 -5.21
CA ARG A 86 9.06 -2.35 -6.36
C ARG A 86 7.62 -2.77 -6.54
N VAL A 87 7.33 -4.08 -6.44
CA VAL A 87 5.97 -4.61 -6.35
C VAL A 87 5.25 -3.85 -5.25
N MET A 88 5.72 -4.00 -4.01
CA MET A 88 5.02 -3.44 -2.87
C MET A 88 5.06 -1.90 -2.83
N LYS A 89 5.66 -1.22 -3.80
CA LYS A 89 5.51 0.22 -3.92
C LYS A 89 4.59 0.60 -5.05
N GLN A 90 4.83 0.14 -6.28
CA GLN A 90 3.95 0.43 -7.40
C GLN A 90 2.55 -0.07 -7.09
N VAL A 91 2.44 -1.31 -6.60
CA VAL A 91 1.17 -1.87 -6.20
C VAL A 91 0.56 -0.95 -5.16
N ILE A 92 1.26 -0.68 -4.04
CA ILE A 92 0.71 0.04 -2.91
C ILE A 92 0.22 1.39 -3.43
N GLN A 93 1.00 2.15 -4.21
CA GLN A 93 0.58 3.41 -4.81
C GLN A 93 -0.77 3.28 -5.54
N GLU A 94 -0.94 2.28 -6.39
CA GLU A 94 -2.19 2.05 -7.13
C GLU A 94 -3.32 1.78 -6.15
N MET A 95 -3.17 0.76 -5.31
CA MET A 95 -4.16 0.34 -4.34
C MET A 95 -4.34 1.40 -3.23
N CYS A 96 -3.53 2.45 -3.20
CA CYS A 96 -3.61 3.62 -2.33
C CYS A 96 -4.35 4.75 -3.02
N MET A 97 -4.19 4.87 -4.35
CA MET A 97 -4.89 5.85 -5.16
C MET A 97 -6.36 5.49 -5.29
N GLN A 98 -6.70 4.20 -5.45
CA GLN A 98 -8.11 3.81 -5.46
C GLN A 98 -8.77 4.21 -4.13
N GLN A 99 -8.09 3.94 -3.00
CA GLN A 99 -8.54 4.32 -1.68
C GLN A 99 -8.65 5.85 -1.56
N TYR A 100 -7.65 6.60 -2.03
CA TYR A 100 -7.60 8.06 -1.90
C TYR A 100 -8.91 8.70 -2.35
N GLN A 101 -9.59 8.18 -3.37
CA GLN A 101 -10.84 8.69 -3.87
C GLN A 101 -11.94 8.79 -2.79
N GLN A 102 -11.86 8.02 -1.70
CA GLN A 102 -12.70 8.12 -0.51
C GLN A 102 -12.59 9.50 0.13
N TYR A 103 -11.47 10.20 -0.06
CA TYR A 103 -11.23 11.54 0.43
C TYR A 103 -12.27 12.51 -0.14
N GLN A 104 -12.59 12.34 -1.43
CA GLN A 104 -13.51 13.20 -2.17
C GLN A 104 -14.98 12.75 -1.97
N LEU A 105 -15.19 11.56 -1.40
CA LEU A 105 -16.51 11.07 -1.04
C LEU A 105 -16.86 11.50 0.37
N ALA A 106 -15.88 11.40 1.26
CA ALA A 106 -15.97 11.84 2.63
C ALA A 106 -16.22 13.33 2.65
N SER A 107 -15.34 14.08 1.98
CA SER A 107 -15.33 15.54 1.91
C SER A 107 -15.50 16.27 3.25
N GLY A 1 -9.98 -8.28 19.56
CA GLY A 1 -8.73 -8.58 18.88
C GLY A 1 -8.97 -8.87 17.42
N SER A 2 -8.42 -8.03 16.55
CA SER A 2 -8.22 -8.28 15.13
C SER A 2 -6.91 -7.57 14.76
N VAL A 3 -6.23 -8.04 13.72
CA VAL A 3 -4.91 -7.54 13.33
C VAL A 3 -4.85 -7.36 11.82
N VAL A 4 -5.13 -8.42 11.03
CA VAL A 4 -5.11 -8.43 9.56
C VAL A 4 -3.73 -8.14 8.92
N GLY A 5 -2.75 -7.80 9.75
CA GLY A 5 -1.37 -7.49 9.42
C GLY A 5 -0.81 -6.30 10.18
N GLY A 6 -1.61 -5.51 10.90
CA GLY A 6 -1.16 -4.32 11.62
C GLY A 6 -2.23 -3.89 12.61
N LEU A 7 -3.09 -2.93 12.21
CA LEU A 7 -4.24 -2.40 12.96
C LEU A 7 -3.75 -1.60 14.17
N GLY A 8 -3.79 -0.28 14.03
CA GLY A 8 -3.30 0.67 15.02
C GLY A 8 -3.93 2.05 14.87
N GLY A 9 -5.26 2.15 14.92
CA GLY A 9 -5.97 3.44 14.96
C GLY A 9 -5.91 4.23 13.65
N TYR A 10 -5.60 3.56 12.54
CA TYR A 10 -5.73 4.08 11.19
C TYR A 10 -7.16 3.90 10.72
N ALA A 11 -7.53 4.63 9.68
CA ALA A 11 -8.58 4.26 8.78
C ALA A 11 -7.93 3.28 7.81
N LEU A 12 -8.22 1.99 7.89
CA LEU A 12 -8.06 1.12 6.74
C LEU A 12 -9.37 1.15 5.95
N GLY A 13 -9.30 0.81 4.65
CA GLY A 13 -10.45 1.06 3.77
C GLY A 13 -10.03 0.84 2.33
N SER A 14 -10.03 -0.41 1.89
CA SER A 14 -9.71 -0.80 0.53
C SER A 14 -10.41 -2.13 0.25
N ALA A 15 -9.74 -3.25 0.52
CA ALA A 15 -10.28 -4.61 0.37
C ALA A 15 -10.81 -4.84 -1.05
N MET A 16 -10.00 -4.42 -2.04
CA MET A 16 -10.34 -4.28 -3.45
C MET A 16 -10.84 -5.63 -3.98
N SER A 17 -10.00 -6.66 -3.86
CA SER A 17 -10.33 -8.06 -4.02
C SER A 17 -10.69 -8.44 -5.46
N GLY A 18 -9.63 -8.62 -6.23
CA GLY A 18 -9.56 -9.14 -7.59
C GLY A 18 -8.62 -8.33 -8.47
N MET A 19 -8.40 -7.04 -8.18
CA MET A 19 -7.36 -6.28 -8.89
C MET A 19 -6.00 -6.90 -8.64
N ARG A 20 -5.09 -6.60 -9.55
CA ARG A 20 -3.68 -6.94 -9.54
C ARG A 20 -2.96 -5.81 -10.27
N MET A 21 -1.65 -5.93 -10.43
CA MET A 21 -0.83 -4.99 -11.17
C MET A 21 -0.07 -5.78 -12.25
N ASN A 22 0.28 -5.11 -13.35
CA ASN A 22 1.02 -5.69 -14.47
C ASN A 22 2.46 -5.18 -14.52
N PHE A 23 2.73 -4.02 -13.91
CA PHE A 23 4.00 -3.30 -13.88
C PHE A 23 4.47 -3.00 -15.31
N ASP A 24 5.65 -2.43 -15.47
CA ASP A 24 6.25 -2.16 -16.77
C ASP A 24 7.39 -3.13 -17.05
N ARG A 25 8.11 -3.53 -16.02
CA ARG A 25 9.27 -4.40 -16.10
C ARG A 25 8.92 -5.83 -15.68
N PRO A 26 9.53 -6.84 -16.32
CA PRO A 26 9.16 -8.23 -16.08
C PRO A 26 9.61 -8.79 -14.74
N GLU A 27 10.71 -8.34 -14.13
CA GLU A 27 11.21 -8.93 -12.90
C GLU A 27 10.18 -8.79 -11.77
N GLU A 28 9.75 -7.55 -11.52
CA GLU A 28 8.76 -7.23 -10.51
C GLU A 28 7.42 -7.92 -10.83
N ARG A 29 7.01 -8.03 -12.10
CA ARG A 29 5.78 -8.75 -12.45
C ARG A 29 5.93 -10.25 -12.20
N GLN A 30 7.12 -10.83 -12.37
CA GLN A 30 7.33 -12.24 -12.09
C GLN A 30 7.19 -12.45 -10.58
N TRP A 31 7.80 -11.58 -9.79
CA TRP A 31 7.83 -11.70 -8.34
C TRP A 31 6.40 -11.57 -7.78
N TRP A 32 5.64 -10.60 -8.29
CA TRP A 32 4.24 -10.41 -7.96
C TRP A 32 3.40 -11.66 -8.23
N ASN A 33 3.73 -12.41 -9.29
CA ASN A 33 3.04 -13.66 -9.57
C ASN A 33 3.47 -14.78 -8.61
N GLU A 34 4.68 -14.68 -8.08
CA GLU A 34 5.26 -15.65 -7.16
C GLU A 34 4.60 -15.45 -5.79
N ASN A 35 4.76 -14.27 -5.20
CA ASN A 35 4.37 -13.96 -3.83
C ASN A 35 2.85 -13.91 -3.60
N SER A 36 2.04 -14.28 -4.59
CA SER A 36 0.65 -13.92 -4.88
C SER A 36 -0.42 -14.29 -3.84
N ASN A 37 -0.06 -14.22 -2.55
CA ASN A 37 -0.84 -14.54 -1.37
C ASN A 37 -0.33 -13.82 -0.12
N ARG A 38 0.99 -13.63 0.03
CA ARG A 38 1.59 -13.32 1.32
C ARG A 38 1.02 -12.03 1.91
N TYR A 39 1.13 -10.93 1.15
CA TYR A 39 0.50 -9.68 1.48
C TYR A 39 -0.98 -9.74 1.06
N PRO A 40 -1.82 -8.93 1.71
CA PRO A 40 -3.26 -8.83 1.44
C PRO A 40 -3.59 -7.74 0.42
N ASN A 41 -4.80 -7.81 -0.12
CA ASN A 41 -5.50 -6.83 -0.97
C ASN A 41 -6.05 -5.66 -0.16
N GLN A 42 -5.25 -5.14 0.77
CA GLN A 42 -5.60 -4.01 1.61
C GLN A 42 -4.37 -3.16 1.93
N VAL A 43 -4.60 -1.95 2.44
CA VAL A 43 -3.64 -0.95 2.85
C VAL A 43 -4.27 -0.23 4.07
N TYR A 44 -3.60 0.76 4.65
CA TYR A 44 -4.12 1.62 5.70
C TYR A 44 -3.80 3.07 5.30
N TYR A 45 -4.48 4.05 5.88
CA TYR A 45 -4.21 5.45 5.69
C TYR A 45 -4.43 6.16 7.02
N LYS A 46 -3.66 7.23 7.29
CA LYS A 46 -3.93 8.06 8.45
C LYS A 46 -4.85 9.18 8.03
N GLU A 47 -5.59 9.73 8.98
CA GLU A 47 -6.33 10.95 8.76
C GLU A 47 -5.38 12.14 9.00
N TYR A 48 -5.76 13.31 8.47
CA TYR A 48 -5.05 14.57 8.60
C TYR A 48 -6.06 15.64 8.97
N ASN A 49 -6.08 16.12 10.22
CA ASN A 49 -6.92 17.25 10.66
C ASN A 49 -6.64 18.54 9.89
N ASP A 50 -5.61 18.55 9.04
CA ASP A 50 -5.26 19.65 8.16
C ASP A 50 -6.18 19.72 6.94
N ARG A 51 -6.57 18.55 6.44
CA ARG A 51 -7.23 18.27 5.17
C ARG A 51 -6.82 19.22 4.03
N SER A 52 -5.52 19.42 3.88
CA SER A 52 -4.96 20.07 2.71
C SER A 52 -3.84 19.22 2.14
N VAL A 53 -4.23 18.12 1.52
CA VAL A 53 -3.44 17.36 0.61
C VAL A 53 -4.15 17.46 -0.74
N PRO A 54 -3.41 17.50 -1.86
CA PRO A 54 -3.94 17.58 -3.20
C PRO A 54 -4.43 16.18 -3.61
N GLU A 55 -4.18 15.74 -4.84
CA GLU A 55 -4.33 14.32 -5.20
C GLU A 55 -3.18 13.47 -4.64
N GLY A 56 -1.96 14.02 -4.55
CA GLY A 56 -0.73 13.25 -4.39
C GLY A 56 -0.23 13.07 -2.95
N ARG A 57 -0.02 14.17 -2.18
CA ARG A 57 0.62 14.13 -0.84
C ARG A 57 0.04 13.03 0.05
N PHE A 58 -1.27 12.82 0.00
CA PHE A 58 -2.00 11.77 0.68
C PHE A 58 -1.29 10.46 0.39
N VAL A 59 -1.44 9.90 -0.82
CA VAL A 59 -0.91 8.58 -1.14
C VAL A 59 0.60 8.54 -0.96
N ARG A 60 1.32 9.62 -1.30
CA ARG A 60 2.78 9.72 -1.16
C ARG A 60 3.25 9.24 0.22
N ASP A 61 2.46 9.54 1.25
CA ASP A 61 2.77 9.24 2.65
C ASP A 61 1.90 8.12 3.19
N CYS A 62 0.69 7.93 2.67
CA CYS A 62 -0.20 6.83 3.00
C CYS A 62 0.42 5.50 2.54
N VAL A 63 1.30 5.53 1.54
CA VAL A 63 2.09 4.35 1.23
C VAL A 63 3.14 4.15 2.32
N ASN A 64 3.83 5.22 2.72
CA ASN A 64 4.81 5.23 3.81
C ASN A 64 4.18 4.77 5.14
N ILE A 65 2.85 4.85 5.30
CA ILE A 65 2.11 4.19 6.36
C ILE A 65 2.15 2.67 6.14
N THR A 66 1.55 2.19 5.05
CA THR A 66 1.31 0.77 4.85
C THR A 66 2.63 -0.02 4.81
N VAL A 67 3.69 0.50 4.21
CA VAL A 67 4.99 -0.16 4.17
C VAL A 67 5.63 -0.29 5.55
N THR A 68 5.31 0.59 6.50
CA THR A 68 5.76 0.47 7.88
C THR A 68 4.87 -0.54 8.62
N GLU A 69 3.54 -0.49 8.44
CA GLU A 69 2.61 -1.44 9.07
C GLU A 69 2.87 -2.88 8.58
N TYR A 70 3.64 -3.07 7.51
CA TYR A 70 4.02 -4.35 6.92
C TYR A 70 5.54 -4.58 6.87
N LYS A 71 6.36 -3.61 7.29
CA LYS A 71 7.83 -3.66 7.32
C LYS A 71 8.41 -4.07 5.97
N ILE A 72 8.36 -3.15 4.98
CA ILE A 72 8.77 -3.40 3.60
C ILE A 72 9.67 -2.26 3.09
N ASP A 73 10.93 -2.25 3.51
CA ASP A 73 11.99 -1.41 2.94
C ASP A 73 13.36 -1.93 3.36
N PRO A 74 14.18 -2.49 2.45
CA PRO A 74 15.43 -3.14 2.81
C PRO A 74 16.52 -2.17 3.24
N ASN A 75 16.29 -0.86 3.19
CA ASN A 75 17.31 0.05 3.68
C ASN A 75 17.18 0.23 5.19
N GLU A 76 15.95 0.10 5.70
CA GLU A 76 15.64 -0.11 7.10
C GLU A 76 15.90 -1.58 7.45
N ASN A 77 15.13 -2.49 6.83
CA ASN A 77 14.95 -3.86 7.29
C ASN A 77 16.18 -4.75 7.01
N GLN A 78 17.05 -4.33 6.07
CA GLN A 78 18.31 -4.94 5.65
C GLN A 78 18.24 -6.43 5.31
N ASN A 79 17.06 -6.96 4.96
CA ASN A 79 16.86 -8.37 4.65
C ASN A 79 15.97 -8.61 3.42
N VAL A 80 15.12 -7.66 3.04
CA VAL A 80 14.13 -7.79 1.98
C VAL A 80 14.79 -7.61 0.61
N THR A 81 14.12 -8.07 -0.43
CA THR A 81 14.59 -7.99 -1.81
C THR A 81 14.16 -6.68 -2.49
N GLN A 82 14.84 -6.33 -3.58
CA GLN A 82 14.55 -5.13 -4.36
C GLN A 82 13.26 -5.27 -5.18
N VAL A 83 12.83 -6.49 -5.52
CA VAL A 83 11.55 -6.65 -6.25
C VAL A 83 10.40 -6.37 -5.29
N GLU A 84 10.41 -6.97 -4.09
CA GLU A 84 9.35 -6.86 -3.10
C GLU A 84 9.10 -5.40 -2.76
N VAL A 85 10.15 -4.63 -2.46
CA VAL A 85 9.96 -3.25 -2.02
C VAL A 85 9.30 -2.44 -3.13
N ARG A 86 9.61 -2.75 -4.38
CA ARG A 86 9.14 -2.04 -5.54
C ARG A 86 7.70 -2.39 -5.87
N VAL A 87 7.38 -3.68 -5.97
CA VAL A 87 6.02 -4.21 -6.11
C VAL A 87 5.16 -3.66 -5.00
N MET A 88 5.51 -3.95 -3.75
CA MET A 88 4.83 -3.46 -2.57
C MET A 88 4.95 -1.93 -2.41
N LYS A 89 5.57 -1.20 -3.33
CA LYS A 89 5.31 0.23 -3.46
C LYS A 89 4.27 0.47 -4.52
N GLN A 90 4.55 0.17 -5.80
CA GLN A 90 3.64 0.47 -6.91
C GLN A 90 2.22 0.02 -6.60
N VAL A 91 2.07 -1.22 -6.13
CA VAL A 91 0.79 -1.83 -5.80
C VAL A 91 0.13 -1.12 -4.62
N ILE A 92 0.90 -0.67 -3.61
CA ILE A 92 0.32 0.05 -2.50
C ILE A 92 -0.13 1.39 -3.07
N GLN A 93 0.65 2.13 -3.85
CA GLN A 93 0.16 3.37 -4.46
C GLN A 93 -1.13 3.09 -5.21
N GLU A 94 -1.20 2.08 -6.06
CA GLU A 94 -2.38 1.82 -6.86
C GLU A 94 -3.58 1.49 -5.97
N MET A 95 -3.43 0.57 -5.01
CA MET A 95 -4.46 0.35 -4.00
C MET A 95 -4.83 1.65 -3.26
N CYS A 96 -3.85 2.49 -2.96
CA CYS A 96 -4.01 3.68 -2.16
C CYS A 96 -4.63 4.82 -2.98
N MET A 97 -4.49 4.80 -4.30
CA MET A 97 -5.06 5.80 -5.19
C MET A 97 -6.55 5.54 -5.34
N GLN A 98 -6.96 4.28 -5.53
CA GLN A 98 -8.38 3.99 -5.59
C GLN A 98 -9.02 4.16 -4.20
N GLN A 99 -8.24 4.09 -3.12
CA GLN A 99 -8.68 4.43 -1.78
C GLN A 99 -8.82 5.95 -1.64
N TYR A 100 -7.80 6.74 -2.03
CA TYR A 100 -7.72 8.19 -1.89
C TYR A 100 -9.00 8.89 -2.35
N GLN A 101 -9.65 8.35 -3.37
CA GLN A 101 -10.90 8.83 -3.93
C GLN A 101 -11.98 9.08 -2.85
N GLN A 102 -11.98 8.28 -1.78
CA GLN A 102 -12.83 8.36 -0.61
C GLN A 102 -12.65 9.68 0.10
N TYR A 103 -11.45 10.26 0.07
CA TYR A 103 -11.15 11.56 0.68
C TYR A 103 -12.12 12.59 0.10
N GLN A 104 -12.23 12.60 -1.22
CA GLN A 104 -12.97 13.56 -2.00
C GLN A 104 -14.47 13.26 -1.88
N LEU A 105 -14.86 11.99 -1.94
CA LEU A 105 -16.26 11.58 -1.78
C LEU A 105 -16.78 11.97 -0.40
N ALA A 106 -16.00 11.69 0.63
CA ALA A 106 -16.34 11.94 2.01
C ALA A 106 -16.41 13.43 2.27
N SER A 107 -15.39 14.16 1.82
CA SER A 107 -14.85 15.38 2.42
C SER A 107 -15.20 15.46 3.90
N GLY A 1 -13.16 -11.66 9.37
CA GLY A 1 -11.76 -12.13 9.29
C GLY A 1 -10.81 -11.20 10.02
N SER A 2 -9.71 -11.76 10.53
CA SER A 2 -8.65 -11.10 11.27
C SER A 2 -7.34 -11.07 10.44
N VAL A 3 -7.43 -11.32 9.14
CA VAL A 3 -6.32 -11.23 8.20
C VAL A 3 -6.02 -9.73 8.00
N VAL A 4 -5.17 -9.18 8.86
CA VAL A 4 -4.81 -7.77 8.93
C VAL A 4 -3.31 -7.72 9.26
N GLY A 5 -2.59 -6.69 8.77
CA GLY A 5 -1.14 -6.59 8.94
C GLY A 5 -0.76 -5.69 10.10
N GLY A 6 -1.16 -4.41 10.03
CA GLY A 6 -0.86 -3.38 11.01
C GLY A 6 -2.13 -3.05 11.77
N LEU A 7 -2.88 -2.02 11.30
CA LEU A 7 -4.07 -1.44 11.91
C LEU A 7 -3.69 -0.74 13.22
N GLY A 8 -3.88 0.57 13.30
CA GLY A 8 -3.63 1.31 14.53
C GLY A 8 -3.25 2.76 14.28
N GLY A 9 -4.18 3.68 14.53
CA GLY A 9 -3.96 5.12 14.38
C GLY A 9 -4.03 5.55 12.92
N TYR A 10 -4.70 4.76 12.10
CA TYR A 10 -4.92 4.95 10.68
C TYR A 10 -6.40 4.79 10.41
N ALA A 11 -6.80 5.09 9.17
CA ALA A 11 -8.08 4.66 8.63
C ALA A 11 -7.69 3.83 7.41
N LEU A 12 -7.99 2.54 7.44
CA LEU A 12 -7.88 1.67 6.27
C LEU A 12 -9.17 1.80 5.43
N GLY A 13 -9.27 1.18 4.25
CA GLY A 13 -10.47 1.32 3.41
C GLY A 13 -10.38 0.47 2.16
N SER A 14 -11.39 0.53 1.29
CA SER A 14 -11.68 -0.29 0.10
C SER A 14 -11.60 -1.79 0.30
N ALA A 15 -10.41 -2.33 0.62
CA ALA A 15 -10.06 -3.75 0.63
C ALA A 15 -10.29 -4.35 -0.76
N MET A 16 -9.44 -3.95 -1.71
CA MET A 16 -9.62 -4.16 -3.15
C MET A 16 -10.08 -5.58 -3.53
N SER A 17 -9.35 -6.58 -3.02
CA SER A 17 -9.39 -8.01 -3.32
C SER A 17 -9.11 -8.39 -4.78
N GLY A 18 -8.62 -9.62 -4.98
CA GLY A 18 -8.17 -10.17 -6.27
C GLY A 18 -7.25 -9.25 -7.08
N MET A 19 -6.62 -8.24 -6.48
CA MET A 19 -6.36 -7.00 -7.22
C MET A 19 -5.21 -7.19 -8.19
N ARG A 20 -5.34 -6.55 -9.36
CA ARG A 20 -4.44 -6.71 -10.47
C ARG A 20 -3.67 -5.43 -10.77
N MET A 21 -2.58 -5.63 -11.48
CA MET A 21 -1.59 -4.67 -11.93
C MET A 21 -1.03 -5.19 -13.24
N ASN A 22 -0.21 -4.35 -13.87
CA ASN A 22 0.54 -4.70 -15.07
C ASN A 22 2.05 -4.63 -14.87
N PHE A 23 2.51 -3.72 -14.00
CA PHE A 23 3.91 -3.40 -13.77
C PHE A 23 4.65 -3.08 -15.08
N ASP A 24 5.98 -3.00 -15.02
CA ASP A 24 6.83 -2.54 -16.12
C ASP A 24 7.92 -3.54 -16.46
N ARG A 25 8.57 -4.11 -15.44
CA ARG A 25 9.60 -5.13 -15.60
C ARG A 25 8.97 -6.50 -15.34
N PRO A 26 9.57 -7.57 -15.87
CA PRO A 26 9.03 -8.91 -15.72
C PRO A 26 9.32 -9.49 -14.34
N GLU A 27 10.49 -9.20 -13.75
CA GLU A 27 10.89 -9.82 -12.49
C GLU A 27 9.91 -9.46 -11.38
N GLU A 28 9.64 -8.17 -11.21
CA GLU A 28 8.64 -7.66 -10.28
C GLU A 28 7.25 -8.25 -10.61
N ARG A 29 6.86 -8.33 -11.89
CA ARG A 29 5.55 -8.86 -12.24
C ARG A 29 5.45 -10.34 -11.90
N GLN A 30 6.50 -11.13 -12.13
CA GLN A 30 6.49 -12.56 -11.87
C GLN A 30 6.57 -12.77 -10.36
N TRP A 31 7.34 -11.96 -9.63
CA TRP A 31 7.44 -12.04 -8.19
C TRP A 31 6.06 -11.79 -7.56
N TRP A 32 5.34 -10.78 -8.04
CA TRP A 32 3.99 -10.48 -7.60
C TRP A 32 3.07 -11.68 -7.75
N ASN A 33 3.15 -12.37 -8.89
CA ASN A 33 2.32 -13.55 -9.10
C ASN A 33 2.77 -14.70 -8.21
N GLU A 34 4.08 -14.80 -7.98
CA GLU A 34 4.75 -15.87 -7.26
C GLU A 34 4.40 -15.80 -5.77
N ASN A 35 4.32 -14.57 -5.26
CA ASN A 35 3.76 -14.16 -3.97
C ASN A 35 2.51 -15.00 -3.69
N SER A 36 1.60 -15.06 -4.66
CA SER A 36 0.29 -15.68 -4.57
C SER A 36 -0.63 -14.95 -3.57
N ASN A 37 -0.22 -14.78 -2.30
CA ASN A 37 -1.08 -14.16 -1.27
C ASN A 37 -0.29 -13.70 -0.03
N ARG A 38 1.05 -13.65 -0.06
CA ARG A 38 1.88 -13.33 1.12
C ARG A 38 1.59 -11.95 1.70
N TYR A 39 0.97 -11.07 0.93
CA TYR A 39 0.68 -9.71 1.29
C TYR A 39 -0.78 -9.44 0.98
N PRO A 40 -1.44 -8.58 1.78
CA PRO A 40 -2.81 -8.16 1.53
C PRO A 40 -2.84 -7.07 0.45
N ASN A 41 -4.07 -6.66 0.10
CA ASN A 41 -4.38 -5.68 -0.93
C ASN A 41 -5.02 -4.42 -0.34
N GLN A 42 -4.90 -4.19 0.96
CA GLN A 42 -5.55 -3.07 1.63
C GLN A 42 -4.51 -2.09 2.15
N VAL A 43 -4.63 -0.81 1.79
CA VAL A 43 -3.72 0.21 2.24
C VAL A 43 -4.39 0.89 3.44
N TYR A 44 -3.58 1.30 4.40
CA TYR A 44 -4.01 2.17 5.48
C TYR A 44 -3.65 3.57 4.99
N TYR A 45 -4.54 4.54 5.17
CA TYR A 45 -4.26 5.95 4.98
C TYR A 45 -4.41 6.64 6.33
N LYS A 46 -4.14 7.94 6.34
CA LYS A 46 -3.95 8.71 7.55
C LYS A 46 -4.98 9.81 7.53
N GLU A 47 -5.66 10.03 8.64
CA GLU A 47 -6.68 11.05 8.70
C GLU A 47 -6.08 12.46 8.74
N TYR A 48 -4.78 12.59 9.04
CA TYR A 48 -3.98 13.82 9.07
C TYR A 48 -4.46 14.87 10.08
N ASN A 49 -5.62 14.66 10.72
CA ASN A 49 -6.41 15.60 11.51
C ASN A 49 -7.22 16.49 10.56
N ASP A 50 -6.65 16.88 9.43
CA ASP A 50 -7.20 17.88 8.53
C ASP A 50 -7.37 17.28 7.14
N ARG A 51 -8.60 16.86 6.85
CA ARG A 51 -9.04 16.22 5.61
C ARG A 51 -9.18 17.21 4.44
N SER A 52 -8.23 18.13 4.31
CA SER A 52 -8.11 19.03 3.16
C SER A 52 -6.69 19.03 2.62
N VAL A 53 -5.85 18.12 3.15
CA VAL A 53 -4.67 17.59 2.51
C VAL A 53 -4.94 17.32 1.02
N PRO A 54 -3.96 17.53 0.14
CA PRO A 54 -4.09 17.32 -1.29
C PRO A 54 -3.89 15.86 -1.66
N GLU A 55 -4.22 15.50 -2.91
CA GLU A 55 -3.92 14.19 -3.49
C GLU A 55 -2.44 13.86 -3.36
N GLY A 56 -1.59 14.88 -3.49
CA GLY A 56 -0.16 14.70 -3.62
C GLY A 56 0.39 14.16 -2.33
N ARG A 57 0.34 14.93 -1.24
CA ARG A 57 0.79 14.47 0.06
C ARG A 57 0.04 13.21 0.49
N PHE A 58 -1.27 13.10 0.20
CA PHE A 58 -2.04 11.95 0.65
C PHE A 58 -1.38 10.70 0.09
N VAL A 59 -1.27 10.54 -1.22
CA VAL A 59 -0.64 9.37 -1.80
C VAL A 59 0.83 9.29 -1.37
N ARG A 60 1.61 10.38 -1.45
CA ARG A 60 3.07 10.32 -1.26
C ARG A 60 3.46 9.87 0.16
N ASP A 61 2.59 10.10 1.13
CA ASP A 61 2.82 9.69 2.51
C ASP A 61 2.10 8.37 2.78
N CYS A 62 0.91 8.14 2.22
CA CYS A 62 0.14 6.91 2.35
C CYS A 62 0.91 5.71 1.81
N VAL A 63 1.75 5.91 0.79
CA VAL A 63 2.58 4.83 0.29
C VAL A 63 3.56 4.39 1.38
N ASN A 64 4.17 5.36 2.08
CA ASN A 64 5.02 5.13 3.24
C ASN A 64 4.21 4.46 4.35
N ILE A 65 2.97 4.90 4.62
CA ILE A 65 2.12 4.31 5.64
C ILE A 65 2.00 2.80 5.41
N THR A 66 1.66 2.37 4.20
CA THR A 66 1.36 0.96 4.04
C THR A 66 2.66 0.13 4.00
N VAL A 67 3.79 0.61 3.45
CA VAL A 67 5.06 -0.12 3.60
C VAL A 67 5.52 -0.17 5.06
N THR A 68 5.18 0.86 5.85
CA THR A 68 5.43 0.88 7.28
C THR A 68 4.65 -0.26 7.94
N GLU A 69 3.33 -0.28 7.73
CA GLU A 69 2.41 -1.14 8.44
C GLU A 69 2.55 -2.59 7.99
N TYR A 70 2.89 -2.81 6.73
CA TYR A 70 3.26 -4.12 6.17
C TYR A 70 4.67 -4.55 6.60
N LYS A 71 5.47 -3.66 7.20
CA LYS A 71 6.82 -3.86 7.72
C LYS A 71 7.75 -4.40 6.62
N ILE A 72 8.17 -3.48 5.74
CA ILE A 72 9.00 -3.75 4.56
C ILE A 72 10.08 -2.65 4.46
N ASP A 73 10.88 -2.73 3.40
CA ASP A 73 11.85 -1.77 2.82
C ASP A 73 13.26 -2.24 3.22
N PRO A 74 14.19 -2.55 2.28
CA PRO A 74 15.55 -2.96 2.65
C PRO A 74 16.37 -1.80 3.24
N ASN A 75 15.77 -0.62 3.41
CA ASN A 75 16.34 0.51 4.11
C ASN A 75 15.79 0.66 5.53
N GLU A 76 14.81 -0.16 5.95
CA GLU A 76 14.14 -0.07 7.26
C GLU A 76 14.07 -1.44 7.94
N ASN A 77 13.92 -2.50 7.15
CA ASN A 77 13.83 -3.89 7.60
C ASN A 77 15.08 -4.67 7.16
N GLN A 78 15.80 -4.16 6.15
CA GLN A 78 17.15 -4.58 5.76
C GLN A 78 17.27 -6.07 5.40
N ASN A 79 16.16 -6.75 5.10
CA ASN A 79 16.13 -8.20 4.84
C ASN A 79 15.26 -8.57 3.63
N VAL A 80 14.75 -7.59 2.89
CA VAL A 80 13.70 -7.75 1.89
C VAL A 80 14.34 -7.64 0.50
N THR A 81 13.86 -8.40 -0.48
CA THR A 81 14.46 -8.39 -1.81
C THR A 81 14.06 -7.14 -2.61
N GLN A 82 14.86 -6.77 -3.62
CA GLN A 82 14.63 -5.58 -4.43
C GLN A 82 13.41 -5.74 -5.36
N VAL A 83 12.90 -6.95 -5.59
CA VAL A 83 11.60 -7.11 -6.27
C VAL A 83 10.48 -6.82 -5.28
N GLU A 84 10.53 -7.43 -4.07
CA GLU A 84 9.49 -7.37 -3.06
C GLU A 84 9.17 -5.92 -2.71
N VAL A 85 10.21 -5.12 -2.45
CA VAL A 85 10.04 -3.73 -2.06
C VAL A 85 9.28 -3.00 -3.18
N ARG A 86 9.72 -3.22 -4.42
CA ARG A 86 9.28 -2.48 -5.59
C ARG A 86 7.85 -2.82 -5.98
N VAL A 87 7.50 -4.11 -5.95
CA VAL A 87 6.14 -4.58 -6.11
C VAL A 87 5.30 -3.86 -5.07
N MET A 88 5.66 -4.00 -3.78
CA MET A 88 4.98 -3.33 -2.68
C MET A 88 5.10 -1.80 -2.72
N LYS A 89 5.77 -1.18 -3.69
CA LYS A 89 5.76 0.27 -3.85
C LYS A 89 4.79 0.64 -4.95
N GLN A 90 5.02 0.16 -6.18
CA GLN A 90 4.21 0.52 -7.32
C GLN A 90 2.75 0.09 -7.13
N VAL A 91 2.53 -1.12 -6.61
CA VAL A 91 1.20 -1.61 -6.24
C VAL A 91 0.59 -0.69 -5.19
N ILE A 92 1.32 -0.32 -4.13
CA ILE A 92 0.75 0.45 -3.05
C ILE A 92 0.42 1.85 -3.59
N GLN A 93 1.24 2.43 -4.45
CA GLN A 93 0.96 3.66 -5.18
C GLN A 93 -0.38 3.57 -5.91
N GLU A 94 -0.56 2.56 -6.78
CA GLU A 94 -1.81 2.38 -7.51
C GLU A 94 -2.96 2.26 -6.52
N MET A 95 -2.81 1.37 -5.52
CA MET A 95 -3.83 1.14 -4.51
C MET A 95 -4.12 2.44 -3.72
N CYS A 96 -3.16 3.36 -3.60
CA CYS A 96 -3.21 4.55 -2.77
C CYS A 96 -3.91 5.67 -3.54
N MET A 97 -3.68 5.74 -4.86
CA MET A 97 -4.28 6.72 -5.74
C MET A 97 -5.76 6.44 -5.95
N GLN A 98 -6.13 5.19 -6.13
CA GLN A 98 -7.54 4.85 -6.15
C GLN A 98 -8.14 5.11 -4.77
N GLN A 99 -7.51 4.65 -3.68
CA GLN A 99 -8.13 4.81 -2.38
C GLN A 99 -8.21 6.28 -1.92
N TYR A 100 -7.37 7.17 -2.45
CA TYR A 100 -7.51 8.63 -2.30
C TYR A 100 -8.89 9.12 -2.78
N GLN A 101 -9.52 8.46 -3.76
CA GLN A 101 -10.86 8.83 -4.18
C GLN A 101 -11.88 8.58 -3.04
N GLN A 102 -11.66 7.58 -2.16
CA GLN A 102 -12.46 7.35 -0.96
C GLN A 102 -12.32 8.51 0.03
N TYR A 103 -11.16 9.18 0.07
CA TYR A 103 -10.95 10.32 0.94
C TYR A 103 -11.76 11.53 0.46
N GLN A 104 -11.76 11.75 -0.86
CA GLN A 104 -12.59 12.78 -1.47
C GLN A 104 -14.08 12.43 -1.37
N LEU A 105 -14.42 11.15 -1.20
CA LEU A 105 -15.78 10.66 -1.01
C LEU A 105 -16.20 10.89 0.43
N ALA A 106 -15.60 10.13 1.34
CA ALA A 106 -15.94 10.04 2.74
C ALA A 106 -16.01 11.40 3.41
N SER A 107 -15.10 12.31 3.02
CA SER A 107 -15.09 13.69 3.51
C SER A 107 -15.25 13.73 5.03
N GLY A 1 -10.49 -17.31 11.26
CA GLY A 1 -9.40 -16.65 10.54
C GLY A 1 -9.82 -15.26 10.11
N SER A 2 -8.89 -14.31 10.17
CA SER A 2 -9.16 -12.89 9.92
C SER A 2 -7.94 -12.22 9.30
N VAL A 3 -8.16 -11.20 8.46
CA VAL A 3 -7.11 -10.37 7.90
C VAL A 3 -6.71 -9.29 8.93
N VAL A 4 -5.44 -9.34 9.34
CA VAL A 4 -4.76 -8.49 10.31
C VAL A 4 -3.41 -8.06 9.64
N GLY A 5 -2.61 -7.18 10.24
CA GLY A 5 -1.28 -6.83 9.72
C GLY A 5 -0.99 -5.32 9.70
N GLY A 6 -1.36 -4.57 10.73
CA GLY A 6 -1.33 -3.12 10.78
C GLY A 6 -2.38 -2.63 11.77
N LEU A 7 -3.32 -1.81 11.30
CA LEU A 7 -4.56 -1.46 11.96
C LEU A 7 -4.31 -0.99 13.40
N GLY A 8 -3.75 0.20 13.56
CA GLY A 8 -3.29 0.69 14.84
C GLY A 8 -3.18 2.21 14.81
N GLY A 9 -4.31 2.89 14.94
CA GLY A 9 -4.37 4.35 14.85
C GLY A 9 -4.47 4.81 13.38
N TYR A 10 -4.79 3.89 12.47
CA TYR A 10 -5.02 4.17 11.07
C TYR A 10 -6.49 3.98 10.78
N ALA A 11 -6.97 4.81 9.87
CA ALA A 11 -8.21 4.59 9.17
C ALA A 11 -7.84 3.64 8.04
N LEU A 12 -8.27 2.39 8.11
CA LEU A 12 -8.14 1.51 6.96
C LEU A 12 -9.41 1.60 6.17
N GLY A 13 -9.31 1.20 4.93
CA GLY A 13 -10.43 1.34 4.03
C GLY A 13 -10.02 1.09 2.60
N SER A 14 -10.01 -0.17 2.20
CA SER A 14 -9.86 -0.53 0.80
C SER A 14 -10.42 -1.92 0.52
N ALA A 15 -9.78 -2.95 1.11
CA ALA A 15 -10.11 -4.37 0.95
C ALA A 15 -10.43 -4.78 -0.51
N MET A 16 -9.61 -4.34 -1.47
CA MET A 16 -9.98 -4.30 -2.88
C MET A 16 -10.53 -5.62 -3.41
N SER A 17 -9.80 -6.71 -3.17
CA SER A 17 -9.91 -7.98 -3.90
C SER A 17 -9.82 -7.79 -5.41
N GLY A 18 -9.63 -8.90 -6.14
CA GLY A 18 -9.63 -8.98 -7.60
C GLY A 18 -8.60 -8.11 -8.36
N MET A 19 -7.74 -7.37 -7.66
CA MET A 19 -6.87 -6.32 -8.18
C MET A 19 -5.72 -6.95 -8.98
N ARG A 20 -5.10 -6.21 -9.89
CA ARG A 20 -3.97 -6.65 -10.70
C ARG A 20 -3.09 -5.47 -11.13
N MET A 21 -1.91 -5.80 -11.65
CA MET A 21 -0.88 -4.83 -12.00
C MET A 21 -0.13 -5.35 -13.23
N ASN A 22 0.57 -4.47 -13.97
CA ASN A 22 1.54 -4.87 -15.00
C ASN A 22 2.96 -4.49 -14.60
N PHE A 23 3.11 -3.45 -13.77
CA PHE A 23 4.34 -2.78 -13.37
C PHE A 23 5.08 -2.20 -14.56
N ASP A 24 6.06 -1.34 -14.27
CA ASP A 24 6.90 -0.78 -15.31
C ASP A 24 7.87 -1.83 -15.85
N ARG A 25 8.13 -2.94 -15.14
CA ARG A 25 9.06 -3.98 -15.57
C ARG A 25 8.57 -5.40 -15.25
N PRO A 26 9.08 -6.41 -15.99
CA PRO A 26 8.63 -7.79 -15.84
C PRO A 26 9.22 -8.53 -14.65
N GLU A 27 10.34 -8.10 -14.06
CA GLU A 27 10.96 -8.86 -12.98
C GLU A 27 10.09 -8.73 -11.73
N GLU A 28 9.75 -7.50 -11.36
CA GLU A 28 8.81 -7.16 -10.32
C GLU A 28 7.42 -7.72 -10.65
N ARG A 29 6.94 -7.65 -11.90
CA ARG A 29 5.67 -8.28 -12.27
C ARG A 29 5.65 -9.78 -11.96
N GLN A 30 6.68 -10.52 -12.40
CA GLN A 30 6.78 -11.94 -12.13
C GLN A 30 6.78 -12.17 -10.62
N TRP A 31 7.39 -11.29 -9.83
CA TRP A 31 7.54 -11.43 -8.40
C TRP A 31 6.23 -11.19 -7.66
N TRP A 32 5.43 -10.21 -8.08
CA TRP A 32 4.09 -9.99 -7.55
C TRP A 32 3.30 -11.30 -7.63
N ASN A 33 3.34 -11.94 -8.81
CA ASN A 33 2.65 -13.19 -9.08
C ASN A 33 3.27 -14.40 -8.36
N GLU A 34 4.49 -14.28 -7.82
CA GLU A 34 5.28 -15.34 -7.18
C GLU A 34 4.81 -15.59 -5.74
N ASN A 35 3.50 -15.52 -5.46
CA ASN A 35 3.00 -15.46 -4.09
C ASN A 35 1.68 -16.21 -3.94
N SER A 36 1.50 -16.90 -2.80
CA SER A 36 0.28 -17.67 -2.50
C SER A 36 -0.79 -16.85 -1.75
N ASN A 37 -0.41 -15.95 -0.84
CA ASN A 37 -1.31 -15.07 -0.08
C ASN A 37 -0.49 -14.10 0.80
N ARG A 38 0.72 -13.75 0.35
CA ARG A 38 1.74 -13.13 1.20
C ARG A 38 1.44 -11.69 1.54
N TYR A 39 0.64 -11.00 0.73
CA TYR A 39 0.21 -9.64 1.03
C TYR A 39 -1.30 -9.53 0.86
N PRO A 40 -1.99 -8.90 1.81
CA PRO A 40 -3.41 -8.60 1.69
C PRO A 40 -3.64 -7.50 0.64
N ASN A 41 -4.88 -7.37 0.17
CA ASN A 41 -5.32 -6.28 -0.72
C ASN A 41 -5.98 -5.20 0.12
N GLN A 42 -5.18 -4.43 0.86
CA GLN A 42 -5.65 -3.20 1.48
C GLN A 42 -4.46 -2.24 1.60
N VAL A 43 -4.77 -1.00 1.95
CA VAL A 43 -3.83 0.01 2.37
C VAL A 43 -4.53 0.74 3.51
N TYR A 44 -3.74 1.14 4.49
CA TYR A 44 -4.09 1.95 5.62
C TYR A 44 -3.84 3.41 5.24
N TYR A 45 -4.52 4.33 5.89
CA TYR A 45 -4.28 5.76 5.72
C TYR A 45 -4.50 6.43 7.08
N LYS A 46 -3.91 7.62 7.27
CA LYS A 46 -4.00 8.39 8.51
C LYS A 46 -5.03 9.48 8.31
N GLU A 47 -5.61 9.99 9.39
CA GLU A 47 -6.64 11.00 9.29
C GLU A 47 -6.06 12.38 9.58
N TYR A 48 -6.33 13.34 8.68
CA TYR A 48 -5.69 14.66 8.67
C TYR A 48 -6.62 15.64 9.39
N ASN A 49 -6.18 16.89 9.47
CA ASN A 49 -7.03 18.02 9.85
C ASN A 49 -7.46 18.71 8.57
N ASP A 50 -6.47 19.21 7.82
CA ASP A 50 -6.74 20.15 6.74
C ASP A 50 -7.13 19.35 5.51
N ARG A 51 -8.43 19.11 5.38
CA ARG A 51 -9.08 18.43 4.27
C ARG A 51 -9.08 19.37 3.06
N SER A 52 -7.89 19.59 2.51
CA SER A 52 -7.63 20.27 1.25
C SER A 52 -6.57 19.51 0.44
N VAL A 53 -6.04 18.40 0.96
CA VAL A 53 -4.82 17.76 0.52
C VAL A 53 -4.96 17.17 -0.90
N PRO A 54 -3.87 17.06 -1.69
CA PRO A 54 -3.89 16.45 -3.00
C PRO A 54 -3.63 14.94 -2.91
N GLU A 55 -3.92 14.22 -3.99
CA GLU A 55 -3.61 12.80 -4.12
C GLU A 55 -2.12 12.52 -3.93
N GLY A 56 -1.24 13.43 -4.34
CA GLY A 56 0.18 13.17 -4.27
C GLY A 56 0.62 13.05 -2.83
N ARG A 57 0.47 14.13 -2.04
CA ARG A 57 0.93 14.11 -0.66
C ARG A 57 0.11 13.13 0.18
N PHE A 58 -1.21 13.00 -0.04
CA PHE A 58 -2.02 12.04 0.71
C PHE A 58 -1.39 10.66 0.59
N VAL A 59 -1.20 10.21 -0.65
CA VAL A 59 -0.72 8.88 -0.92
C VAL A 59 0.76 8.77 -0.57
N ARG A 60 1.56 9.84 -0.67
CA ARG A 60 3.00 9.77 -0.32
C ARG A 60 3.16 9.27 1.11
N ASP A 61 2.35 9.81 2.02
CA ASP A 61 2.28 9.33 3.39
C ASP A 61 1.64 7.95 3.43
N CYS A 62 0.47 7.78 2.80
CA CYS A 62 -0.33 6.57 2.95
C CYS A 62 0.42 5.31 2.46
N VAL A 63 1.31 5.45 1.47
CA VAL A 63 2.15 4.37 1.01
C VAL A 63 3.17 4.02 2.08
N ASN A 64 3.85 5.02 2.62
CA ASN A 64 4.82 4.90 3.69
C ASN A 64 4.17 4.22 4.89
N ILE A 65 2.95 4.63 5.26
CA ILE A 65 2.16 4.02 6.32
C ILE A 65 2.03 2.51 6.06
N THR A 66 1.62 2.10 4.86
CA THR A 66 1.31 0.72 4.57
C THR A 66 2.60 -0.11 4.48
N VAL A 67 3.69 0.38 3.87
CA VAL A 67 4.97 -0.35 3.85
C VAL A 67 5.56 -0.51 5.26
N THR A 68 5.33 0.48 6.13
CA THR A 68 5.73 0.43 7.53
C THR A 68 5.00 -0.73 8.21
N GLU A 69 3.67 -0.77 8.14
CA GLU A 69 2.87 -1.78 8.84
C GLU A 69 2.98 -3.16 8.19
N TYR A 70 3.33 -3.22 6.92
CA TYR A 70 3.66 -4.46 6.23
C TYR A 70 5.10 -4.91 6.53
N LYS A 71 5.89 -4.13 7.28
CA LYS A 71 7.30 -4.38 7.62
C LYS A 71 8.12 -4.69 6.36
N ILE A 72 8.25 -3.73 5.45
CA ILE A 72 9.00 -3.89 4.21
C ILE A 72 10.12 -2.84 4.16
N ASP A 73 10.80 -2.82 3.00
CA ASP A 73 11.90 -1.96 2.54
C ASP A 73 13.26 -2.54 2.94
N PRO A 74 14.24 -2.76 2.03
CA PRO A 74 15.56 -3.18 2.46
C PRO A 74 16.24 -2.07 3.26
N ASN A 75 15.82 -0.81 3.13
CA ASN A 75 16.39 0.31 3.85
C ASN A 75 15.72 0.49 5.22
N GLU A 76 15.16 -0.59 5.76
CA GLU A 76 14.53 -0.67 7.06
C GLU A 76 14.64 -2.11 7.55
N ASN A 77 14.11 -3.04 6.75
CA ASN A 77 13.91 -4.45 7.09
C ASN A 77 15.12 -5.30 6.73
N GLN A 78 16.04 -4.76 5.90
CA GLN A 78 17.36 -5.23 5.49
C GLN A 78 17.50 -6.66 4.93
N ASN A 79 16.49 -7.52 5.01
CA ASN A 79 16.51 -8.87 4.46
C ASN A 79 15.98 -8.89 3.02
N VAL A 80 15.38 -7.81 2.53
CA VAL A 80 14.45 -7.82 1.40
C VAL A 80 15.20 -7.53 0.07
N THR A 81 14.56 -7.82 -1.06
CA THR A 81 15.09 -7.71 -2.42
C THR A 81 14.49 -6.48 -3.12
N GLN A 82 15.16 -5.93 -4.15
CA GLN A 82 14.63 -4.78 -4.88
C GLN A 82 13.30 -5.09 -5.56
N VAL A 83 13.04 -6.35 -5.94
CA VAL A 83 11.76 -6.68 -6.55
C VAL A 83 10.65 -6.54 -5.50
N GLU A 84 10.79 -7.15 -4.32
CA GLU A 84 9.76 -7.11 -3.29
C GLU A 84 9.44 -5.67 -2.89
N VAL A 85 10.45 -4.81 -2.72
CA VAL A 85 10.18 -3.45 -2.25
C VAL A 85 9.47 -2.66 -3.33
N ARG A 86 9.87 -2.86 -4.59
CA ARG A 86 9.35 -2.09 -5.71
C ARG A 86 7.98 -2.58 -6.12
N VAL A 87 7.72 -3.89 -6.07
CA VAL A 87 6.38 -4.46 -6.11
C VAL A 87 5.55 -3.74 -5.06
N MET A 88 5.92 -3.88 -3.79
CA MET A 88 5.14 -3.30 -2.71
C MET A 88 5.16 -1.77 -2.69
N LYS A 89 5.84 -1.09 -3.62
CA LYS A 89 5.78 0.37 -3.77
C LYS A 89 4.90 0.76 -4.93
N GLN A 90 5.16 0.24 -6.12
CA GLN A 90 4.33 0.52 -7.29
C GLN A 90 2.91 0.04 -7.05
N VAL A 91 2.77 -1.20 -6.54
CA VAL A 91 1.48 -1.74 -6.18
C VAL A 91 0.84 -0.81 -5.15
N ILE A 92 1.51 -0.53 -4.02
CA ILE A 92 0.88 0.19 -2.91
C ILE A 92 0.41 1.52 -3.45
N GLN A 93 1.24 2.28 -4.18
CA GLN A 93 0.84 3.57 -4.73
C GLN A 93 -0.42 3.47 -5.60
N GLU A 94 -0.60 2.44 -6.43
CA GLU A 94 -1.83 2.27 -7.20
C GLU A 94 -3.00 1.85 -6.32
N MET A 95 -2.83 0.83 -5.48
CA MET A 95 -3.84 0.37 -4.55
C MET A 95 -4.11 1.42 -3.45
N CYS A 96 -3.43 2.58 -3.51
CA CYS A 96 -3.53 3.74 -2.65
C CYS A 96 -4.13 4.95 -3.37
N MET A 97 -3.82 5.19 -4.63
CA MET A 97 -4.38 6.31 -5.39
C MET A 97 -5.87 6.10 -5.58
N GLN A 98 -6.26 4.92 -6.01
CA GLN A 98 -7.67 4.62 -6.23
C GLN A 98 -8.38 4.38 -4.90
N GLN A 99 -7.63 4.11 -3.82
CA GLN A 99 -8.19 4.15 -2.47
C GLN A 99 -8.44 5.60 -2.05
N TYR A 100 -7.50 6.52 -2.34
CA TYR A 100 -7.48 7.90 -1.86
C TYR A 100 -8.82 8.57 -2.09
N GLN A 101 -9.55 8.27 -3.16
CA GLN A 101 -10.84 8.85 -3.44
C GLN A 101 -11.82 8.74 -2.25
N GLN A 102 -11.68 7.76 -1.35
CA GLN A 102 -12.54 7.64 -0.18
C GLN A 102 -12.36 8.82 0.77
N TYR A 103 -11.20 9.47 0.76
CA TYR A 103 -11.00 10.70 1.52
C TYR A 103 -12.04 11.71 1.07
N GLN A 104 -12.14 11.95 -0.23
CA GLN A 104 -13.04 12.96 -0.80
C GLN A 104 -14.49 12.50 -0.82
N LEU A 105 -14.74 11.20 -0.81
CA LEU A 105 -16.06 10.66 -0.51
C LEU A 105 -16.45 11.02 0.92
N ALA A 106 -15.49 10.98 1.84
CA ALA A 106 -15.66 11.21 3.27
C ALA A 106 -15.53 12.70 3.68
N SER A 107 -14.92 13.55 2.86
CA SER A 107 -14.76 15.01 2.98
C SER A 107 -14.10 15.47 1.69
N GLY A 1 -2.62 -19.08 10.61
CA GLY A 1 -2.31 -17.67 10.36
C GLY A 1 -2.68 -16.82 11.54
N SER A 2 -1.69 -16.13 12.12
CA SER A 2 -1.90 -15.09 13.11
C SER A 2 -0.64 -14.22 13.15
N VAL A 3 -0.65 -13.09 12.44
CA VAL A 3 0.32 -12.02 12.61
C VAL A 3 -0.42 -10.68 12.57
N VAL A 4 0.19 -9.65 13.13
CA VAL A 4 -0.16 -8.23 13.08
C VAL A 4 1.21 -7.51 12.96
N GLY A 5 1.23 -6.17 12.93
CA GLY A 5 2.46 -5.39 12.97
C GLY A 5 2.05 -3.94 13.08
N GLY A 6 1.49 -3.41 12.00
CA GLY A 6 0.72 -2.18 11.98
C GLY A 6 -0.64 -2.40 12.62
N LEU A 7 -1.68 -1.73 12.12
CA LEU A 7 -3.03 -1.72 12.60
C LEU A 7 -3.07 -1.33 14.07
N GLY A 8 -2.79 -0.05 14.31
CA GLY A 8 -2.97 0.60 15.59
C GLY A 8 -3.65 1.93 15.35
N GLY A 9 -2.90 2.93 14.90
CA GLY A 9 -3.38 4.31 14.83
C GLY A 9 -3.62 4.77 13.40
N TYR A 10 -4.25 3.95 12.56
CA TYR A 10 -4.43 4.21 11.13
C TYR A 10 -5.85 3.83 10.73
N ALA A 11 -6.29 4.37 9.61
CA ALA A 11 -7.60 4.19 9.03
C ALA A 11 -7.44 3.20 7.88
N LEU A 12 -7.99 1.99 7.99
CA LEU A 12 -7.76 0.93 7.02
C LEU A 12 -8.99 0.80 6.16
N GLY A 13 -8.88 1.23 4.89
CA GLY A 13 -10.04 1.38 4.03
C GLY A 13 -9.65 1.11 2.60
N SER A 14 -9.75 -0.14 2.21
CA SER A 14 -9.65 -0.63 0.85
C SER A 14 -10.24 -2.03 0.77
N ALA A 15 -9.43 -3.08 1.03
CA ALA A 15 -9.79 -4.48 0.99
C ALA A 15 -10.23 -4.93 -0.42
N MET A 16 -9.43 -4.54 -1.44
CA MET A 16 -9.69 -4.65 -2.89
C MET A 16 -10.23 -6.02 -3.31
N SER A 17 -9.43 -7.07 -3.05
CA SER A 17 -9.65 -8.46 -3.42
C SER A 17 -9.95 -8.74 -4.92
N GLY A 18 -9.74 -7.77 -5.81
CA GLY A 18 -9.81 -7.93 -7.27
C GLY A 18 -8.74 -7.15 -8.02
N MET A 19 -7.67 -6.74 -7.33
CA MET A 19 -6.74 -5.72 -7.82
C MET A 19 -5.92 -6.23 -9.01
N ARG A 20 -5.45 -5.29 -9.85
CA ARG A 20 -4.70 -5.59 -11.07
C ARG A 20 -3.76 -4.45 -11.46
N MET A 21 -2.49 -4.58 -11.08
CA MET A 21 -1.41 -3.74 -11.58
C MET A 21 -1.00 -4.13 -13.00
N ASN A 22 -0.07 -3.34 -13.58
CA ASN A 22 0.56 -3.64 -14.87
C ASN A 22 2.00 -3.12 -14.91
N PHE A 23 2.82 -3.78 -14.11
CA PHE A 23 4.25 -3.53 -13.96
C PHE A 23 4.98 -3.63 -15.29
N ASP A 24 6.06 -2.88 -15.45
CA ASP A 24 6.80 -2.74 -16.70
C ASP A 24 8.07 -3.59 -16.70
N ARG A 25 8.78 -3.70 -15.57
CA ARG A 25 9.90 -4.62 -15.45
C ARG A 25 9.36 -6.02 -15.17
N PRO A 26 10.00 -7.06 -15.72
CA PRO A 26 9.46 -8.40 -15.67
C PRO A 26 9.59 -9.06 -14.30
N GLU A 27 10.56 -8.62 -13.48
CA GLU A 27 10.88 -9.26 -12.22
C GLU A 27 9.68 -9.13 -11.27
N GLU A 28 9.37 -7.89 -10.93
CA GLU A 28 8.27 -7.50 -10.08
C GLU A 28 6.93 -7.95 -10.66
N ARG A 29 6.79 -7.93 -12.00
CA ARG A 29 5.58 -8.41 -12.68
C ARG A 29 5.36 -9.89 -12.36
N GLN A 30 6.39 -10.71 -12.45
CA GLN A 30 6.29 -12.13 -12.16
C GLN A 30 6.06 -12.34 -10.67
N TRP A 31 6.86 -11.71 -9.82
CA TRP A 31 6.91 -12.02 -8.40
C TRP A 31 5.58 -11.67 -7.72
N TRP A 32 4.97 -10.56 -8.16
CA TRP A 32 3.65 -10.16 -7.71
C TRP A 32 2.61 -11.23 -8.04
N ASN A 33 2.70 -11.87 -9.20
CA ASN A 33 1.83 -12.98 -9.56
C ASN A 33 2.13 -14.15 -8.61
N GLU A 34 3.42 -14.48 -8.50
CA GLU A 34 4.00 -15.66 -7.91
C GLU A 34 3.48 -15.91 -6.50
N ASN A 35 3.60 -14.93 -5.59
CA ASN A 35 3.32 -15.14 -4.17
C ASN A 35 2.46 -14.01 -3.60
N SER A 36 1.51 -13.52 -4.39
CA SER A 36 0.54 -12.48 -4.08
C SER A 36 -0.11 -12.67 -2.70
N ASN A 37 -0.41 -13.92 -2.33
CA ASN A 37 -1.19 -14.27 -1.14
C ASN A 37 -0.44 -13.92 0.14
N ARG A 38 0.89 -13.77 0.05
CA ARG A 38 1.71 -13.41 1.18
C ARG A 38 1.37 -12.04 1.74
N TYR A 39 0.63 -11.19 1.03
CA TYR A 39 0.19 -9.92 1.59
C TYR A 39 -1.33 -9.81 1.42
N PRO A 40 -2.02 -9.15 2.36
CA PRO A 40 -3.41 -8.77 2.17
C PRO A 40 -3.45 -7.66 1.11
N ASN A 41 -4.62 -7.45 0.50
CA ASN A 41 -4.84 -6.40 -0.49
C ASN A 41 -5.62 -5.27 0.19
N GLN A 42 -4.93 -4.35 0.84
CA GLN A 42 -5.48 -3.12 1.38
C GLN A 42 -4.38 -2.08 1.46
N VAL A 43 -4.74 -0.82 1.66
CA VAL A 43 -3.82 0.24 1.97
C VAL A 43 -4.50 1.04 3.08
N TYR A 44 -3.76 1.17 4.17
CA TYR A 44 -4.09 1.99 5.31
C TYR A 44 -3.74 3.43 4.94
N TYR A 45 -4.49 4.37 5.49
CA TYR A 45 -4.22 5.79 5.40
C TYR A 45 -4.13 6.36 6.83
N LYS A 46 -3.75 7.63 6.92
CA LYS A 46 -3.34 8.34 8.11
C LYS A 46 -4.28 9.53 8.22
N GLU A 47 -5.09 9.55 9.26
CA GLU A 47 -6.03 10.63 9.50
C GLU A 47 -5.27 11.94 9.62
N TYR A 48 -5.51 12.83 8.66
CA TYR A 48 -5.14 14.23 8.73
C TYR A 48 -6.39 14.97 9.18
N ASN A 49 -6.44 15.39 10.43
CA ASN A 49 -7.55 16.21 10.93
C ASN A 49 -7.55 17.58 10.24
N ASP A 50 -6.48 17.98 9.56
CA ASP A 50 -6.55 19.17 8.73
C ASP A 50 -7.38 18.96 7.48
N ARG A 51 -7.50 17.71 7.01
CA ARG A 51 -8.12 17.28 5.74
C ARG A 51 -7.93 18.25 4.59
N SER A 52 -6.77 18.89 4.50
CA SER A 52 -6.46 19.90 3.49
C SER A 52 -5.28 19.37 2.70
N VAL A 53 -5.29 18.06 2.44
CA VAL A 53 -4.20 17.33 1.85
C VAL A 53 -4.52 17.20 0.36
N PRO A 54 -3.60 17.58 -0.52
CA PRO A 54 -3.78 17.41 -1.95
C PRO A 54 -3.66 15.93 -2.29
N GLU A 55 -4.30 15.55 -3.39
CA GLU A 55 -4.36 14.20 -3.93
C GLU A 55 -2.96 13.62 -4.19
N GLY A 56 -1.96 14.49 -4.36
CA GLY A 56 -0.59 14.07 -4.60
C GLY A 56 0.01 13.56 -3.31
N ARG A 57 0.11 14.45 -2.32
CA ARG A 57 0.60 14.15 -0.98
C ARG A 57 -0.15 12.97 -0.36
N PHE A 58 -1.46 12.86 -0.60
CA PHE A 58 -2.24 11.76 -0.05
C PHE A 58 -1.62 10.44 -0.50
N VAL A 59 -1.50 10.22 -1.81
CA VAL A 59 -0.88 9.00 -2.31
C VAL A 59 0.58 8.92 -1.86
N ARG A 60 1.32 10.02 -1.91
CA ARG A 60 2.76 10.03 -1.62
C ARG A 60 3.04 9.54 -0.20
N ASP A 61 2.30 10.02 0.78
CA ASP A 61 2.47 9.59 2.17
C ASP A 61 1.87 8.20 2.32
N CYS A 62 0.68 7.94 1.75
CA CYS A 62 0.00 6.65 1.96
C CYS A 62 0.87 5.49 1.47
N VAL A 63 1.67 5.68 0.42
CA VAL A 63 2.55 4.61 0.01
C VAL A 63 3.60 4.33 1.08
N ASN A 64 4.18 5.39 1.66
CA ASN A 64 5.12 5.33 2.77
C ASN A 64 4.45 4.79 4.04
N ILE A 65 3.19 5.13 4.30
CA ILE A 65 2.49 4.70 5.49
C ILE A 65 2.31 3.19 5.43
N THR A 66 1.86 2.65 4.29
CA THR A 66 1.50 1.25 4.22
C THR A 66 2.77 0.38 4.25
N VAL A 67 3.88 0.77 3.59
CA VAL A 67 5.16 0.04 3.70
C VAL A 67 5.73 0.10 5.12
N THR A 68 5.40 1.14 5.87
CA THR A 68 5.77 1.26 7.28
C THR A 68 4.89 0.32 8.12
N GLU A 69 3.60 0.25 7.86
CA GLU A 69 2.63 -0.56 8.58
C GLU A 69 2.78 -2.06 8.27
N TYR A 70 3.39 -2.39 7.13
CA TYR A 70 3.73 -3.75 6.72
C TYR A 70 5.22 -4.06 6.96
N LYS A 71 6.02 -3.09 7.41
CA LYS A 71 7.48 -3.16 7.59
C LYS A 71 8.19 -3.78 6.37
N ILE A 72 8.29 -3.00 5.30
CA ILE A 72 8.91 -3.40 4.04
C ILE A 72 9.95 -2.34 3.65
N ASP A 73 11.21 -2.47 4.10
CA ASP A 73 12.33 -1.70 3.56
C ASP A 73 13.65 -2.44 3.84
N PRO A 74 14.56 -2.62 2.87
CA PRO A 74 15.84 -3.27 3.14
C PRO A 74 16.76 -2.43 4.03
N ASN A 75 16.50 -1.12 4.23
CA ASN A 75 17.33 -0.30 5.09
C ASN A 75 16.98 -0.59 6.54
N GLU A 76 15.68 -0.60 6.83
CA GLU A 76 15.12 -0.87 8.14
C GLU A 76 15.28 -2.34 8.48
N ASN A 77 14.76 -3.21 7.61
CA ASN A 77 14.48 -4.62 7.93
C ASN A 77 15.64 -5.54 7.59
N GLN A 78 16.62 -5.05 6.81
CA GLN A 78 17.89 -5.70 6.46
C GLN A 78 17.79 -7.15 5.94
N ASN A 79 16.62 -7.61 5.48
CA ASN A 79 16.47 -8.93 4.86
C ASN A 79 15.67 -8.88 3.56
N VAL A 80 14.98 -7.78 3.26
CA VAL A 80 13.95 -7.78 2.23
C VAL A 80 14.64 -7.78 0.87
N THR A 81 13.98 -8.42 -0.09
CA THR A 81 14.46 -8.47 -1.46
C THR A 81 14.13 -7.15 -2.17
N GLN A 82 14.90 -6.83 -3.21
CA GLN A 82 14.64 -5.65 -4.02
C GLN A 82 13.30 -5.79 -4.76
N VAL A 83 12.82 -6.99 -5.09
CA VAL A 83 11.54 -7.09 -5.79
C VAL A 83 10.40 -6.70 -4.83
N GLU A 84 10.44 -7.11 -3.56
CA GLU A 84 9.35 -6.91 -2.61
C GLU A 84 9.20 -5.42 -2.31
N VAL A 85 10.30 -4.70 -2.06
CA VAL A 85 10.25 -3.27 -1.75
C VAL A 85 9.84 -2.44 -2.95
N ARG A 86 9.72 -3.07 -4.11
CA ARG A 86 9.30 -2.45 -5.35
C ARG A 86 7.88 -2.84 -5.73
N VAL A 87 7.52 -4.13 -5.70
CA VAL A 87 6.15 -4.62 -5.85
C VAL A 87 5.29 -3.95 -4.80
N MET A 88 5.55 -4.20 -3.52
CA MET A 88 4.75 -3.69 -2.42
C MET A 88 4.84 -2.17 -2.28
N LYS A 89 5.57 -1.48 -3.15
CA LYS A 89 5.61 -0.02 -3.18
C LYS A 89 4.83 0.50 -4.37
N GLN A 90 5.17 0.07 -5.59
CA GLN A 90 4.47 0.53 -6.79
C GLN A 90 3.02 0.06 -6.76
N VAL A 91 2.74 -1.20 -6.39
CA VAL A 91 1.38 -1.69 -6.23
C VAL A 91 0.62 -0.76 -5.30
N ILE A 92 1.17 -0.45 -4.12
CA ILE A 92 0.53 0.38 -3.10
C ILE A 92 0.24 1.76 -3.70
N GLN A 93 1.04 2.25 -4.65
CA GLN A 93 0.75 3.53 -5.31
C GLN A 93 -0.56 3.42 -6.11
N GLU A 94 -0.71 2.41 -6.95
CA GLU A 94 -1.87 2.24 -7.81
C GLU A 94 -3.10 1.89 -6.99
N MET A 95 -2.99 0.91 -6.07
CA MET A 95 -4.09 0.57 -5.18
C MET A 95 -4.30 1.66 -4.12
N CYS A 96 -3.50 2.73 -4.10
CA CYS A 96 -3.78 3.92 -3.33
C CYS A 96 -4.49 4.94 -4.20
N MET A 97 -4.11 5.15 -5.46
CA MET A 97 -4.72 6.18 -6.30
C MET A 97 -6.21 5.93 -6.49
N GLN A 98 -6.58 4.67 -6.77
CA GLN A 98 -7.99 4.29 -6.89
C GLN A 98 -8.74 4.33 -5.55
N GLN A 99 -8.02 4.55 -4.44
CA GLN A 99 -8.51 4.32 -3.09
C GLN A 99 -8.51 5.60 -2.25
N TYR A 100 -7.64 6.55 -2.59
CA TYR A 100 -7.70 7.98 -2.29
C TYR A 100 -9.11 8.47 -2.54
N GLN A 101 -9.80 7.90 -3.53
CA GLN A 101 -11.16 8.25 -3.87
C GLN A 101 -12.11 8.30 -2.68
N GLN A 102 -11.94 7.49 -1.60
CA GLN A 102 -12.81 7.60 -0.43
C GLN A 102 -12.77 8.98 0.15
N TYR A 103 -11.64 9.66 0.08
CA TYR A 103 -11.49 11.00 0.58
C TYR A 103 -12.53 11.91 -0.05
N GLN A 104 -12.84 11.71 -1.33
CA GLN A 104 -13.76 12.51 -2.11
C GLN A 104 -15.16 11.88 -2.09
N LEU A 105 -15.32 10.61 -1.66
CA LEU A 105 -16.60 9.93 -1.55
C LEU A 105 -17.19 10.18 -0.16
N ALA A 106 -16.47 9.75 0.87
CA ALA A 106 -16.74 10.13 2.25
C ALA A 106 -16.77 11.66 2.42
N SER A 107 -15.76 12.38 1.91
CA SER A 107 -15.46 13.74 2.34
C SER A 107 -15.43 13.76 3.86
N GLY A 1 -9.54 -18.62 15.22
CA GLY A 1 -8.34 -18.64 16.05
C GLY A 1 -8.14 -17.29 16.71
N SER A 2 -7.46 -16.37 16.03
CA SER A 2 -7.56 -14.93 16.22
C SER A 2 -7.48 -14.32 14.82
N VAL A 3 -7.82 -13.04 14.66
CA VAL A 3 -7.72 -12.35 13.38
C VAL A 3 -7.37 -10.89 13.69
N VAL A 4 -6.16 -10.48 13.34
CA VAL A 4 -5.61 -9.16 13.57
C VAL A 4 -4.60 -8.87 12.45
N GLY A 5 -4.31 -7.61 12.18
CA GLY A 5 -3.39 -7.24 11.12
C GLY A 5 -3.19 -5.73 11.13
N GLY A 6 -2.22 -5.27 11.91
CA GLY A 6 -1.96 -3.85 12.07
C GLY A 6 -3.16 -3.17 12.72
N LEU A 7 -3.53 -2.00 12.22
CA LEU A 7 -4.69 -1.20 12.62
C LEU A 7 -4.45 -0.60 14.00
N GLY A 8 -4.26 0.70 14.02
CA GLY A 8 -3.89 1.45 15.20
C GLY A 8 -4.30 2.90 15.07
N GLY A 9 -5.61 3.18 15.11
CA GLY A 9 -6.12 4.54 14.97
C GLY A 9 -5.85 5.12 13.58
N TYR A 10 -5.84 4.27 12.54
CA TYR A 10 -5.77 4.64 11.14
C TYR A 10 -7.08 4.18 10.51
N ALA A 11 -7.62 4.97 9.59
CA ALA A 11 -8.79 4.56 8.83
C ALA A 11 -8.24 3.63 7.75
N LEU A 12 -8.54 2.33 7.81
CA LEU A 12 -8.07 1.39 6.79
C LEU A 12 -9.13 1.19 5.72
N GLY A 13 -8.71 0.61 4.59
CA GLY A 13 -9.56 0.42 3.42
C GLY A 13 -10.04 -1.02 3.30
N SER A 14 -10.86 -1.27 2.30
CA SER A 14 -11.08 -2.61 1.83
C SER A 14 -9.76 -3.17 1.33
N ALA A 15 -9.72 -4.48 1.32
CA ALA A 15 -8.72 -5.27 0.68
C ALA A 15 -9.24 -5.60 -0.71
N MET A 16 -8.66 -4.95 -1.71
CA MET A 16 -9.12 -4.93 -3.10
C MET A 16 -9.26 -6.33 -3.75
N SER A 17 -8.69 -7.36 -3.13
CA SER A 17 -8.90 -8.79 -3.38
C SER A 17 -8.34 -9.29 -4.72
N GLY A 18 -7.13 -9.86 -4.67
CA GLY A 18 -6.37 -10.37 -5.80
C GLY A 18 -6.31 -9.34 -6.91
N MET A 19 -5.85 -8.16 -6.55
CA MET A 19 -5.83 -6.99 -7.43
C MET A 19 -4.81 -7.15 -8.56
N ARG A 20 -4.62 -6.10 -9.35
CA ARG A 20 -3.78 -6.13 -10.53
C ARG A 20 -2.89 -4.90 -10.52
N MET A 21 -1.98 -4.83 -11.49
CA MET A 21 -1.06 -3.75 -11.74
C MET A 21 -0.36 -4.08 -13.06
N ASN A 22 0.32 -3.08 -13.62
CA ASN A 22 1.19 -3.29 -14.77
C ASN A 22 2.65 -3.28 -14.36
N PHE A 23 3.01 -2.41 -13.42
CA PHE A 23 4.37 -2.02 -13.05
C PHE A 23 5.23 -1.53 -14.20
N ASP A 24 6.31 -0.84 -13.85
CA ASP A 24 7.27 -0.29 -14.82
C ASP A 24 8.11 -1.39 -15.48
N ARG A 25 8.31 -2.54 -14.81
CA ARG A 25 9.16 -3.62 -15.26
C ARG A 25 8.42 -4.96 -15.16
N PRO A 26 8.71 -5.92 -16.06
CA PRO A 26 8.14 -7.25 -16.01
C PRO A 26 8.64 -8.01 -14.79
N GLU A 27 9.87 -7.75 -14.36
CA GLU A 27 10.52 -8.49 -13.28
C GLU A 27 9.71 -8.46 -11.99
N GLU A 28 9.14 -7.31 -11.69
CA GLU A 28 8.31 -7.10 -10.52
C GLU A 28 6.87 -7.53 -10.81
N ARG A 29 6.32 -7.34 -12.02
CA ARG A 29 4.98 -7.86 -12.35
C ARG A 29 4.95 -9.39 -12.31
N GLN A 30 6.07 -10.04 -12.62
CA GLN A 30 6.27 -11.47 -12.49
C GLN A 30 6.19 -11.84 -11.01
N TRP A 31 6.89 -11.09 -10.15
CA TRP A 31 6.91 -11.36 -8.73
C TRP A 31 5.53 -11.12 -8.11
N TRP A 32 4.78 -10.13 -8.59
CA TRP A 32 3.39 -9.88 -8.19
C TRP A 32 2.47 -11.06 -8.52
N ASN A 33 2.77 -11.83 -9.57
CA ASN A 33 2.02 -13.05 -9.89
C ASN A 33 2.42 -14.22 -8.98
N GLU A 34 3.58 -14.14 -8.34
CA GLU A 34 4.22 -15.20 -7.58
C GLU A 34 3.91 -15.09 -6.09
N ASN A 35 3.96 -13.88 -5.52
CA ASN A 35 3.64 -13.64 -4.11
C ASN A 35 2.14 -13.79 -3.81
N SER A 36 1.36 -14.44 -4.66
CA SER A 36 -0.10 -14.41 -4.67
C SER A 36 -0.77 -15.13 -3.49
N ASN A 37 -0.03 -15.45 -2.42
CA ASN A 37 -0.58 -15.95 -1.17
C ASN A 37 0.23 -15.45 0.04
N ARG A 38 0.84 -14.25 -0.05
CA ARG A 38 1.76 -13.71 0.95
C ARG A 38 1.32 -12.39 1.56
N TYR A 39 0.61 -11.53 0.83
CA TYR A 39 0.25 -10.20 1.26
C TYR A 39 -1.25 -10.00 1.08
N PRO A 40 -1.84 -9.09 1.85
CA PRO A 40 -3.20 -8.65 1.66
C PRO A 40 -3.29 -7.65 0.52
N ASN A 41 -4.52 -7.20 0.25
CA ASN A 41 -4.83 -6.18 -0.74
C ASN A 41 -5.31 -4.90 -0.05
N GLN A 42 -5.17 -4.79 1.28
CA GLN A 42 -5.59 -3.66 2.11
C GLN A 42 -4.50 -2.58 2.10
N VAL A 43 -4.87 -1.39 2.55
CA VAL A 43 -4.00 -0.28 2.91
C VAL A 43 -4.60 0.39 4.16
N TYR A 44 -3.84 1.28 4.79
CA TYR A 44 -4.25 2.08 5.94
C TYR A 44 -3.96 3.55 5.62
N TYR A 45 -4.86 4.46 5.98
CA TYR A 45 -4.74 5.89 5.73
C TYR A 45 -4.96 6.70 7.01
N LYS A 46 -3.93 7.45 7.39
CA LYS A 46 -4.06 8.59 8.28
C LYS A 46 -4.81 9.67 7.54
N GLU A 47 -6.10 9.75 7.80
CA GLU A 47 -6.99 10.82 7.39
C GLU A 47 -6.45 12.17 7.91
N TYR A 48 -6.41 13.20 7.06
CA TYR A 48 -5.82 14.50 7.39
C TYR A 48 -6.94 15.51 7.58
N ASN A 49 -6.81 16.39 8.58
CA ASN A 49 -7.81 17.42 8.83
C ASN A 49 -7.82 18.54 7.79
N ASP A 50 -6.70 18.76 7.08
CA ASP A 50 -6.49 19.92 6.20
C ASP A 50 -7.45 19.99 5.00
N ARG A 51 -8.03 18.84 4.66
CA ARG A 51 -8.93 18.60 3.54
C ARG A 51 -8.59 19.41 2.30
N SER A 52 -7.32 19.34 1.88
CA SER A 52 -6.82 19.80 0.60
C SER A 52 -5.51 19.05 0.27
N VAL A 53 -5.59 17.82 -0.24
CA VAL A 53 -4.46 17.04 -0.71
C VAL A 53 -4.79 16.37 -2.06
N PRO A 54 -3.81 16.25 -2.96
CA PRO A 54 -3.88 15.48 -4.18
C PRO A 54 -3.51 14.01 -3.93
N GLU A 55 -3.41 13.25 -5.01
CA GLU A 55 -2.83 11.91 -5.16
C GLU A 55 -1.39 11.76 -4.64
N GLY A 56 -0.79 12.83 -4.11
CA GLY A 56 0.63 12.97 -3.85
C GLY A 56 0.90 13.22 -2.38
N ARG A 57 0.55 14.41 -1.89
CA ARG A 57 0.84 14.93 -0.54
C ARG A 57 0.42 13.95 0.55
N PHE A 58 -0.75 13.34 0.36
CA PHE A 58 -1.33 12.37 1.27
C PHE A 58 -0.74 11.01 0.97
N VAL A 59 -0.91 10.51 -0.24
CA VAL A 59 -0.62 9.12 -0.53
C VAL A 59 0.86 8.79 -0.32
N ARG A 60 1.81 9.68 -0.64
CA ARG A 60 3.25 9.41 -0.43
C ARG A 60 3.60 9.13 1.04
N ASP A 61 2.80 9.66 1.96
CA ASP A 61 2.88 9.42 3.40
C ASP A 61 2.07 8.16 3.77
N CYS A 62 0.91 7.98 3.13
CA CYS A 62 -0.04 6.93 3.45
C CYS A 62 0.47 5.55 2.98
N VAL A 63 1.19 5.49 1.86
CA VAL A 63 1.88 4.29 1.39
C VAL A 63 2.96 3.90 2.39
N ASN A 64 3.67 4.91 2.92
CA ASN A 64 4.72 4.83 3.92
C ASN A 64 4.19 4.16 5.19
N ILE A 65 2.93 4.42 5.57
CA ILE A 65 2.25 3.66 6.62
C ILE A 65 2.13 2.20 6.18
N THR A 66 1.62 1.91 4.99
CA THR A 66 1.26 0.53 4.66
C THR A 66 2.53 -0.33 4.53
N VAL A 67 3.64 0.18 4.00
CA VAL A 67 4.94 -0.52 4.02
C VAL A 67 5.48 -0.70 5.45
N THR A 68 5.06 0.15 6.37
CA THR A 68 5.38 0.07 7.79
C THR A 68 4.54 -1.03 8.46
N GLU A 69 3.22 -1.08 8.16
CA GLU A 69 2.26 -2.04 8.70
C GLU A 69 2.55 -3.47 8.22
N TYR A 70 3.38 -3.61 7.19
CA TYR A 70 3.76 -4.89 6.60
C TYR A 70 5.29 -5.10 6.65
N LYS A 71 6.06 -4.19 7.28
CA LYS A 71 7.52 -4.19 7.40
C LYS A 71 8.23 -4.55 6.08
N ILE A 72 8.23 -3.62 5.14
CA ILE A 72 8.78 -3.81 3.79
C ILE A 72 9.73 -2.66 3.47
N ASP A 73 10.99 -2.81 3.87
CA ASP A 73 12.04 -1.87 3.45
C ASP A 73 13.41 -2.56 3.49
N PRO A 74 13.98 -2.96 2.33
CA PRO A 74 15.30 -3.59 2.29
C PRO A 74 16.36 -2.67 2.88
N ASN A 75 16.18 -1.34 2.73
CA ASN A 75 17.09 -0.33 3.22
C ASN A 75 17.14 -0.27 4.75
N GLU A 76 16.18 -0.91 5.43
CA GLU A 76 15.99 -0.86 6.87
C GLU A 76 16.01 -2.28 7.49
N ASN A 77 16.08 -3.34 6.66
CA ASN A 77 16.08 -4.74 7.11
C ASN A 77 17.30 -5.52 6.60
N GLN A 78 17.98 -5.06 5.54
CA GLN A 78 19.03 -5.75 4.79
C GLN A 78 18.86 -7.26 4.79
N ASN A 79 17.75 -7.74 4.21
CA ASN A 79 17.56 -9.15 3.89
C ASN A 79 16.56 -9.29 2.75
N VAL A 80 15.47 -8.50 2.82
CA VAL A 80 14.37 -8.50 1.88
C VAL A 80 14.88 -8.08 0.50
N THR A 81 14.25 -8.61 -0.53
CA THR A 81 14.62 -8.33 -1.90
C THR A 81 14.06 -6.97 -2.33
N GLN A 82 14.72 -6.33 -3.29
CA GLN A 82 14.21 -5.13 -3.92
C GLN A 82 12.91 -5.42 -4.67
N VAL A 83 12.71 -6.57 -5.33
CA VAL A 83 11.49 -6.76 -6.13
C VAL A 83 10.24 -6.68 -5.24
N GLU A 84 10.33 -7.19 -4.02
CA GLU A 84 9.25 -7.27 -3.04
C GLU A 84 8.82 -5.85 -2.70
N VAL A 85 9.77 -4.98 -2.36
CA VAL A 85 9.45 -3.59 -2.08
C VAL A 85 9.05 -2.85 -3.35
N ARG A 86 9.61 -3.18 -4.51
CA ARG A 86 9.29 -2.51 -5.78
C ARG A 86 7.81 -2.70 -6.11
N VAL A 87 7.36 -3.95 -6.12
CA VAL A 87 5.96 -4.34 -6.18
C VAL A 87 5.23 -3.60 -5.09
N MET A 88 5.57 -3.84 -3.82
CA MET A 88 4.79 -3.29 -2.73
C MET A 88 4.77 -1.77 -2.71
N LYS A 89 5.59 -1.05 -3.50
CA LYS A 89 5.59 0.40 -3.51
C LYS A 89 4.66 0.89 -4.60
N GLN A 90 4.89 0.48 -5.85
CA GLN A 90 3.99 0.83 -6.95
C GLN A 90 2.59 0.36 -6.61
N VAL A 91 2.43 -0.92 -6.27
CA VAL A 91 1.15 -1.51 -5.93
C VAL A 91 0.49 -0.67 -4.84
N ILE A 92 1.19 -0.41 -3.71
CA ILE A 92 0.58 0.25 -2.56
C ILE A 92 0.11 1.62 -3.03
N GLN A 93 0.84 2.34 -3.88
CA GLN A 93 0.38 3.63 -4.34
C GLN A 93 -0.90 3.52 -5.18
N GLU A 94 -1.09 2.52 -6.04
CA GLU A 94 -2.39 2.31 -6.70
C GLU A 94 -3.47 2.04 -5.65
N MET A 95 -3.28 1.00 -4.83
CA MET A 95 -4.28 0.52 -3.90
C MET A 95 -4.53 1.55 -2.77
N CYS A 96 -3.68 2.58 -2.66
CA CYS A 96 -3.83 3.73 -1.78
C CYS A 96 -4.51 4.88 -2.50
N MET A 97 -4.16 5.19 -3.75
CA MET A 97 -4.82 6.22 -4.54
C MET A 97 -6.29 5.86 -4.73
N GLN A 98 -6.58 4.59 -5.07
CA GLN A 98 -7.91 4.10 -5.26
C GLN A 98 -8.75 4.35 -4.00
N GLN A 99 -8.17 4.08 -2.83
CA GLN A 99 -8.85 4.23 -1.56
C GLN A 99 -8.87 5.70 -1.07
N TYR A 100 -7.91 6.53 -1.50
CA TYR A 100 -7.87 7.97 -1.28
C TYR A 100 -9.11 8.62 -1.88
N GLN A 101 -9.78 8.01 -2.86
CA GLN A 101 -11.01 8.58 -3.38
C GLN A 101 -12.08 8.74 -2.28
N GLN A 102 -12.07 7.92 -1.22
CA GLN A 102 -12.94 8.10 -0.07
C GLN A 102 -12.66 9.41 0.66
N TYR A 103 -11.41 9.88 0.64
CA TYR A 103 -11.03 11.17 1.17
C TYR A 103 -11.93 12.20 0.51
N GLN A 104 -11.98 12.16 -0.82
CA GLN A 104 -12.59 13.17 -1.66
C GLN A 104 -14.11 13.05 -1.68
N LEU A 105 -14.64 11.89 -1.28
CA LEU A 105 -16.05 11.68 -0.97
C LEU A 105 -16.41 12.19 0.42
N ALA A 106 -15.46 12.10 1.36
CA ALA A 106 -15.63 12.49 2.75
C ALA A 106 -15.43 13.99 2.96
N SER A 107 -14.74 14.68 2.05
CA SER A 107 -14.14 15.98 2.34
C SER A 107 -15.12 17.14 2.26
N GLY A 1 -7.63 -13.24 14.13
CA GLY A 1 -6.74 -12.47 13.26
C GLY A 1 -5.86 -13.38 12.43
N SER A 2 -4.64 -12.95 12.07
CA SER A 2 -3.59 -13.87 11.67
C SER A 2 -2.20 -13.27 11.93
N VAL A 3 -1.97 -11.98 11.62
CA VAL A 3 -0.63 -11.37 11.74
C VAL A 3 -0.75 -10.01 12.43
N VAL A 4 -1.59 -9.10 11.89
CA VAL A 4 -1.62 -7.69 12.27
C VAL A 4 -0.24 -7.06 11.96
N GLY A 5 -0.06 -5.78 12.26
CA GLY A 5 1.20 -5.07 12.11
C GLY A 5 1.10 -3.79 12.93
N GLY A 6 0.68 -2.71 12.28
CA GLY A 6 0.34 -1.46 12.94
C GLY A 6 -1.13 -1.51 13.39
N LEU A 7 -1.98 -0.70 12.76
CA LEU A 7 -3.30 -0.28 13.23
C LEU A 7 -3.23 0.32 14.63
N GLY A 8 -3.50 1.62 14.70
CA GLY A 8 -3.69 2.32 15.94
C GLY A 8 -4.24 3.69 15.62
N GLY A 9 -3.35 4.66 15.44
CA GLY A 9 -3.69 6.02 15.06
C GLY A 9 -3.95 6.17 13.56
N TYR A 10 -4.30 5.10 12.84
CA TYR A 10 -4.46 5.07 11.39
C TYR A 10 -5.83 4.51 11.08
N ALA A 11 -6.43 5.05 10.03
CA ALA A 11 -7.55 4.43 9.35
C ALA A 11 -6.97 3.36 8.43
N LEU A 12 -7.74 2.32 8.16
CA LEU A 12 -7.52 1.32 7.14
C LEU A 12 -8.88 1.10 6.46
N GLY A 13 -8.91 0.85 5.15
CA GLY A 13 -10.14 1.05 4.39
C GLY A 13 -10.02 0.56 2.95
N SER A 14 -11.02 0.86 2.13
CA SER A 14 -11.28 0.33 0.80
C SER A 14 -11.45 -1.19 0.71
N ALA A 15 -10.40 -1.96 1.01
CA ALA A 15 -10.32 -3.42 0.81
C ALA A 15 -10.69 -3.85 -0.64
N MET A 16 -9.70 -3.88 -1.53
CA MET A 16 -9.90 -4.04 -2.98
C MET A 16 -9.41 -5.38 -3.52
N SER A 17 -10.28 -6.34 -3.32
CA SER A 17 -10.11 -7.73 -3.73
C SER A 17 -10.13 -7.82 -5.26
N GLY A 18 -9.00 -8.12 -5.89
CA GLY A 18 -8.94 -8.44 -7.32
C GLY A 18 -8.24 -7.38 -8.16
N MET A 19 -7.58 -6.41 -7.51
CA MET A 19 -6.92 -5.31 -8.19
C MET A 19 -5.86 -5.78 -9.18
N ARG A 20 -5.40 -4.87 -10.04
CA ARG A 20 -4.25 -5.12 -10.91
C ARG A 20 -3.41 -3.88 -11.08
N MET A 21 -2.19 -4.10 -11.53
CA MET A 21 -1.16 -3.11 -11.76
C MET A 21 -0.40 -3.51 -13.02
N ASN A 22 0.15 -2.50 -13.69
CA ASN A 22 0.75 -2.49 -15.01
C ASN A 22 2.13 -1.87 -14.87
N PHE A 23 2.91 -2.56 -14.05
CA PHE A 23 4.19 -2.14 -13.52
C PHE A 23 5.20 -1.84 -14.63
N ASP A 24 6.24 -1.10 -14.23
CA ASP A 24 7.30 -0.61 -15.08
C ASP A 24 8.19 -1.72 -15.64
N ARG A 25 8.50 -2.79 -14.89
CA ARG A 25 9.38 -3.86 -15.37
C ARG A 25 8.77 -5.27 -15.22
N PRO A 26 9.28 -6.26 -15.98
CA PRO A 26 8.73 -7.62 -16.00
C PRO A 26 9.26 -8.53 -14.90
N GLU A 27 10.48 -8.32 -14.40
CA GLU A 27 11.07 -9.21 -13.38
C GLU A 27 10.17 -9.18 -12.13
N GLU A 28 9.82 -7.96 -11.73
CA GLU A 28 8.88 -7.65 -10.67
C GLU A 28 7.46 -8.15 -11.01
N ARG A 29 6.99 -8.13 -12.28
CA ARG A 29 5.61 -8.48 -12.65
C ARG A 29 5.37 -9.96 -12.44
N GLN A 30 6.40 -10.76 -12.73
CA GLN A 30 6.40 -12.18 -12.47
C GLN A 30 6.24 -12.42 -10.96
N TRP A 31 6.98 -11.71 -10.10
CA TRP A 31 6.97 -11.96 -8.67
C TRP A 31 5.58 -11.71 -8.07
N TRP A 32 4.88 -10.67 -8.52
CA TRP A 32 3.50 -10.38 -8.13
C TRP A 32 2.57 -11.53 -8.54
N ASN A 33 2.77 -12.04 -9.76
CA ASN A 33 2.06 -13.21 -10.28
C ASN A 33 2.39 -14.48 -9.49
N GLU A 34 3.42 -14.47 -8.63
CA GLU A 34 3.99 -15.65 -8.01
C GLU A 34 3.43 -15.88 -6.60
N ASN A 35 3.63 -14.94 -5.66
CA ASN A 35 3.15 -14.81 -4.26
C ASN A 35 4.18 -14.26 -3.27
N SER A 36 5.16 -15.08 -2.86
CA SER A 36 6.10 -14.92 -1.74
C SER A 36 5.42 -14.59 -0.41
N ASN A 37 4.94 -13.36 -0.24
CA ASN A 37 4.48 -12.81 1.03
C ASN A 37 3.02 -12.38 0.91
N ARG A 38 2.59 -12.13 -0.35
CA ARG A 38 1.21 -11.99 -0.80
C ARG A 38 0.37 -11.24 0.23
N TYR A 39 0.84 -10.05 0.54
CA TYR A 39 0.19 -9.04 1.35
C TYR A 39 -1.29 -8.89 1.02
N PRO A 40 -2.07 -8.39 1.98
CA PRO A 40 -3.50 -8.26 1.83
C PRO A 40 -3.85 -7.11 0.89
N ASN A 41 -5.00 -7.24 0.25
CA ASN A 41 -5.60 -6.22 -0.63
C ASN A 41 -6.25 -5.16 0.25
N GLN A 42 -5.45 -4.34 0.90
CA GLN A 42 -5.83 -3.13 1.64
C GLN A 42 -4.56 -2.26 1.78
N VAL A 43 -4.69 -1.07 2.35
CA VAL A 43 -3.66 -0.14 2.76
C VAL A 43 -4.18 0.49 4.07
N TYR A 44 -3.35 1.24 4.78
CA TYR A 44 -3.78 2.13 5.85
C TYR A 44 -3.55 3.56 5.34
N TYR A 45 -4.17 4.55 5.97
CA TYR A 45 -4.01 5.97 5.71
C TYR A 45 -4.09 6.67 7.05
N LYS A 46 -3.22 7.67 7.27
CA LYS A 46 -3.49 8.61 8.33
C LYS A 46 -4.65 9.47 7.85
N GLU A 47 -5.64 9.68 8.70
CA GLU A 47 -6.61 10.72 8.45
C GLU A 47 -5.90 12.08 8.45
N TYR A 48 -6.49 13.04 7.73
CA TYR A 48 -6.10 14.43 7.74
C TYR A 48 -7.35 15.22 8.08
N ASN A 49 -7.58 15.50 9.37
CA ASN A 49 -8.70 16.32 9.84
C ASN A 49 -8.70 17.72 9.22
N ASP A 50 -7.62 18.13 8.54
CA ASP A 50 -7.58 19.40 7.81
C ASP A 50 -8.35 19.35 6.50
N ARG A 51 -8.55 18.16 5.93
CA ARG A 51 -9.07 17.84 4.60
C ARG A 51 -8.78 18.92 3.54
N SER A 52 -7.52 19.35 3.51
CA SER A 52 -6.99 20.22 2.48
C SER A 52 -5.63 19.63 2.16
N VAL A 53 -5.70 18.46 1.56
CA VAL A 53 -4.58 17.68 1.12
C VAL A 53 -4.79 17.53 -0.40
N PRO A 54 -3.73 17.46 -1.19
CA PRO A 54 -3.83 17.23 -2.63
C PRO A 54 -3.76 15.74 -2.96
N GLU A 55 -4.37 15.42 -4.09
CA GLU A 55 -4.37 14.18 -4.86
C GLU A 55 -2.99 13.54 -5.12
N GLY A 56 -1.92 14.26 -4.82
CA GLY A 56 -0.54 13.78 -4.84
C GLY A 56 -0.14 13.35 -3.44
N ARG A 57 0.05 14.32 -2.53
CA ARG A 57 0.54 14.06 -1.17
C ARG A 57 -0.26 12.97 -0.47
N PHE A 58 -1.57 12.85 -0.71
CA PHE A 58 -2.36 11.78 -0.13
C PHE A 58 -1.69 10.43 -0.43
N VAL A 59 -1.59 10.05 -1.71
CA VAL A 59 -0.87 8.83 -2.10
C VAL A 59 0.55 8.91 -1.56
N ARG A 60 1.26 10.02 -1.80
CA ARG A 60 2.69 10.16 -1.54
C ARG A 60 3.11 9.90 -0.09
N ASP A 61 2.19 10.08 0.88
CA ASP A 61 2.40 9.83 2.30
C ASP A 61 1.68 8.55 2.72
N CYS A 62 0.48 8.27 2.22
CA CYS A 62 -0.25 7.01 2.45
C CYS A 62 0.61 5.80 2.04
N VAL A 63 1.40 5.94 0.98
CA VAL A 63 2.28 4.88 0.52
C VAL A 63 3.40 4.60 1.53
N ASN A 64 3.90 5.66 2.15
CA ASN A 64 4.87 5.68 3.23
C ASN A 64 4.29 5.20 4.56
N ILE A 65 2.99 5.35 4.78
CA ILE A 65 2.28 4.74 5.89
C ILE A 65 2.32 3.22 5.70
N THR A 66 1.72 2.69 4.63
CA THR A 66 1.48 1.25 4.52
C THR A 66 2.80 0.44 4.49
N VAL A 67 3.90 0.97 3.92
CA VAL A 67 5.22 0.30 3.96
C VAL A 67 5.75 0.13 5.39
N THR A 68 5.46 1.10 6.25
CA THR A 68 5.88 1.06 7.64
C THR A 68 5.14 -0.09 8.32
N GLU A 69 3.82 -0.11 8.20
CA GLU A 69 2.95 -1.09 8.84
C GLU A 69 3.10 -2.48 8.24
N TYR A 70 3.84 -2.63 7.14
CA TYR A 70 4.20 -3.90 6.49
C TYR A 70 5.70 -4.26 6.66
N LYS A 71 6.56 -3.34 7.11
CA LYS A 71 8.02 -3.42 7.12
C LYS A 71 8.62 -3.87 5.77
N ILE A 72 8.47 -3.03 4.74
CA ILE A 72 8.92 -3.26 3.37
C ILE A 72 10.28 -2.57 3.14
N ASP A 73 11.38 -3.22 3.53
CA ASP A 73 12.74 -2.72 3.29
C ASP A 73 13.77 -3.83 3.54
N PRO A 74 14.76 -4.10 2.68
CA PRO A 74 15.75 -5.12 2.93
C PRO A 74 16.63 -4.83 4.13
N ASN A 75 17.10 -3.60 4.21
CA ASN A 75 18.13 -3.19 5.14
C ASN A 75 17.53 -3.07 6.54
N GLU A 76 16.27 -2.60 6.65
CA GLU A 76 15.55 -2.59 7.92
C GLU A 76 15.14 -4.00 8.32
N ASN A 77 14.48 -4.76 7.43
CA ASN A 77 13.83 -6.01 7.80
C ASN A 77 14.88 -7.07 8.19
N GLN A 78 15.72 -7.47 7.25
CA GLN A 78 16.68 -8.57 7.37
C GLN A 78 17.53 -8.64 6.11
N ASN A 79 16.87 -8.77 4.95
CA ASN A 79 17.41 -8.97 3.60
C ASN A 79 16.25 -9.47 2.75
N VAL A 80 15.32 -8.60 2.43
CA VAL A 80 14.17 -8.92 1.59
C VAL A 80 14.64 -8.98 0.14
N THR A 81 13.79 -9.50 -0.73
CA THR A 81 14.13 -9.62 -2.14
C THR A 81 13.86 -8.28 -2.85
N GLN A 82 14.66 -7.97 -3.89
CA GLN A 82 14.54 -6.71 -4.61
C GLN A 82 13.20 -6.53 -5.33
N VAL A 83 12.54 -7.63 -5.69
CA VAL A 83 11.27 -7.60 -6.37
C VAL A 83 10.22 -7.14 -5.34
N GLU A 84 10.07 -7.86 -4.23
CA GLU A 84 9.14 -7.58 -3.15
C GLU A 84 9.13 -6.10 -2.76
N VAL A 85 10.30 -5.52 -2.47
CA VAL A 85 10.39 -4.16 -1.94
C VAL A 85 9.90 -3.11 -2.95
N ARG A 86 9.88 -3.47 -4.22
CA ARG A 86 9.52 -2.60 -5.34
C ARG A 86 8.08 -2.83 -5.75
N VAL A 87 7.70 -4.09 -6.01
CA VAL A 87 6.34 -4.53 -6.25
C VAL A 87 5.46 -3.94 -5.19
N MET A 88 5.74 -4.22 -3.91
CA MET A 88 4.81 -3.85 -2.88
C MET A 88 4.64 -2.34 -2.79
N LYS A 89 5.58 -1.56 -3.25
CA LYS A 89 5.53 -0.11 -3.09
C LYS A 89 4.86 0.57 -4.27
N GLN A 90 5.13 0.08 -5.48
CA GLN A 90 4.39 0.48 -6.67
C GLN A 90 2.92 0.12 -6.46
N VAL A 91 2.63 -1.12 -6.07
CA VAL A 91 1.29 -1.62 -5.84
C VAL A 91 0.63 -0.95 -4.65
N ILE A 92 1.38 -0.53 -3.63
CA ILE A 92 0.80 0.32 -2.61
C ILE A 92 0.34 1.65 -3.24
N GLN A 93 1.01 2.27 -4.23
CA GLN A 93 0.38 3.41 -4.91
C GLN A 93 -0.94 2.98 -5.50
N GLU A 94 -1.00 1.99 -6.37
CA GLU A 94 -2.24 1.58 -7.02
C GLU A 94 -3.36 1.39 -5.99
N MET A 95 -3.04 0.68 -4.91
CA MET A 95 -3.97 0.43 -3.82
C MET A 95 -4.18 1.63 -2.86
N CYS A 96 -3.44 2.72 -3.01
CA CYS A 96 -3.57 3.97 -2.28
C CYS A 96 -4.34 4.97 -3.13
N MET A 97 -4.16 4.93 -4.44
CA MET A 97 -4.81 5.77 -5.43
C MET A 97 -6.29 5.40 -5.47
N GLN A 98 -6.61 4.11 -5.57
CA GLN A 98 -8.01 3.73 -5.59
C GLN A 98 -8.64 3.87 -4.19
N GLN A 99 -7.84 4.06 -3.14
CA GLN A 99 -8.32 4.35 -1.80
C GLN A 99 -8.54 5.86 -1.61
N TYR A 100 -7.74 6.74 -2.22
CA TYR A 100 -7.94 8.19 -2.24
C TYR A 100 -9.39 8.55 -2.56
N GLN A 101 -10.06 7.78 -3.43
CA GLN A 101 -11.45 8.05 -3.77
C GLN A 101 -12.34 8.10 -2.51
N GLN A 102 -12.06 7.34 -1.45
CA GLN A 102 -12.88 7.28 -0.26
C GLN A 102 -12.98 8.66 0.37
N TYR A 103 -11.89 9.43 0.35
CA TYR A 103 -11.80 10.79 0.83
C TYR A 103 -12.94 11.60 0.24
N GLN A 104 -13.10 11.51 -1.08
CA GLN A 104 -14.05 12.28 -1.87
C GLN A 104 -15.45 11.69 -1.75
N LEU A 105 -15.58 10.36 -1.73
CA LEU A 105 -16.87 9.67 -1.66
C LEU A 105 -17.54 9.96 -0.33
N ALA A 106 -16.80 9.79 0.76
CA ALA A 106 -17.20 10.15 2.10
C ALA A 106 -17.42 11.66 2.20
N SER A 107 -16.48 12.44 1.67
CA SER A 107 -16.28 13.84 2.01
C SER A 107 -16.31 14.03 3.53
N GLY A 1 -9.70 -17.11 16.78
CA GLY A 1 -8.32 -16.74 16.41
C GLY A 1 -8.05 -15.29 16.79
N SER A 2 -7.29 -14.57 15.95
CA SER A 2 -7.00 -13.15 16.11
C SER A 2 -6.74 -12.56 14.72
N VAL A 3 -7.31 -11.39 14.44
CA VAL A 3 -6.79 -10.51 13.40
C VAL A 3 -5.52 -9.85 13.95
N VAL A 4 -4.49 -9.69 13.13
CA VAL A 4 -3.23 -9.02 13.45
C VAL A 4 -2.70 -8.40 12.16
N GLY A 5 -1.97 -7.28 12.23
CA GLY A 5 -1.02 -6.90 11.21
C GLY A 5 -1.60 -5.74 10.42
N GLY A 6 -1.00 -4.56 10.57
CA GLY A 6 -1.66 -3.30 10.26
C GLY A 6 -2.56 -2.88 11.43
N LEU A 7 -3.34 -1.82 11.23
CA LEU A 7 -4.12 -1.08 12.20
C LEU A 7 -3.29 -0.46 13.32
N GLY A 8 -3.50 0.84 13.48
CA GLY A 8 -2.85 1.66 14.51
C GLY A 8 -3.50 3.04 14.61
N GLY A 9 -4.77 3.07 15.00
CA GLY A 9 -5.57 4.30 14.97
C GLY A 9 -5.69 4.90 13.56
N TYR A 10 -5.32 4.13 12.55
CA TYR A 10 -5.49 4.42 11.13
C TYR A 10 -6.94 4.11 10.81
N ALA A 11 -7.52 4.84 9.87
CA ALA A 11 -8.72 4.39 9.18
C ALA A 11 -8.21 3.44 8.10
N LEU A 12 -8.68 2.19 8.08
CA LEU A 12 -8.39 1.29 6.97
C LEU A 12 -9.61 1.20 6.10
N GLY A 13 -9.37 0.75 4.88
CA GLY A 13 -10.40 0.81 3.86
C GLY A 13 -9.83 0.55 2.49
N SER A 14 -10.12 -0.63 1.95
CA SER A 14 -10.19 -0.95 0.55
C SER A 14 -10.60 -2.41 0.38
N ALA A 15 -9.80 -3.33 0.95
CA ALA A 15 -9.91 -4.77 0.76
C ALA A 15 -10.29 -5.12 -0.68
N MET A 16 -9.36 -4.88 -1.60
CA MET A 16 -9.60 -5.01 -3.04
C MET A 16 -9.95 -6.45 -3.40
N SER A 17 -9.29 -7.43 -2.75
CA SER A 17 -9.40 -8.86 -2.95
C SER A 17 -9.26 -9.27 -4.41
N GLY A 18 -8.04 -9.66 -4.73
CA GLY A 18 -7.63 -9.98 -6.08
C GLY A 18 -7.09 -8.73 -6.73
N MET A 19 -5.97 -8.20 -6.24
CA MET A 19 -5.27 -7.12 -6.88
C MET A 19 -4.51 -7.61 -8.11
N ARG A 20 -4.34 -6.73 -9.08
CA ARG A 20 -3.59 -6.92 -10.32
C ARG A 20 -2.90 -5.61 -10.68
N MET A 21 -1.78 -5.71 -11.38
CA MET A 21 -0.97 -4.60 -11.81
C MET A 21 -0.07 -5.15 -12.92
N ASN A 22 0.24 -4.33 -13.92
CA ASN A 22 0.89 -4.72 -15.16
C ASN A 22 2.28 -4.12 -15.25
N PHE A 23 3.04 -4.25 -14.15
CA PHE A 23 4.21 -3.45 -13.81
C PHE A 23 5.16 -3.28 -14.99
N ASP A 24 5.72 -2.08 -15.10
CA ASP A 24 6.53 -1.60 -16.21
C ASP A 24 7.67 -2.57 -16.50
N ARG A 25 8.37 -2.99 -15.43
CA ARG A 25 9.43 -3.99 -15.49
C ARG A 25 8.77 -5.36 -15.31
N PRO A 26 8.90 -6.30 -16.28
CA PRO A 26 8.16 -7.56 -16.25
C PRO A 26 8.55 -8.44 -15.08
N GLU A 27 9.79 -8.30 -14.62
CA GLU A 27 10.41 -9.10 -13.58
C GLU A 27 9.64 -8.93 -12.27
N GLU A 28 9.35 -7.69 -11.93
CA GLU A 28 8.66 -7.30 -10.71
C GLU A 28 7.18 -7.71 -10.87
N ARG A 29 6.60 -7.57 -12.08
CA ARG A 29 5.27 -8.11 -12.39
C ARG A 29 5.22 -9.63 -12.19
N GLN A 30 6.30 -10.34 -12.50
CA GLN A 30 6.40 -11.77 -12.36
C GLN A 30 6.56 -12.16 -10.90
N TRP A 31 7.26 -11.34 -10.09
CA TRP A 31 7.41 -11.55 -8.67
C TRP A 31 6.06 -11.38 -7.97
N TRP A 32 5.28 -10.37 -8.36
CA TRP A 32 3.88 -10.22 -7.92
C TRP A 32 3.06 -11.46 -8.27
N ASN A 33 3.36 -12.13 -9.39
CA ASN A 33 2.65 -13.36 -9.73
C ASN A 33 3.10 -14.54 -8.86
N GLU A 34 4.37 -14.54 -8.46
CA GLU A 34 5.01 -15.58 -7.67
C GLU A 34 4.59 -15.50 -6.20
N ASN A 35 4.32 -14.28 -5.69
CA ASN A 35 4.05 -14.03 -4.28
C ASN A 35 2.86 -13.09 -4.18
N SER A 36 1.74 -13.60 -3.68
CA SER A 36 0.61 -12.76 -3.30
C SER A 36 -0.12 -13.32 -2.09
N ASN A 37 0.08 -14.60 -1.75
CA ASN A 37 -0.53 -15.18 -0.56
C ASN A 37 0.10 -14.59 0.70
N ARG A 38 1.27 -13.95 0.57
CA ARG A 38 2.05 -13.37 1.66
C ARG A 38 1.82 -11.87 1.86
N TYR A 39 1.05 -11.19 1.02
CA TYR A 39 0.73 -9.78 1.25
C TYR A 39 -0.75 -9.50 0.98
N PRO A 40 -1.47 -8.92 1.94
CA PRO A 40 -2.87 -8.59 1.78
C PRO A 40 -3.08 -7.46 0.77
N ASN A 41 -4.32 -7.27 0.35
CA ASN A 41 -4.79 -6.23 -0.56
C ASN A 41 -5.73 -5.31 0.21
N GLN A 42 -5.25 -4.73 1.30
CA GLN A 42 -5.85 -3.57 1.96
C GLN A 42 -4.79 -2.47 1.92
N VAL A 43 -5.15 -1.27 2.34
CA VAL A 43 -4.26 -0.15 2.59
C VAL A 43 -4.88 0.59 3.78
N TYR A 44 -4.07 1.38 4.46
CA TYR A 44 -4.40 2.15 5.64
C TYR A 44 -4.20 3.63 5.31
N TYR A 45 -4.87 4.51 6.05
CA TYR A 45 -4.78 5.94 5.87
C TYR A 45 -5.04 6.61 7.22
N LYS A 46 -4.08 7.42 7.64
CA LYS A 46 -4.17 8.08 8.94
C LYS A 46 -5.24 9.15 8.82
N GLU A 47 -6.05 9.39 9.85
CA GLU A 47 -7.07 10.43 9.75
C GLU A 47 -6.39 11.77 9.94
N TYR A 48 -6.11 12.42 8.81
CA TYR A 48 -5.54 13.75 8.75
C TYR A 48 -6.51 14.70 9.42
N ASN A 49 -6.06 15.33 10.49
CA ASN A 49 -6.70 16.49 11.08
C ASN A 49 -6.59 17.69 10.14
N ASP A 50 -5.49 17.78 9.37
CA ASP A 50 -5.16 19.03 8.66
C ASP A 50 -5.90 19.16 7.32
N ARG A 51 -6.31 18.03 6.73
CA ARG A 51 -7.02 17.88 5.45
C ARG A 51 -6.69 18.95 4.42
N SER A 52 -5.40 19.17 4.20
CA SER A 52 -4.92 19.82 3.00
C SER A 52 -3.86 18.92 2.41
N VAL A 53 -4.36 18.07 1.51
CA VAL A 53 -3.65 17.27 0.59
C VAL A 53 -4.31 17.49 -0.79
N PRO A 54 -3.59 17.43 -1.90
CA PRO A 54 -4.13 16.98 -3.16
C PRO A 54 -4.10 15.45 -3.18
N GLU A 55 -4.49 14.88 -4.31
CA GLU A 55 -4.32 13.47 -4.64
C GLU A 55 -2.88 12.99 -4.36
N GLY A 56 -1.88 13.87 -4.50
CA GLY A 56 -0.47 13.52 -4.36
C GLY A 56 -0.07 13.32 -2.90
N ARG A 57 -0.06 14.38 -2.08
CA ARG A 57 0.34 14.31 -0.65
C ARG A 57 -0.41 13.21 0.06
N PHE A 58 -1.71 13.05 -0.21
CA PHE A 58 -2.51 12.03 0.44
C PHE A 58 -1.80 10.70 0.29
N VAL A 59 -1.54 10.31 -0.96
CA VAL A 59 -0.96 9.02 -1.24
C VAL A 59 0.52 8.99 -0.81
N ARG A 60 1.25 10.11 -0.92
CA ARG A 60 2.68 10.16 -0.61
C ARG A 60 2.97 9.78 0.84
N ASP A 61 2.08 10.13 1.77
CA ASP A 61 2.12 9.63 3.15
C ASP A 61 1.55 8.22 3.22
N CYS A 62 0.38 7.98 2.63
CA CYS A 62 -0.34 6.71 2.79
C CYS A 62 0.51 5.50 2.39
N VAL A 63 1.41 5.67 1.41
CA VAL A 63 2.21 4.57 0.91
C VAL A 63 3.26 4.25 1.97
N ASN A 64 3.87 5.29 2.51
CA ASN A 64 4.80 5.24 3.64
C ASN A 64 4.11 4.64 4.86
N ILE A 65 2.82 4.90 5.07
CA ILE A 65 2.02 4.21 6.08
C ILE A 65 1.97 2.71 5.77
N THR A 66 1.52 2.32 4.57
CA THR A 66 1.20 0.92 4.31
C THR A 66 2.48 0.08 4.23
N VAL A 67 3.59 0.59 3.70
CA VAL A 67 4.88 -0.11 3.76
C VAL A 67 5.35 -0.31 5.20
N THR A 68 5.11 0.67 6.08
CA THR A 68 5.44 0.56 7.50
C THR A 68 4.55 -0.49 8.16
N GLU A 69 3.26 -0.50 7.86
CA GLU A 69 2.31 -1.45 8.42
C GLU A 69 2.57 -2.88 7.89
N TYR A 70 3.23 -3.01 6.74
CA TYR A 70 3.68 -4.28 6.17
C TYR A 70 5.13 -4.58 6.61
N LYS A 71 5.80 -3.65 7.31
CA LYS A 71 7.23 -3.57 7.59
C LYS A 71 8.11 -3.97 6.40
N ILE A 72 8.13 -3.14 5.34
CA ILE A 72 8.94 -3.33 4.14
C ILE A 72 9.86 -2.13 3.99
N ASP A 73 11.09 -2.24 4.49
CA ASP A 73 12.14 -1.24 4.28
C ASP A 73 13.51 -1.92 4.30
N PRO A 74 14.21 -2.04 3.15
CA PRO A 74 15.46 -2.79 3.06
C PRO A 74 16.63 -2.09 3.74
N ASN A 75 16.51 -0.81 4.12
CA ASN A 75 17.57 -0.12 4.86
C ASN A 75 17.52 -0.48 6.34
N GLU A 76 16.51 -1.22 6.77
CA GLU A 76 16.35 -1.70 8.13
C GLU A 76 16.39 -3.24 8.14
N ASN A 77 15.64 -3.87 7.25
CA ASN A 77 15.51 -5.32 7.23
C ASN A 77 16.78 -5.97 6.66
N GLN A 78 17.25 -5.44 5.51
CA GLN A 78 18.37 -5.91 4.71
C GLN A 78 18.28 -7.37 4.20
N ASN A 79 17.13 -8.07 4.31
CA ASN A 79 16.93 -9.39 3.71
C ASN A 79 15.91 -9.35 2.57
N VAL A 80 15.19 -8.23 2.40
CA VAL A 80 14.07 -8.13 1.48
C VAL A 80 14.62 -7.83 0.09
N THR A 81 14.13 -8.57 -0.90
CA THR A 81 14.51 -8.40 -2.29
C THR A 81 13.81 -7.16 -2.86
N GLN A 82 14.48 -6.38 -3.70
CA GLN A 82 13.90 -5.17 -4.28
C GLN A 82 12.73 -5.47 -5.21
N VAL A 83 12.58 -6.66 -5.79
CA VAL A 83 11.33 -6.95 -6.49
C VAL A 83 10.16 -6.88 -5.50
N GLU A 84 10.32 -7.33 -4.25
CA GLU A 84 9.32 -7.13 -3.21
C GLU A 84 9.15 -5.63 -2.92
N VAL A 85 10.24 -4.88 -2.71
CA VAL A 85 10.14 -3.48 -2.30
C VAL A 85 9.34 -2.69 -3.33
N ARG A 86 9.63 -2.94 -4.60
CA ARG A 86 9.18 -2.19 -5.75
C ARG A 86 7.75 -2.57 -6.10
N VAL A 87 7.41 -3.86 -6.14
CA VAL A 87 6.03 -4.34 -6.19
C VAL A 87 5.25 -3.69 -5.05
N MET A 88 5.64 -3.94 -3.80
CA MET A 88 4.95 -3.41 -2.63
C MET A 88 5.06 -1.88 -2.50
N LYS A 89 5.67 -1.15 -3.43
CA LYS A 89 5.52 0.31 -3.54
C LYS A 89 4.54 0.65 -4.65
N GLN A 90 4.82 0.25 -5.90
CA GLN A 90 4.00 0.66 -7.03
C GLN A 90 2.58 0.13 -6.86
N VAL A 91 2.42 -1.12 -6.41
CA VAL A 91 1.13 -1.66 -6.07
C VAL A 91 0.46 -0.76 -5.05
N ILE A 92 1.12 -0.45 -3.91
CA ILE A 92 0.51 0.28 -2.82
C ILE A 92 0.06 1.65 -3.35
N GLN A 93 0.87 2.35 -4.14
CA GLN A 93 0.47 3.63 -4.70
C GLN A 93 -0.87 3.50 -5.41
N GLU A 94 -1.03 2.46 -6.22
CA GLU A 94 -2.22 2.21 -7.03
C GLU A 94 -3.41 1.79 -6.16
N MET A 95 -3.24 0.79 -5.29
CA MET A 95 -4.26 0.30 -4.37
C MET A 95 -4.52 1.32 -3.27
N CYS A 96 -3.78 2.44 -3.20
CA CYS A 96 -4.07 3.54 -2.31
C CYS A 96 -4.57 4.80 -3.05
N MET A 97 -4.33 4.91 -4.36
CA MET A 97 -4.90 5.94 -5.22
C MET A 97 -6.38 5.68 -5.38
N GLN A 98 -6.75 4.43 -5.72
CA GLN A 98 -8.14 4.03 -5.73
C GLN A 98 -8.79 4.21 -4.34
N GLN A 99 -8.02 4.15 -3.26
CA GLN A 99 -8.52 4.43 -1.91
C GLN A 99 -8.73 5.94 -1.70
N TYR A 100 -7.73 6.78 -2.03
CA TYR A 100 -7.75 8.25 -1.94
C TYR A 100 -9.07 8.81 -2.44
N GLN A 101 -9.70 8.19 -3.44
CA GLN A 101 -10.98 8.56 -4.00
C GLN A 101 -12.07 8.78 -2.91
N GLN A 102 -12.01 8.09 -1.77
CA GLN A 102 -12.89 8.33 -0.63
C GLN A 102 -12.77 9.76 -0.12
N TYR A 103 -11.62 10.40 -0.28
CA TYR A 103 -11.38 11.76 0.13
C TYR A 103 -12.38 12.67 -0.58
N GLN A 104 -12.74 12.36 -1.83
CA GLN A 104 -13.62 13.16 -2.66
C GLN A 104 -15.07 12.67 -2.59
N LEU A 105 -15.29 11.45 -2.09
CA LEU A 105 -16.62 11.02 -1.66
C LEU A 105 -16.97 11.76 -0.37
N ALA A 106 -16.06 11.75 0.60
CA ALA A 106 -16.17 12.41 1.88
C ALA A 106 -16.09 13.93 1.78
N SER A 107 -15.50 14.48 0.72
CA SER A 107 -15.39 15.91 0.49
C SER A 107 -15.50 16.15 -1.01
N GLY A 1 -10.26 -17.29 13.63
CA GLY A 1 -8.88 -16.79 13.47
C GLY A 1 -8.67 -16.32 12.04
N SER A 2 -7.58 -15.59 11.80
CA SER A 2 -7.19 -15.09 10.48
C SER A 2 -5.66 -14.84 10.50
N VAL A 3 -5.19 -13.94 9.64
CA VAL A 3 -3.90 -13.27 9.75
C VAL A 3 -4.16 -11.76 9.68
N VAL A 4 -3.18 -10.93 10.03
CA VAL A 4 -3.27 -9.46 10.05
C VAL A 4 -1.90 -8.90 9.64
N GLY A 5 -1.86 -7.68 9.10
CA GLY A 5 -0.64 -7.06 8.57
C GLY A 5 -0.66 -5.54 8.71
N GLY A 6 -1.00 -5.05 9.89
CA GLY A 6 -1.19 -3.63 10.19
C GLY A 6 -2.49 -3.46 10.98
N LEU A 7 -3.18 -2.36 10.70
CA LEU A 7 -4.38 -1.87 11.37
C LEU A 7 -4.09 -1.58 12.83
N GLY A 8 -3.95 -0.28 13.11
CA GLY A 8 -3.58 0.25 14.41
C GLY A 8 -3.83 1.74 14.42
N GLY A 9 -5.08 2.15 14.62
CA GLY A 9 -5.46 3.55 14.69
C GLY A 9 -5.25 4.29 13.37
N TYR A 10 -5.24 3.59 12.23
CA TYR A 10 -5.34 4.21 10.93
C TYR A 10 -6.77 4.00 10.44
N ALA A 11 -7.26 4.93 9.63
CA ALA A 11 -8.32 4.64 8.70
C ALA A 11 -7.68 3.94 7.51
N LEU A 12 -8.44 3.02 6.96
CA LEU A 12 -8.19 2.18 5.81
C LEU A 12 -9.52 2.18 5.02
N GLY A 13 -9.57 1.64 3.81
CA GLY A 13 -10.71 1.94 2.94
C GLY A 13 -10.59 1.24 1.60
N SER A 14 -10.30 -0.05 1.65
CA SER A 14 -9.90 -0.86 0.50
C SER A 14 -10.39 -2.28 0.74
N ALA A 15 -9.54 -3.25 0.40
CA ALA A 15 -9.61 -4.71 0.53
C ALA A 15 -9.90 -5.29 -0.86
N MET A 16 -9.04 -4.93 -1.83
CA MET A 16 -9.25 -5.03 -3.27
C MET A 16 -9.37 -6.46 -3.84
N SER A 17 -9.10 -7.46 -3.02
CA SER A 17 -9.11 -8.91 -3.23
C SER A 17 -8.92 -9.36 -4.67
N GLY A 18 -7.67 -9.73 -4.98
CA GLY A 18 -7.24 -10.12 -6.31
C GLY A 18 -6.79 -8.87 -7.05
N MET A 19 -5.76 -8.21 -6.52
CA MET A 19 -5.20 -7.03 -7.16
C MET A 19 -4.46 -7.38 -8.44
N ARG A 20 -4.40 -6.43 -9.37
CA ARG A 20 -3.72 -6.56 -10.65
C ARG A 20 -2.93 -5.29 -10.93
N MET A 21 -1.80 -5.47 -11.63
CA MET A 21 -0.89 -4.43 -12.09
C MET A 21 -0.06 -5.07 -13.23
N ASN A 22 0.55 -4.26 -14.11
CA ASN A 22 1.54 -4.73 -15.08
C ASN A 22 2.96 -4.23 -14.80
N PHE A 23 3.12 -3.24 -13.92
CA PHE A 23 4.38 -2.69 -13.45
C PHE A 23 5.23 -2.17 -14.61
N ASP A 24 6.45 -1.73 -14.33
CA ASP A 24 7.30 -1.12 -15.35
C ASP A 24 8.07 -2.18 -16.13
N ARG A 25 8.36 -3.32 -15.50
CA ARG A 25 9.13 -4.42 -16.06
C ARG A 25 8.38 -5.73 -15.80
N PRO A 26 8.64 -6.78 -16.59
CA PRO A 26 7.99 -8.05 -16.45
C PRO A 26 8.44 -8.81 -15.19
N GLU A 27 9.61 -8.51 -14.65
CA GLU A 27 10.22 -9.33 -13.59
C GLU A 27 9.45 -9.16 -12.28
N GLU A 28 9.29 -7.92 -11.83
CA GLU A 28 8.48 -7.53 -10.70
C GLU A 28 7.01 -7.97 -10.91
N ARG A 29 6.50 -7.92 -12.15
CA ARG A 29 5.17 -8.39 -12.49
C ARG A 29 5.05 -9.90 -12.29
N GLN A 30 6.12 -10.65 -12.56
CA GLN A 30 6.16 -12.08 -12.34
C GLN A 30 6.09 -12.35 -10.83
N TRP A 31 6.84 -11.61 -10.01
CA TRP A 31 6.86 -11.80 -8.57
C TRP A 31 5.49 -11.50 -7.95
N TRP A 32 4.76 -10.52 -8.49
CA TRP A 32 3.37 -10.27 -8.09
C TRP A 32 2.47 -11.50 -8.29
N ASN A 33 2.78 -12.41 -9.23
CA ASN A 33 2.07 -13.66 -9.42
C ASN A 33 2.59 -14.81 -8.56
N GLU A 34 3.69 -14.60 -7.83
CA GLU A 34 4.20 -15.56 -6.88
C GLU A 34 3.26 -15.53 -5.66
N ASN A 35 3.42 -14.52 -4.81
CA ASN A 35 2.66 -14.34 -3.56
C ASN A 35 1.46 -13.43 -3.76
N SER A 36 0.50 -13.53 -2.83
CA SER A 36 -0.45 -12.47 -2.49
C SER A 36 -1.27 -12.77 -1.22
N ASN A 37 -0.99 -13.88 -0.52
CA ASN A 37 -1.52 -14.15 0.81
C ASN A 37 -0.63 -13.52 1.88
N ARG A 38 0.67 -13.39 1.55
CA ARG A 38 1.70 -12.88 2.44
C ARG A 38 1.42 -11.44 2.86
N TYR A 39 1.22 -10.54 1.89
CA TYR A 39 0.79 -9.18 2.16
C TYR A 39 -0.69 -9.04 1.80
N PRO A 40 -1.49 -8.33 2.62
CA PRO A 40 -2.87 -8.03 2.30
C PRO A 40 -3.00 -7.04 1.13
N ASN A 41 -4.22 -6.93 0.60
CA ASN A 41 -4.63 -6.07 -0.53
C ASN A 41 -5.43 -4.88 0.02
N GLN A 42 -4.86 -4.14 0.96
CA GLN A 42 -5.41 -2.90 1.47
C GLN A 42 -4.22 -1.97 1.77
N VAL A 43 -4.47 -0.71 2.03
CA VAL A 43 -3.53 0.31 2.45
C VAL A 43 -4.23 1.10 3.55
N TYR A 44 -3.56 2.04 4.21
CA TYR A 44 -4.09 2.80 5.33
C TYR A 44 -3.73 4.27 5.07
N TYR A 45 -4.48 5.24 5.60
CA TYR A 45 -4.27 6.66 5.36
C TYR A 45 -4.35 7.48 6.65
N LYS A 46 -3.83 6.90 7.73
CA LYS A 46 -3.85 7.39 9.12
C LYS A 46 -5.22 8.01 9.36
N GLU A 47 -5.35 9.17 9.97
CA GLU A 47 -6.40 10.07 9.58
C GLU A 47 -5.67 11.39 9.40
N TYR A 48 -5.97 12.12 8.33
CA TYR A 48 -5.41 13.45 8.15
C TYR A 48 -6.34 14.42 8.82
N ASN A 49 -6.05 14.71 10.09
CA ASN A 49 -6.71 15.75 10.88
C ASN A 49 -6.69 17.12 10.19
N ASP A 50 -5.91 17.27 9.11
CA ASP A 50 -5.80 18.51 8.36
C ASP A 50 -6.70 18.62 7.16
N ARG A 51 -7.28 17.51 6.67
CA ARG A 51 -8.23 17.41 5.55
C ARG A 51 -7.91 18.30 4.33
N SER A 52 -6.63 18.59 4.14
CA SER A 52 -6.15 19.43 3.07
C SER A 52 -4.83 18.87 2.58
N VAL A 53 -4.96 18.00 1.60
CA VAL A 53 -3.94 17.48 0.74
C VAL A 53 -4.45 17.78 -0.67
N PRO A 54 -3.59 17.97 -1.68
CA PRO A 54 -3.98 17.83 -3.06
C PRO A 54 -4.07 16.33 -3.36
N GLU A 55 -4.08 15.97 -4.64
CA GLU A 55 -3.99 14.58 -5.05
C GLU A 55 -2.65 13.96 -4.63
N GLY A 56 -1.59 14.78 -4.57
CA GLY A 56 -0.20 14.32 -4.49
C GLY A 56 0.16 13.91 -3.06
N ARG A 57 0.07 14.85 -2.12
CA ARG A 57 0.47 14.72 -0.72
C ARG A 57 -0.12 13.49 -0.06
N PHE A 58 -1.37 13.15 -0.40
CA PHE A 58 -2.05 11.97 0.13
C PHE A 58 -1.29 10.73 -0.28
N VAL A 59 -1.20 10.45 -1.57
CA VAL A 59 -0.52 9.27 -2.07
C VAL A 59 0.97 9.35 -1.71
N ARG A 60 1.52 10.52 -1.39
CA ARG A 60 2.91 10.63 -0.92
C ARG A 60 3.08 9.93 0.42
N ASP A 61 2.11 10.02 1.32
CA ASP A 61 2.25 9.52 2.69
C ASP A 61 1.44 8.26 2.94
N CYS A 62 0.26 8.10 2.31
CA CYS A 62 -0.57 6.91 2.41
C CYS A 62 0.25 5.66 2.06
N VAL A 63 1.19 5.81 1.12
CA VAL A 63 2.06 4.72 0.74
C VAL A 63 3.07 4.46 1.84
N ASN A 64 3.69 5.52 2.35
CA ASN A 64 4.70 5.53 3.40
C ASN A 64 4.17 4.86 4.66
N ILE A 65 2.94 5.18 5.05
CA ILE A 65 2.25 4.55 6.17
C ILE A 65 2.11 3.05 5.93
N THR A 66 1.73 2.63 4.73
CA THR A 66 1.45 1.23 4.49
C THR A 66 2.76 0.44 4.41
N VAL A 67 3.83 0.96 3.77
CA VAL A 67 5.14 0.30 3.79
C VAL A 67 5.67 0.19 5.23
N THR A 68 5.37 1.17 6.08
CA THR A 68 5.71 1.12 7.50
C THR A 68 4.89 0.04 8.22
N GLU A 69 3.57 -0.03 7.99
CA GLU A 69 2.70 -1.03 8.61
C GLU A 69 3.10 -2.44 8.19
N TYR A 70 3.54 -2.59 6.93
CA TYR A 70 3.95 -3.84 6.30
C TYR A 70 5.44 -4.15 6.55
N LYS A 71 6.19 -3.25 7.21
CA LYS A 71 7.64 -3.28 7.37
C LYS A 71 8.36 -3.63 6.05
N ILE A 72 8.03 -2.94 4.96
CA ILE A 72 8.70 -3.04 3.66
C ILE A 72 9.85 -2.05 3.65
N ASP A 73 11.09 -2.53 3.67
CA ASP A 73 12.27 -1.82 3.16
C ASP A 73 13.52 -2.67 3.44
N PRO A 74 14.46 -2.88 2.50
CA PRO A 74 15.71 -3.57 2.79
C PRO A 74 16.67 -2.75 3.66
N ASN A 75 16.49 -1.44 3.81
CA ASN A 75 17.42 -0.67 4.64
C ASN A 75 17.05 -0.84 6.10
N GLU A 76 15.76 -0.89 6.38
CA GLU A 76 15.25 -1.17 7.71
C GLU A 76 15.34 -2.67 7.99
N ASN A 77 14.73 -3.50 7.16
CA ASN A 77 14.55 -4.94 7.45
C ASN A 77 15.86 -5.70 7.26
N GLN A 78 16.83 -5.14 6.51
CA GLN A 78 18.14 -5.71 6.24
C GLN A 78 18.10 -7.01 5.43
N ASN A 79 16.94 -7.45 4.88
CA ASN A 79 16.84 -8.81 4.34
C ASN A 79 15.96 -9.03 3.10
N VAL A 80 15.30 -8.01 2.58
CA VAL A 80 14.16 -8.20 1.67
C VAL A 80 14.63 -8.33 0.24
N THR A 81 13.81 -8.97 -0.59
CA THR A 81 14.08 -9.12 -2.01
C THR A 81 13.77 -7.80 -2.75
N GLN A 82 14.57 -7.44 -3.75
CA GLN A 82 14.36 -6.16 -4.44
C GLN A 82 13.05 -6.13 -5.23
N VAL A 83 12.53 -7.27 -5.70
CA VAL A 83 11.23 -7.29 -6.36
C VAL A 83 10.14 -6.91 -5.36
N GLU A 84 10.20 -7.37 -4.11
CA GLU A 84 9.17 -7.09 -3.11
C GLU A 84 9.09 -5.59 -2.85
N VAL A 85 10.23 -4.93 -2.60
CA VAL A 85 10.19 -3.51 -2.22
C VAL A 85 9.73 -2.65 -3.39
N ARG A 86 9.96 -3.13 -4.61
CA ARG A 86 9.49 -2.50 -5.84
C ARG A 86 7.99 -2.70 -6.03
N VAL A 87 7.54 -3.95 -6.10
CA VAL A 87 6.13 -4.34 -6.23
C VAL A 87 5.34 -3.64 -5.15
N MET A 88 5.67 -3.87 -3.88
CA MET A 88 4.93 -3.30 -2.79
C MET A 88 5.09 -1.78 -2.68
N LYS A 89 5.83 -1.09 -3.55
CA LYS A 89 5.79 0.36 -3.65
C LYS A 89 4.89 0.78 -4.79
N GLN A 90 5.14 0.29 -6.01
CA GLN A 90 4.32 0.59 -7.19
C GLN A 90 2.87 0.27 -6.87
N VAL A 91 2.61 -0.95 -6.39
CA VAL A 91 1.28 -1.42 -6.04
C VAL A 91 0.69 -0.52 -4.97
N ILE A 92 1.39 -0.27 -3.85
CA ILE A 92 0.79 0.50 -2.76
C ILE A 92 0.44 1.88 -3.29
N GLN A 93 1.24 2.51 -4.16
CA GLN A 93 0.89 3.78 -4.79
C GLN A 93 -0.40 3.66 -5.57
N GLU A 94 -0.52 2.67 -6.45
CA GLU A 94 -1.67 2.52 -7.34
C GLU A 94 -2.92 2.18 -6.53
N MET A 95 -2.86 1.25 -5.58
CA MET A 95 -3.97 0.91 -4.71
C MET A 95 -4.26 2.06 -3.72
N CYS A 96 -3.29 2.96 -3.49
CA CYS A 96 -3.49 4.18 -2.73
C CYS A 96 -4.25 5.21 -3.56
N MET A 97 -4.06 5.22 -4.88
CA MET A 97 -4.57 6.27 -5.76
C MET A 97 -6.03 6.06 -6.11
N GLN A 98 -6.52 4.82 -6.22
CA GLN A 98 -7.96 4.64 -6.37
C GLN A 98 -8.60 4.81 -4.99
N GLN A 99 -8.06 4.13 -3.97
CA GLN A 99 -8.70 4.15 -2.67
C GLN A 99 -8.68 5.58 -2.08
N TYR A 100 -7.76 6.45 -2.50
CA TYR A 100 -7.73 7.88 -2.17
C TYR A 100 -9.11 8.51 -2.39
N GLN A 101 -9.82 8.11 -3.44
CA GLN A 101 -11.11 8.68 -3.74
C GLN A 101 -12.12 8.44 -2.61
N GLN A 102 -11.96 7.40 -1.78
CA GLN A 102 -12.83 7.14 -0.64
C GLN A 102 -12.77 8.32 0.31
N TYR A 103 -11.57 8.87 0.57
CA TYR A 103 -11.43 10.02 1.45
C TYR A 103 -12.27 11.17 0.90
N GLN A 104 -12.20 11.39 -0.41
CA GLN A 104 -12.86 12.47 -1.15
C GLN A 104 -14.33 12.16 -1.46
N LEU A 105 -14.84 11.00 -1.03
CA LEU A 105 -16.25 10.62 -1.09
C LEU A 105 -16.84 10.75 0.31
N ALA A 106 -16.15 10.23 1.30
CA ALA A 106 -16.51 10.26 2.71
C ALA A 106 -16.30 11.66 3.35
N SER A 107 -15.69 12.60 2.62
CA SER A 107 -15.60 14.00 2.98
C SER A 107 -16.93 14.72 2.81
N GLY A 1 -3.42 -12.88 18.33
CA GLY A 1 -2.29 -13.05 17.42
C GLY A 1 -2.73 -13.81 16.19
N SER A 2 -2.13 -13.51 15.04
CA SER A 2 -2.60 -13.90 13.72
C SER A 2 -4.02 -13.41 13.42
N VAL A 3 -4.43 -13.48 12.16
CA VAL A 3 -5.54 -12.70 11.59
C VAL A 3 -5.14 -11.21 11.57
N VAL A 4 -5.61 -10.45 10.56
CA VAL A 4 -5.14 -9.13 10.18
C VAL A 4 -3.60 -9.08 10.15
N GLY A 5 -3.04 -7.88 10.11
CA GLY A 5 -1.62 -7.64 10.11
C GLY A 5 -1.33 -6.15 10.20
N GLY A 6 -1.39 -5.56 11.39
CA GLY A 6 -1.08 -4.16 11.64
C GLY A 6 -2.22 -3.52 12.40
N LEU A 7 -2.82 -2.48 11.81
CA LEU A 7 -4.01 -1.74 12.20
C LEU A 7 -3.87 -1.08 13.56
N GLY A 8 -3.91 0.24 13.58
CA GLY A 8 -3.99 1.00 14.81
C GLY A 8 -4.44 2.42 14.53
N GLY A 9 -3.50 3.35 14.48
CA GLY A 9 -3.71 4.79 14.44
C GLY A 9 -4.10 5.32 13.06
N TYR A 10 -4.86 4.53 12.28
CA TYR A 10 -5.16 4.81 10.89
C TYR A 10 -6.62 4.50 10.64
N ALA A 11 -7.18 5.18 9.64
CA ALA A 11 -8.29 4.61 8.90
C ALA A 11 -7.64 3.64 7.93
N LEU A 12 -7.92 2.35 8.04
CA LEU A 12 -7.66 1.44 6.93
C LEU A 12 -8.87 1.38 6.01
N GLY A 13 -8.64 0.91 4.79
CA GLY A 13 -9.62 0.78 3.74
C GLY A 13 -8.95 0.22 2.49
N SER A 14 -9.73 -0.09 1.46
CA SER A 14 -9.47 -0.60 0.15
C SER A 14 -10.23 -1.91 0.00
N ALA A 15 -9.65 -3.01 0.51
CA ALA A 15 -10.10 -4.36 0.28
C ALA A 15 -10.47 -4.56 -1.19
N MET A 16 -9.48 -4.40 -2.08
CA MET A 16 -9.67 -4.39 -3.52
C MET A 16 -10.29 -5.70 -4.00
N SER A 17 -9.58 -6.81 -3.76
CA SER A 17 -9.94 -8.19 -4.13
C SER A 17 -9.85 -8.38 -5.65
N GLY A 18 -8.98 -9.28 -6.10
CA GLY A 18 -8.83 -9.56 -7.53
C GLY A 18 -8.17 -8.43 -8.31
N MET A 19 -7.51 -7.49 -7.61
CA MET A 19 -6.69 -6.44 -8.16
C MET A 19 -5.53 -7.05 -8.95
N ARG A 20 -4.99 -6.31 -9.91
CA ARG A 20 -3.99 -6.74 -10.89
C ARG A 20 -2.98 -5.65 -11.13
N MET A 21 -1.84 -6.01 -11.71
CA MET A 21 -0.78 -5.06 -12.01
C MET A 21 0.14 -5.62 -13.08
N ASN A 22 0.99 -4.76 -13.65
CA ASN A 22 1.92 -5.08 -14.71
C ASN A 22 3.38 -4.78 -14.36
N PHE A 23 3.70 -3.69 -13.65
CA PHE A 23 5.05 -3.14 -13.38
C PHE A 23 5.88 -2.77 -14.62
N ASP A 24 5.47 -3.27 -15.79
CA ASP A 24 6.01 -3.14 -17.14
C ASP A 24 7.47 -3.50 -17.34
N ARG A 25 8.10 -4.00 -16.29
CA ARG A 25 9.26 -4.87 -16.34
C ARG A 25 8.77 -6.29 -16.00
N PRO A 26 9.45 -7.34 -16.47
CA PRO A 26 9.08 -8.71 -16.11
C PRO A 26 9.57 -9.09 -14.71
N GLU A 27 10.62 -8.43 -14.19
CA GLU A 27 11.31 -8.82 -12.96
C GLU A 27 10.32 -8.82 -11.80
N GLU A 28 9.77 -7.64 -11.50
CA GLU A 28 8.88 -7.44 -10.37
C GLU A 28 7.53 -8.14 -10.64
N ARG A 29 7.14 -8.22 -11.92
CA ARG A 29 5.87 -8.84 -12.31
C ARG A 29 5.87 -10.35 -12.08
N GLN A 30 7.00 -11.04 -12.31
CA GLN A 30 7.11 -12.45 -11.95
C GLN A 30 6.79 -12.57 -10.47
N TRP A 31 7.41 -11.75 -9.63
CA TRP A 31 7.34 -11.91 -8.19
C TRP A 31 5.90 -11.69 -7.69
N TRP A 32 5.17 -10.72 -8.26
CA TRP A 32 3.75 -10.49 -7.98
C TRP A 32 2.86 -11.64 -8.42
N ASN A 33 3.19 -12.30 -9.55
CA ASN A 33 2.45 -13.49 -9.94
C ASN A 33 2.74 -14.62 -8.97
N GLU A 34 4.00 -14.70 -8.55
CA GLU A 34 4.54 -15.79 -7.76
C GLU A 34 3.91 -15.81 -6.38
N ASN A 35 3.85 -14.64 -5.74
CA ASN A 35 3.22 -14.45 -4.45
C ASN A 35 2.35 -13.20 -4.51
N SER A 36 1.18 -13.28 -3.88
CA SER A 36 0.35 -12.13 -3.58
C SER A 36 -0.41 -12.39 -2.28
N ASN A 37 -0.72 -13.65 -1.96
CA ASN A 37 -1.40 -14.07 -0.73
C ASN A 37 -0.65 -13.61 0.52
N ARG A 38 0.67 -13.51 0.39
CA ARG A 38 1.60 -13.05 1.41
C ARG A 38 1.38 -11.59 1.85
N TYR A 39 0.53 -10.81 1.17
CA TYR A 39 0.10 -9.49 1.65
C TYR A 39 -1.40 -9.30 1.36
N PRO A 40 -2.11 -8.48 2.16
CA PRO A 40 -3.53 -8.26 1.98
C PRO A 40 -3.84 -7.37 0.76
N ASN A 41 -5.14 -7.17 0.51
CA ASN A 41 -5.75 -6.26 -0.46
C ASN A 41 -6.19 -4.94 0.17
N GLN A 42 -5.71 -4.66 1.38
CA GLN A 42 -6.03 -3.45 2.11
C GLN A 42 -4.74 -2.66 2.33
N VAL A 43 -4.88 -1.36 2.55
CA VAL A 43 -3.83 -0.39 2.80
C VAL A 43 -4.35 0.44 3.99
N TYR A 44 -3.47 1.10 4.74
CA TYR A 44 -3.89 2.02 5.79
C TYR A 44 -3.63 3.42 5.27
N TYR A 45 -4.32 4.43 5.81
CA TYR A 45 -4.13 5.80 5.44
C TYR A 45 -4.31 6.68 6.66
N LYS A 46 -3.45 7.68 6.76
CA LYS A 46 -3.53 8.68 7.79
C LYS A 46 -4.81 9.46 7.62
N GLU A 47 -5.55 9.61 8.71
CA GLU A 47 -6.61 10.61 8.81
C GLU A 47 -5.94 11.96 9.05
N TYR A 48 -5.91 12.81 8.02
CA TYR A 48 -5.55 14.21 8.16
C TYR A 48 -6.81 14.90 8.63
N ASN A 49 -6.87 15.23 9.91
CA ASN A 49 -7.88 16.15 10.46
C ASN A 49 -7.90 17.49 9.73
N ASP A 50 -6.80 17.85 9.05
CA ASP A 50 -6.67 19.08 8.30
C ASP A 50 -7.56 19.04 7.05
N ARG A 51 -7.77 17.85 6.45
CA ARG A 51 -8.59 17.55 5.27
C ARG A 51 -8.36 18.47 4.05
N SER A 52 -7.25 19.21 3.97
CA SER A 52 -6.94 20.11 2.85
C SER A 52 -5.93 19.45 1.91
N VAL A 53 -5.68 18.16 2.10
CA VAL A 53 -4.47 17.49 1.67
C VAL A 53 -4.48 17.36 0.15
N PRO A 54 -3.34 17.47 -0.54
CA PRO A 54 -3.30 17.29 -1.97
C PRO A 54 -3.38 15.80 -2.29
N GLU A 55 -3.81 15.54 -3.52
CA GLU A 55 -3.91 14.22 -4.14
C GLU A 55 -2.60 13.43 -4.01
N GLY A 56 -1.46 14.13 -3.95
CA GLY A 56 -0.14 13.51 -3.92
C GLY A 56 0.21 13.08 -2.50
N ARG A 57 0.30 14.02 -1.55
CA ARG A 57 0.77 13.71 -0.21
C ARG A 57 -0.07 12.62 0.43
N PHE A 58 -1.40 12.60 0.22
CA PHE A 58 -2.28 11.59 0.78
C PHE A 58 -1.66 10.22 0.53
N VAL A 59 -1.37 9.93 -0.73
CA VAL A 59 -0.88 8.63 -1.13
C VAL A 59 0.62 8.51 -0.82
N ARG A 60 1.41 9.59 -0.93
CA ARG A 60 2.84 9.52 -0.66
C ARG A 60 3.09 9.05 0.79
N ASP A 61 2.31 9.58 1.72
CA ASP A 61 2.31 9.20 3.14
C ASP A 61 1.69 7.81 3.31
N CYS A 62 0.55 7.53 2.67
CA CYS A 62 -0.15 6.24 2.80
C CYS A 62 0.78 5.08 2.48
N VAL A 63 1.61 5.22 1.43
CA VAL A 63 2.41 4.11 1.00
C VAL A 63 3.50 3.89 2.03
N ASN A 64 4.13 4.96 2.50
CA ASN A 64 5.06 4.96 3.64
C ASN A 64 4.43 4.32 4.88
N ILE A 65 3.18 4.63 5.20
CA ILE A 65 2.44 4.02 6.31
C ILE A 65 2.35 2.51 6.10
N THR A 66 1.92 2.08 4.92
CA THR A 66 1.59 0.69 4.66
C THR A 66 2.89 -0.13 4.54
N VAL A 67 3.96 0.38 3.91
CA VAL A 67 5.27 -0.29 3.87
C VAL A 67 5.95 -0.32 5.24
N THR A 68 5.66 0.61 6.13
CA THR A 68 6.01 0.46 7.54
C THR A 68 5.25 -0.75 8.11
N GLU A 69 3.93 -0.75 8.04
CA GLU A 69 3.09 -1.76 8.68
C GLU A 69 3.24 -3.15 8.05
N TYR A 70 3.74 -3.23 6.81
CA TYR A 70 4.07 -4.44 6.06
C TYR A 70 5.55 -4.84 6.25
N LYS A 71 6.37 -4.01 6.90
CA LYS A 71 7.81 -4.17 7.15
C LYS A 71 8.65 -4.27 5.84
N ILE A 72 8.65 -3.20 5.04
CA ILE A 72 9.29 -3.15 3.73
C ILE A 72 10.07 -1.83 3.55
N ASP A 73 11.31 -1.81 4.03
CA ASP A 73 12.34 -0.87 3.58
C ASP A 73 13.70 -1.52 3.81
N PRO A 74 14.57 -1.62 2.80
CA PRO A 74 15.82 -2.35 2.94
C PRO A 74 16.79 -1.68 3.90
N ASN A 75 16.70 -0.37 4.15
CA ASN A 75 17.65 0.29 5.05
C ASN A 75 17.41 -0.16 6.49
N GLU A 76 16.19 -0.61 6.80
CA GLU A 76 15.69 -0.82 8.15
C GLU A 76 15.47 -2.31 8.43
N ASN A 77 15.16 -3.13 7.40
CA ASN A 77 15.03 -4.58 7.57
C ASN A 77 16.28 -5.33 7.09
N GLN A 78 17.07 -4.72 6.20
CA GLN A 78 18.36 -5.18 5.65
C GLN A 78 18.37 -6.64 5.18
N ASN A 79 17.21 -7.19 4.80
CA ASN A 79 17.02 -8.60 4.46
C ASN A 79 16.12 -8.79 3.24
N VAL A 80 15.63 -7.71 2.63
CA VAL A 80 14.47 -7.71 1.73
C VAL A 80 14.90 -7.94 0.27
N THR A 81 14.01 -7.78 -0.71
CA THR A 81 14.34 -8.03 -2.13
C THR A 81 13.67 -6.94 -2.98
N GLN A 82 14.38 -6.32 -3.91
CA GLN A 82 13.95 -5.14 -4.64
C GLN A 82 12.72 -5.43 -5.53
N VAL A 83 12.48 -6.67 -5.94
CA VAL A 83 11.19 -7.01 -6.54
C VAL A 83 10.07 -6.65 -5.57
N GLU A 84 10.14 -7.09 -4.31
CA GLU A 84 9.17 -6.78 -3.28
C GLU A 84 9.18 -5.28 -2.99
N VAL A 85 10.34 -4.61 -2.93
CA VAL A 85 10.35 -3.17 -2.65
C VAL A 85 9.52 -2.43 -3.70
N ARG A 86 9.74 -2.75 -4.98
CA ARG A 86 9.00 -2.19 -6.11
C ARG A 86 7.54 -2.57 -6.04
N VAL A 87 7.19 -3.86 -6.14
CA VAL A 87 5.82 -4.35 -6.10
C VAL A 87 5.10 -3.68 -4.95
N MET A 88 5.55 -3.87 -3.71
CA MET A 88 4.85 -3.39 -2.55
C MET A 88 4.87 -1.86 -2.40
N LYS A 89 5.50 -1.10 -3.29
CA LYS A 89 5.30 0.35 -3.37
C LYS A 89 4.39 0.73 -4.53
N GLN A 90 4.59 0.17 -5.73
CA GLN A 90 3.72 0.47 -6.86
C GLN A 90 2.33 0.02 -6.53
N VAL A 91 2.19 -1.26 -6.15
CA VAL A 91 0.94 -1.87 -5.79
C VAL A 91 0.27 -0.95 -4.79
N ILE A 92 0.89 -0.63 -3.63
CA ILE A 92 0.25 0.12 -2.57
C ILE A 92 -0.11 1.52 -3.09
N GLN A 93 0.68 2.14 -3.97
CA GLN A 93 0.26 3.41 -4.54
C GLN A 93 -1.06 3.23 -5.30
N GLU A 94 -1.18 2.18 -6.11
CA GLU A 94 -2.38 1.88 -6.89
C GLU A 94 -3.55 1.42 -6.00
N MET A 95 -3.34 0.42 -5.13
CA MET A 95 -4.30 -0.08 -4.16
C MET A 95 -4.54 0.94 -3.04
N CYS A 96 -3.90 2.12 -3.07
CA CYS A 96 -4.35 3.25 -2.29
C CYS A 96 -5.05 4.30 -3.16
N MET A 97 -4.54 4.66 -4.33
CA MET A 97 -5.07 5.76 -5.15
C MET A 97 -6.55 5.56 -5.48
N GLN A 98 -6.97 4.30 -5.61
CA GLN A 98 -8.35 3.97 -5.82
C GLN A 98 -9.18 4.30 -4.56
N GLN A 99 -8.72 3.92 -3.36
CA GLN A 99 -9.48 4.20 -2.13
C GLN A 99 -9.33 5.67 -1.69
N TYR A 100 -8.23 6.35 -2.04
CA TYR A 100 -7.97 7.78 -1.77
C TYR A 100 -9.15 8.63 -2.24
N GLN A 101 -9.83 8.19 -3.29
CA GLN A 101 -11.02 8.83 -3.79
C GLN A 101 -12.08 9.01 -2.69
N GLN A 102 -12.12 8.16 -1.64
CA GLN A 102 -13.01 8.27 -0.50
C GLN A 102 -12.84 9.62 0.16
N TYR A 103 -11.62 10.13 0.28
CA TYR A 103 -11.37 11.38 0.95
C TYR A 103 -12.09 12.50 0.18
N GLN A 104 -11.93 12.51 -1.14
CA GLN A 104 -12.53 13.51 -2.01
C GLN A 104 -14.05 13.39 -2.01
N LEU A 105 -14.57 12.17 -1.96
CA LEU A 105 -16.00 11.87 -1.89
C LEU A 105 -16.57 12.34 -0.55
N ALA A 106 -15.87 12.05 0.55
CA ALA A 106 -16.30 12.27 1.92
C ALA A 106 -16.14 13.73 2.36
N SER A 107 -15.26 14.49 1.69
CA SER A 107 -14.93 15.89 1.90
C SER A 107 -14.91 16.27 3.39
N GLY A 1 -0.68 -6.47 25.23
CA GLY A 1 -2.11 -6.14 25.28
C GLY A 1 -2.47 -5.40 24.02
N SER A 2 -3.43 -5.90 23.23
CA SER A 2 -3.90 -5.31 21.99
C SER A 2 -2.71 -5.05 21.04
N VAL A 3 -2.28 -6.11 20.37
CA VAL A 3 -1.25 -6.03 19.32
C VAL A 3 -1.71 -5.09 18.20
N VAL A 4 -0.77 -4.68 17.35
CA VAL A 4 -1.06 -3.87 16.17
C VAL A 4 -0.39 -4.52 14.95
N GLY A 5 -0.67 -4.02 13.76
CA GLY A 5 -0.31 -4.60 12.48
C GLY A 5 -1.33 -4.11 11.47
N GLY A 6 -1.40 -2.78 11.35
CA GLY A 6 -2.34 -2.04 10.54
C GLY A 6 -2.78 -0.76 11.24
N LEU A 7 -3.41 -0.89 12.41
CA LEU A 7 -4.14 0.19 13.05
C LEU A 7 -3.29 0.88 14.11
N GLY A 8 -3.91 1.09 15.25
CA GLY A 8 -3.49 1.97 16.32
C GLY A 8 -4.14 3.33 16.12
N GLY A 9 -3.83 3.97 15.00
CA GLY A 9 -4.13 5.38 14.76
C GLY A 9 -4.00 5.68 13.28
N TYR A 10 -4.89 5.07 12.50
CA TYR A 10 -5.01 5.18 11.06
C TYR A 10 -6.49 4.99 10.70
N ALA A 11 -6.86 5.29 9.46
CA ALA A 11 -8.09 4.78 8.83
C ALA A 11 -7.67 3.67 7.88
N LEU A 12 -8.28 2.50 8.00
CA LEU A 12 -7.95 1.32 7.22
C LEU A 12 -9.10 1.05 6.28
N GLY A 13 -8.73 0.57 5.10
CA GLY A 13 -9.59 0.45 3.94
C GLY A 13 -10.09 -0.97 3.73
N SER A 14 -10.67 -1.20 2.56
CA SER A 14 -10.92 -2.51 2.02
C SER A 14 -9.61 -3.18 1.63
N ALA A 15 -9.74 -4.42 1.21
CA ALA A 15 -8.69 -5.22 0.63
C ALA A 15 -9.12 -5.57 -0.79
N MET A 16 -8.38 -5.05 -1.76
CA MET A 16 -8.73 -5.08 -3.18
C MET A 16 -8.77 -6.49 -3.76
N SER A 17 -8.29 -7.49 -3.01
CA SER A 17 -8.42 -8.94 -3.15
C SER A 17 -8.11 -9.49 -4.56
N GLY A 18 -6.91 -10.04 -4.71
CA GLY A 18 -6.39 -10.53 -5.99
C GLY A 18 -6.15 -9.36 -6.92
N MET A 19 -5.37 -8.37 -6.49
CA MET A 19 -5.17 -7.13 -7.23
C MET A 19 -4.29 -7.35 -8.46
N ARG A 20 -4.37 -6.45 -9.43
CA ARG A 20 -3.69 -6.55 -10.72
C ARG A 20 -2.98 -5.24 -10.99
N MET A 21 -1.79 -5.30 -11.60
CA MET A 21 -0.99 -4.12 -11.91
C MET A 21 -0.31 -4.31 -13.26
N ASN A 22 0.31 -3.22 -13.73
CA ASN A 22 0.69 -3.03 -15.13
C ASN A 22 2.17 -2.71 -15.35
N PHE A 23 2.95 -2.72 -14.28
CA PHE A 23 4.35 -2.35 -14.09
C PHE A 23 5.17 -2.18 -15.37
N ASP A 24 5.97 -1.12 -15.39
CA ASP A 24 6.79 -0.70 -16.53
C ASP A 24 7.87 -1.70 -16.94
N ARG A 25 8.11 -2.67 -16.06
CA ARG A 25 9.19 -3.65 -16.19
C ARG A 25 8.67 -5.07 -15.95
N PRO A 26 9.30 -6.08 -16.57
CA PRO A 26 8.84 -7.46 -16.46
C PRO A 26 9.24 -8.15 -15.15
N GLU A 27 10.41 -7.88 -14.56
CA GLU A 27 10.95 -8.74 -13.49
C GLU A 27 10.11 -8.65 -12.22
N GLU A 28 9.78 -7.43 -11.82
CA GLU A 28 8.91 -7.13 -10.67
C GLU A 28 7.51 -7.72 -10.88
N ARG A 29 6.99 -7.63 -12.10
CA ARG A 29 5.62 -8.04 -12.39
C ARG A 29 5.47 -9.55 -12.39
N GLN A 30 6.52 -10.28 -12.75
CA GLN A 30 6.57 -11.73 -12.63
C GLN A 30 6.37 -12.10 -11.15
N TRP A 31 7.08 -11.42 -10.24
CA TRP A 31 7.01 -11.74 -8.82
C TRP A 31 5.62 -11.40 -8.27
N TRP A 32 4.96 -10.33 -8.74
CA TRP A 32 3.57 -10.06 -8.41
C TRP A 32 2.64 -11.20 -8.86
N ASN A 33 3.01 -11.97 -9.90
CA ASN A 33 2.31 -13.19 -10.28
C ASN A 33 2.70 -14.42 -9.49
N GLU A 34 3.73 -14.33 -8.65
CA GLU A 34 4.02 -15.35 -7.67
C GLU A 34 3.19 -15.09 -6.42
N ASN A 35 3.29 -13.87 -5.86
CA ASN A 35 2.55 -13.52 -4.64
C ASN A 35 1.06 -13.61 -4.90
N SER A 36 0.40 -14.55 -4.24
CA SER A 36 -1.04 -14.54 -4.14
C SER A 36 -1.51 -14.90 -2.72
N ASN A 37 -0.69 -14.63 -1.69
CA ASN A 37 -1.12 -14.55 -0.29
C ASN A 37 -0.04 -14.09 0.68
N ARG A 38 1.20 -13.83 0.23
CA ARG A 38 2.30 -13.46 1.11
C ARG A 38 2.09 -12.09 1.75
N TYR A 39 1.26 -11.26 1.14
CA TYR A 39 0.85 -9.97 1.65
C TYR A 39 -0.66 -9.86 1.47
N PRO A 40 -1.34 -9.01 2.24
CA PRO A 40 -2.71 -8.59 1.99
C PRO A 40 -2.78 -7.67 0.75
N ASN A 41 -3.96 -7.09 0.50
CA ASN A 41 -4.23 -6.20 -0.63
C ASN A 41 -4.85 -4.90 -0.12
N GLN A 42 -4.42 -4.46 1.06
CA GLN A 42 -5.08 -3.46 1.88
C GLN A 42 -4.03 -2.47 2.37
N VAL A 43 -4.41 -1.22 2.62
CA VAL A 43 -3.52 -0.08 2.73
C VAL A 43 -4.08 0.88 3.77
N TYR A 44 -3.38 1.12 4.87
CA TYR A 44 -3.79 2.06 5.91
C TYR A 44 -3.48 3.47 5.41
N TYR A 45 -4.09 4.48 6.01
CA TYR A 45 -3.85 5.87 5.69
C TYR A 45 -3.95 6.67 6.99
N LYS A 46 -2.98 7.54 7.20
CA LYS A 46 -3.05 8.60 8.19
C LYS A 46 -4.17 9.53 7.73
N GLU A 47 -5.17 9.78 8.56
CA GLU A 47 -6.17 10.77 8.20
C GLU A 47 -5.58 12.17 8.30
N TYR A 48 -6.08 13.13 7.51
CA TYR A 48 -5.66 14.52 7.52
C TYR A 48 -6.92 15.37 7.69
N ASN A 49 -7.04 16.12 8.78
CA ASN A 49 -8.22 16.90 9.15
C ASN A 49 -8.57 17.93 8.09
N ASP A 50 -7.56 18.45 7.39
CA ASP A 50 -7.71 19.71 6.69
C ASP A 50 -7.87 19.41 5.22
N ARG A 51 -9.03 18.81 4.98
CA ARG A 51 -9.66 18.41 3.74
C ARG A 51 -9.64 19.54 2.72
N SER A 52 -8.48 19.65 2.10
CA SER A 52 -8.16 20.55 1.02
C SER A 52 -6.92 20.03 0.28
N VAL A 53 -6.67 18.72 0.36
CA VAL A 53 -5.38 18.13 0.07
C VAL A 53 -5.34 17.65 -1.40
N PRO A 54 -4.15 17.58 -2.03
CA PRO A 54 -3.99 17.06 -3.39
C PRO A 54 -4.21 15.55 -3.48
N GLU A 55 -4.06 14.96 -4.67
CA GLU A 55 -4.10 13.50 -4.84
C GLU A 55 -2.73 12.83 -4.64
N GLY A 56 -1.65 13.60 -4.42
CA GLY A 56 -0.28 13.08 -4.36
C GLY A 56 0.25 12.98 -2.95
N ARG A 57 0.58 14.11 -2.30
CA ARG A 57 1.28 14.22 -1.02
C ARG A 57 0.73 13.30 0.07
N PHE A 58 -0.59 13.15 0.17
CA PHE A 58 -1.27 12.26 1.10
C PHE A 58 -0.91 10.82 0.75
N VAL A 59 -1.19 10.34 -0.47
CA VAL A 59 -0.79 8.99 -0.87
C VAL A 59 0.72 8.80 -0.69
N ARG A 60 1.56 9.81 -0.96
CA ARG A 60 3.02 9.66 -0.84
C ARG A 60 3.42 9.27 0.58
N ASP A 61 2.66 9.70 1.60
CA ASP A 61 2.86 9.24 2.97
C ASP A 61 2.18 7.90 3.20
N CYS A 62 0.94 7.72 2.73
CA CYS A 62 0.17 6.48 2.94
C CYS A 62 0.93 5.24 2.44
N VAL A 63 1.73 5.38 1.38
CA VAL A 63 2.48 4.25 0.86
C VAL A 63 3.54 3.88 1.88
N ASN A 64 4.30 4.86 2.36
CA ASN A 64 5.26 4.76 3.45
C ASN A 64 4.58 4.21 4.71
N ILE A 65 3.35 4.63 5.04
CA ILE A 65 2.53 4.11 6.13
C ILE A 65 2.32 2.60 5.95
N THR A 66 1.86 2.16 4.79
CA THR A 66 1.48 0.77 4.59
C THR A 66 2.72 -0.12 4.60
N VAL A 67 3.82 0.28 3.95
CA VAL A 67 5.05 -0.52 3.94
C VAL A 67 5.69 -0.59 5.33
N THR A 68 5.37 0.37 6.20
CA THR A 68 5.76 0.30 7.61
C THR A 68 4.94 -0.82 8.30
N GLU A 69 3.61 -0.82 8.20
CA GLU A 69 2.76 -1.84 8.85
C GLU A 69 2.93 -3.23 8.26
N TYR A 70 3.28 -3.32 6.97
CA TYR A 70 3.62 -4.59 6.32
C TYR A 70 5.00 -5.09 6.76
N LYS A 71 5.81 -4.23 7.41
CA LYS A 71 7.11 -4.55 7.96
C LYS A 71 8.02 -5.11 6.86
N ILE A 72 8.42 -4.24 5.92
CA ILE A 72 9.18 -4.56 4.70
C ILE A 72 10.57 -3.86 4.80
N ASP A 73 11.13 -3.48 3.66
CA ASP A 73 12.34 -2.67 3.39
C ASP A 73 13.67 -3.37 3.72
N PRO A 74 14.68 -3.38 2.82
CA PRO A 74 15.93 -4.07 3.09
C PRO A 74 16.78 -3.38 4.16
N ASN A 75 16.35 -2.24 4.71
CA ASN A 75 17.01 -1.53 5.78
C ASN A 75 16.18 -1.48 7.06
N GLU A 76 15.09 -2.25 7.13
CA GLU A 76 14.23 -2.36 8.29
C GLU A 76 13.96 -3.86 8.56
N ASN A 77 13.63 -4.65 7.54
CA ASN A 77 13.39 -6.09 7.66
C ASN A 77 14.68 -6.83 8.04
N GLN A 78 15.74 -6.62 7.24
CA GLN A 78 17.10 -7.16 7.32
C GLN A 78 17.73 -7.07 5.94
N ASN A 79 16.92 -7.36 4.92
CA ASN A 79 17.25 -7.59 3.54
C ASN A 79 15.92 -8.12 3.04
N VAL A 80 15.40 -7.47 2.00
CA VAL A 80 14.33 -7.94 1.18
C VAL A 80 14.76 -7.67 -0.25
N THR A 81 14.27 -8.47 -1.19
CA THR A 81 14.63 -8.26 -2.58
C THR A 81 13.98 -7.00 -3.13
N GLN A 82 14.66 -6.33 -4.07
CA GLN A 82 14.08 -5.20 -4.78
C GLN A 82 12.85 -5.57 -5.62
N VAL A 83 12.52 -6.84 -5.90
CA VAL A 83 11.18 -7.09 -6.45
C VAL A 83 10.14 -6.68 -5.40
N GLU A 84 10.29 -7.04 -4.12
CA GLU A 84 9.37 -6.60 -3.07
C GLU A 84 9.40 -5.09 -2.90
N VAL A 85 10.58 -4.44 -2.89
CA VAL A 85 10.66 -2.99 -2.66
C VAL A 85 9.92 -2.15 -3.70
N ARG A 86 9.73 -2.75 -4.87
CA ARG A 86 9.26 -2.13 -6.10
C ARG A 86 7.82 -2.52 -6.37
N VAL A 87 7.50 -3.82 -6.34
CA VAL A 87 6.13 -4.34 -6.32
C VAL A 87 5.36 -3.62 -5.22
N MET A 88 5.76 -3.77 -3.95
CA MET A 88 4.97 -3.27 -2.83
C MET A 88 4.78 -1.76 -2.89
N LYS A 89 5.61 -1.02 -3.62
CA LYS A 89 5.52 0.43 -3.65
C LYS A 89 4.52 0.84 -4.71
N GLN A 90 4.71 0.36 -5.95
CA GLN A 90 3.83 0.67 -7.07
C GLN A 90 2.41 0.26 -6.70
N VAL A 91 2.27 -1.00 -6.27
CA VAL A 91 1.00 -1.63 -5.96
C VAL A 91 0.32 -0.88 -4.82
N ILE A 92 1.02 -0.47 -3.76
CA ILE A 92 0.36 0.21 -2.65
C ILE A 92 0.00 1.62 -3.11
N GLN A 93 0.80 2.29 -3.94
CA GLN A 93 0.41 3.60 -4.45
C GLN A 93 -0.92 3.46 -5.20
N GLU A 94 -1.01 2.51 -6.12
CA GLU A 94 -2.20 2.35 -6.94
C GLU A 94 -3.38 1.77 -6.14
N MET A 95 -3.13 0.85 -5.20
CA MET A 95 -4.17 0.43 -4.27
C MET A 95 -4.61 1.61 -3.38
N CYS A 96 -3.71 2.53 -3.00
CA CYS A 96 -4.09 3.53 -2.03
C CYS A 96 -4.76 4.72 -2.69
N MET A 97 -4.42 5.05 -3.93
CA MET A 97 -5.10 6.10 -4.68
C MET A 97 -6.58 5.78 -4.82
N GLN A 98 -6.89 4.52 -5.13
CA GLN A 98 -8.27 4.06 -5.21
C GLN A 98 -9.01 4.24 -3.88
N GLN A 99 -8.30 4.19 -2.74
CA GLN A 99 -8.91 4.34 -1.43
C GLN A 99 -8.89 5.80 -0.93
N TYR A 100 -7.89 6.59 -1.33
CA TYR A 100 -7.83 8.03 -1.15
C TYR A 100 -9.06 8.70 -1.76
N GLN A 101 -9.67 8.11 -2.80
CA GLN A 101 -10.91 8.66 -3.34
C GLN A 101 -12.04 8.75 -2.29
N GLN A 102 -12.04 7.91 -1.25
CA GLN A 102 -12.97 7.97 -0.11
C GLN A 102 -12.77 9.25 0.69
N TYR A 103 -11.61 9.90 0.57
CA TYR A 103 -11.32 11.19 1.17
C TYR A 103 -12.23 12.23 0.53
N GLN A 104 -12.23 12.26 -0.80
CA GLN A 104 -12.95 13.24 -1.61
C GLN A 104 -14.45 12.95 -1.55
N LEU A 105 -14.85 11.67 -1.43
CA LEU A 105 -16.23 11.29 -1.14
C LEU A 105 -16.68 11.81 0.22
N ALA A 106 -15.83 11.60 1.24
CA ALA A 106 -16.13 11.96 2.63
C ALA A 106 -16.09 13.48 2.88
N SER A 107 -15.51 14.26 1.97
CA SER A 107 -15.48 15.73 1.94
C SER A 107 -16.75 16.31 2.53
#